data_8CMN
# 
_entry.id   8CMN 
# 
_audit_conform.dict_name       mmcif_pdbx.dic 
_audit_conform.dict_version    5.402 
_audit_conform.dict_location   http://mmcif.pdb.org/dictionaries/ascii/mmcif_pdbx.dic 
# 
loop_
_database_2.database_id 
_database_2.database_code 
_database_2.pdbx_database_accession 
_database_2.pdbx_DOI 
PDB   8CMN         pdb_00008cmn 10.2210/pdb8cmn/pdb 
WWPDB D_1292128726 ?            ?                   
# 
loop_
_pdbx_audit_revision_history.ordinal 
_pdbx_audit_revision_history.data_content_type 
_pdbx_audit_revision_history.major_revision 
_pdbx_audit_revision_history.minor_revision 
_pdbx_audit_revision_history.revision_date 
_pdbx_audit_revision_history.part_number 
1 'Structure model' 1 0 2023-07-19 ? 
2 'Structure model' 1 1 2023-08-16 ? 
3 'Structure model' 1 2 2023-09-27 ? 
4 'Structure model' 2 0 2023-11-15 ? 
5 'Structure model' 2 1 2025-01-29 ? 
6 'Structure model' 2 2 2025-02-26 ? 
# 
_pdbx_audit_revision_details.ordinal             1 
_pdbx_audit_revision_details.revision_ordinal    1 
_pdbx_audit_revision_details.data_content_type   'Structure model' 
_pdbx_audit_revision_details.provider            repository 
_pdbx_audit_revision_details.type                'Initial release' 
_pdbx_audit_revision_details.description         ? 
_pdbx_audit_revision_details.details             ? 
# 
loop_
_pdbx_audit_revision_group.ordinal 
_pdbx_audit_revision_group.revision_ordinal 
_pdbx_audit_revision_group.data_content_type 
_pdbx_audit_revision_group.group 
1 2 'Structure model' 'Data collection'      
2 3 'Structure model' Other                  
3 4 'Structure model' Advisory               
4 4 'Structure model' 'Atomic model'         
5 4 'Structure model' 'Data collection'      
6 4 'Structure model' 'Derived calculations' 
7 5 'Structure model' 'Database references'  
8 5 'Structure model' 'Structure summary'    
9 6 'Structure model' 'Database references'  
# 
loop_
_pdbx_audit_revision_category.ordinal 
_pdbx_audit_revision_category.revision_ordinal 
_pdbx_audit_revision_category.data_content_type 
_pdbx_audit_revision_category.category 
1  2 'Structure model' chem_comp                   
2  2 'Structure model' chem_comp_atom              
3  2 'Structure model' chem_comp_bond              
4  3 'Structure model' pdbx_database_status        
5  4 'Structure model' atom_site                   
6  4 'Structure model' chem_comp_atom              
7  4 'Structure model' chem_comp_bond              
8  4 'Structure model' pdbx_validate_peptide_omega 
9  4 'Structure model' pdbx_validate_rmsd_angle    
10 4 'Structure model' pdbx_validate_symm_contact  
11 4 'Structure model' struct_conn                 
12 5 'Structure model' citation                    
13 5 'Structure model' citation_author             
14 5 'Structure model' pdbx_entry_details          
15 5 'Structure model' pdbx_modification_feature   
16 6 'Structure model' citation                    
# 
loop_
_pdbx_audit_revision_item.ordinal 
_pdbx_audit_revision_item.revision_ordinal 
_pdbx_audit_revision_item.data_content_type 
_pdbx_audit_revision_item.item 
1  2 'Structure model' '_chem_comp.type'                                    
2  3 'Structure model' '_pdbx_database_status.process_site'                 
3  3 'Structure model' '_pdbx_database_status.status_code_sf'               
4  4 'Structure model' '_atom_site.auth_atom_id'                            
5  4 'Structure model' '_atom_site.label_atom_id'                           
6  4 'Structure model' '_chem_comp_atom.atom_id'                            
7  4 'Structure model' '_chem_comp_bond.atom_id_1'                          
8  4 'Structure model' '_chem_comp_bond.atom_id_2'                          
9  4 'Structure model' '_pdbx_validate_rmsd_angle.angle_deviation'          
10 4 'Structure model' '_pdbx_validate_rmsd_angle.angle_standard_deviation' 
11 4 'Structure model' '_pdbx_validate_rmsd_angle.angle_target_value'       
12 4 'Structure model' '_pdbx_validate_rmsd_angle.angle_value'              
13 4 'Structure model' '_pdbx_validate_rmsd_angle.auth_atom_id_1'           
14 4 'Structure model' '_pdbx_validate_rmsd_angle.auth_atom_id_2'           
15 4 'Structure model' '_pdbx_validate_rmsd_angle.auth_atom_id_3'           
16 4 'Structure model' '_pdbx_validate_rmsd_angle.auth_comp_id_2'           
17 4 'Structure model' '_pdbx_validate_rmsd_angle.auth_seq_id_2'            
18 4 'Structure model' '_pdbx_validate_symm_contact.auth_atom_id_1'         
19 4 'Structure model' '_pdbx_validate_symm_contact.auth_atom_id_2'         
20 4 'Structure model' '_struct_conn.ptnr1_label_atom_id'                   
21 5 'Structure model' '_citation.country'                                  
22 5 'Structure model' '_citation.journal_abbrev'                           
23 5 'Structure model' '_citation.journal_id_ASTM'                          
24 5 'Structure model' '_citation.journal_id_CSD'                           
25 5 'Structure model' '_citation.journal_id_ISSN'                          
26 5 'Structure model' '_citation.page_first'                               
27 5 'Structure model' '_citation.page_last'                                
28 5 'Structure model' '_citation.pdbx_database_id_DOI'                     
29 5 'Structure model' '_citation.pdbx_database_id_PubMed'                  
30 5 'Structure model' '_citation.title'                                    
31 5 'Structure model' '_citation.year'                                     
32 5 'Structure model' '_pdbx_entry_details.has_protein_modification'       
33 6 'Structure model' '_citation.journal_volume'                           
34 6 'Structure model' '_citation.year'                                     
# 
_pdbx_database_status.status_code                     REL 
_pdbx_database_status.status_code_sf                  ? 
_pdbx_database_status.status_code_mr                  ? 
_pdbx_database_status.entry_id                        8CMN 
_pdbx_database_status.recvd_initial_deposition_date   2023-02-20 
_pdbx_database_status.SG_entry                        N 
_pdbx_database_status.deposit_site                    PDBE 
_pdbx_database_status.process_site                    PDBE 
_pdbx_database_status.status_code_cs                  ? 
_pdbx_database_status.status_code_nmr_data            ? 
_pdbx_database_status.methods_development_category    ? 
_pdbx_database_status.pdb_format_compatible           N 
# 
_pdbx_contact_author.id                 2 
_pdbx_contact_author.email              ivan.huc@cup.lmu.de 
_pdbx_contact_author.name_first         Ivan 
_pdbx_contact_author.name_last          Huc 
_pdbx_contact_author.name_mi            ? 
_pdbx_contact_author.role               'principal investigator/group leader' 
_pdbx_contact_author.identifier_ORCID   0000-0001-7036-9696 
# 
loop_
_audit_author.name 
_audit_author.pdbx_ordinal 
_audit_author.identifier_ORCID 
'Deepak, D.'    1 0000-0002-0412-2502 
'Corvaglia, V.' 2 0000-0002-6180-5975 
'Wu, J.'        3 ?                   
'Huc, I.'       4 0000-0001-7036-9696 
# 
_citation.abstract                  ? 
_citation.abstract_id_CAS           ? 
_citation.book_id_ISBN              ? 
_citation.book_publisher            ? 
_citation.book_publisher_city       ? 
_citation.book_title                ? 
_citation.coordinate_linkage        ? 
_citation.country                   GE 
_citation.database_id_Medline       ? 
_citation.details                   ? 
_citation.id                        primary 
_citation.journal_abbrev            Angew.Chem.Int.Ed.Engl. 
_citation.journal_id_ASTM           ACIEAY 
_citation.journal_id_CSD            0179 
_citation.journal_id_ISSN           1521-3773 
_citation.journal_full              ? 
_citation.journal_issue             ? 
_citation.journal_volume            64 
_citation.language                  ? 
_citation.page_first                e202422958 
_citation.page_last                 e202422958 
_citation.title                     'DNA Mimic Foldamer Recognition of a Chromosomal Protein.' 
_citation.year                      2025 
_citation.database_id_CSD           ? 
_citation.pdbx_database_id_DOI      10.1002/anie.202422958 
_citation.pdbx_database_id_PubMed   39714421 
_citation.pdbx_database_id_patent   ? 
_citation.unpublished_flag          ? 
# 
loop_
_citation_author.citation_id 
_citation_author.name 
_citation_author.ordinal 
_citation_author.identifier_ORCID 
primary 'Deepak, D.'       1 0000-0002-0412-2502 
primary 'Wu, J.'           2 0009-0003-7609-0938 
primary 'Corvaglia, V.'    3 0000-0002-6180-5975 
primary 'Allmendinger, L.' 4 0000-0002-9476-6175 
primary 'Scheckenbach, M.' 5 0000-0002-7912-6292 
primary 'Tinnefeld, P.'    6 0000-0003-4290-7770 
primary 'Huc, I.'          7 0000-0001-7036-9696 
# 
loop_
_entity.id 
_entity.type 
_entity.src_method 
_entity.pdbx_description 
_entity.formula_weight 
_entity.pdbx_number_of_molecules 
_entity.pdbx_ec 
_entity.pdbx_mutation 
_entity.pdbx_fragment 
_entity.details 
1 polymer man 'DNA-binding protein 7d'                                                                                    7626.914 
1 ? ? ? ? 
2 polymer syn 'N-[2-(2-methyl-1,3-dioxolan-2-yl)phenyl]-2-{[5-(trifluoromethyl)pyridin-2-yl]amino}pyridine-4-carboxamide' 2536.719 
2 ? ? ? ? 
3 water   nat water                                                                                                       18.015   
7 ? ? ? ? 
# 
_entity_name_com.entity_id   1 
_entity_name_com.name        '7 kDa DNA-binding protein d,Sac7d' 
# 
loop_
_entity_poly.entity_id 
_entity_poly.type 
_entity_poly.nstd_linkage 
_entity_poly.nstd_monomer 
_entity_poly.pdbx_seq_one_letter_code 
_entity_poly.pdbx_seq_one_letter_code_can 
_entity_poly.pdbx_strand_id 
_entity_poly.pdbx_target_identifier 
1 'polypeptide(L)' no no  MVKVKFKYKGEEKEVDTSKIKKVWRVGKMVSFTYDDNGKTGRGAVSEKDAPKELLDMLARAEREKK 
MVKVKFKYKGEEKEVDTSKIKKVWRVGKMVSFTYDDNGKTGRGAVSEKDAPKELLDMLARAEREKK AA  ? 
2 'polypeptide(L)' no yes '(GOA)(V4F)(V53)(V4F)(V53)(V5F)(V4F)(V53)(V4F)(V53)'               XXXXXXXXXX B,C ? 
# 
_pdbx_entity_nonpoly.entity_id   3 
_pdbx_entity_nonpoly.name        water 
_pdbx_entity_nonpoly.comp_id     HOH 
# 
loop_
_entity_poly_seq.entity_id 
_entity_poly_seq.num 
_entity_poly_seq.mon_id 
_entity_poly_seq.hetero 
1 1  MET n 
1 2  VAL n 
1 3  LYS n 
1 4  VAL n 
1 5  LYS n 
1 6  PHE n 
1 7  LYS n 
1 8  TYR n 
1 9  LYS n 
1 10 GLY n 
1 11 GLU n 
1 12 GLU n 
1 13 LYS n 
1 14 GLU n 
1 15 VAL n 
1 16 ASP n 
1 17 THR n 
1 18 SER n 
1 19 LYS n 
1 20 ILE n 
1 21 LYS n 
1 22 LYS n 
1 23 VAL n 
1 24 TRP n 
1 25 ARG n 
1 26 VAL n 
1 27 GLY n 
1 28 LYS n 
1 29 MET n 
1 30 VAL n 
1 31 SER n 
1 32 PHE n 
1 33 THR n 
1 34 TYR n 
1 35 ASP n 
1 36 ASP n 
1 37 ASN n 
1 38 GLY n 
1 39 LYS n 
1 40 THR n 
1 41 GLY n 
1 42 ARG n 
1 43 GLY n 
1 44 ALA n 
1 45 VAL n 
1 46 SER n 
1 47 GLU n 
1 48 LYS n 
1 49 ASP n 
1 50 ALA n 
1 51 PRO n 
1 52 LYS n 
1 53 GLU n 
1 54 LEU n 
1 55 LEU n 
1 56 ASP n 
1 57 MET n 
1 58 LEU n 
1 59 ALA n 
1 60 ARG n 
1 61 ALA n 
1 62 GLU n 
1 63 ARG n 
1 64 GLU n 
1 65 LYS n 
1 66 LYS n 
2 1  GOA n 
2 2  V4F n 
2 3  V53 n 
2 4  V4F n 
2 5  V53 n 
2 6  V5F n 
2 7  V4F n 
2 8  V53 n 
2 9  V4F n 
2 10 V53 n 
# 
_entity_src_gen.entity_id                          1 
_entity_src_gen.pdbx_src_id                        1 
_entity_src_gen.pdbx_alt_source_flag               sample 
_entity_src_gen.pdbx_seq_type                      'Biological sequence' 
_entity_src_gen.pdbx_beg_seq_num                   1 
_entity_src_gen.pdbx_end_seq_num                   66 
_entity_src_gen.gene_src_common_name               ? 
_entity_src_gen.gene_src_genus                     ? 
_entity_src_gen.pdbx_gene_src_gene                 Saci_0064 
_entity_src_gen.gene_src_species                   ? 
_entity_src_gen.gene_src_strain                    ? 
_entity_src_gen.gene_src_tissue                    ? 
_entity_src_gen.gene_src_tissue_fraction           ? 
_entity_src_gen.gene_src_details                   ? 
_entity_src_gen.pdbx_gene_src_fragment             ? 
_entity_src_gen.pdbx_gene_src_scientific_name      'Sulfolobus acidocaldarius DSM 639' 
_entity_src_gen.pdbx_gene_src_ncbi_taxonomy_id     330779 
_entity_src_gen.pdbx_gene_src_variant              ? 
_entity_src_gen.pdbx_gene_src_cell_line            ? 
_entity_src_gen.pdbx_gene_src_atcc                 ? 
_entity_src_gen.pdbx_gene_src_organ                ? 
_entity_src_gen.pdbx_gene_src_organelle            ? 
_entity_src_gen.pdbx_gene_src_cell                 ? 
_entity_src_gen.pdbx_gene_src_cellular_location    ? 
_entity_src_gen.host_org_common_name               ? 
_entity_src_gen.pdbx_host_org_scientific_name      'Escherichia coli BL21(DE3)' 
_entity_src_gen.pdbx_host_org_ncbi_taxonomy_id     469008 
_entity_src_gen.host_org_genus                     ? 
_entity_src_gen.pdbx_host_org_gene                 ? 
_entity_src_gen.pdbx_host_org_organ                ? 
_entity_src_gen.host_org_species                   ? 
_entity_src_gen.pdbx_host_org_tissue               ? 
_entity_src_gen.pdbx_host_org_tissue_fraction      ? 
_entity_src_gen.pdbx_host_org_strain               ? 
_entity_src_gen.pdbx_host_org_variant              'plys S' 
_entity_src_gen.pdbx_host_org_cell_line            ? 
_entity_src_gen.pdbx_host_org_atcc                 ? 
_entity_src_gen.pdbx_host_org_culture_collection   ? 
_entity_src_gen.pdbx_host_org_cell                 ? 
_entity_src_gen.pdbx_host_org_organelle            ? 
_entity_src_gen.pdbx_host_org_cellular_location    ? 
_entity_src_gen.pdbx_host_org_vector_type          ? 
_entity_src_gen.pdbx_host_org_vector               ? 
_entity_src_gen.host_org_details                   ? 
_entity_src_gen.expression_system_id               ? 
_entity_src_gen.plasmid_name                       ? 
_entity_src_gen.plasmid_details                    ? 
_entity_src_gen.pdbx_description                   ? 
# 
_pdbx_entity_src_syn.entity_id              2 
_pdbx_entity_src_syn.pdbx_src_id            1 
_pdbx_entity_src_syn.pdbx_alt_source_flag   sample 
_pdbx_entity_src_syn.pdbx_beg_seq_num       1 
_pdbx_entity_src_syn.pdbx_end_seq_num       10 
_pdbx_entity_src_syn.organism_scientific    'synthetic construct' 
_pdbx_entity_src_syn.organism_common_name   ? 
_pdbx_entity_src_syn.ncbi_taxonomy_id       32630 
_pdbx_entity_src_syn.details                ? 
# 
loop_
_chem_comp.id 
_chem_comp.type 
_chem_comp.mon_nstd_flag 
_chem_comp.name 
_chem_comp.pdbx_synonyms 
_chem_comp.formula 
_chem_comp.formula_weight 
ALA 'L-peptide linking' y ALANINE                                                           ? 'C3 H7 N O2'      89.093  
ARG 'L-peptide linking' y ARGININE                                                          ? 'C6 H15 N4 O2 1'  175.209 
ASN 'L-peptide linking' y ASPARAGINE                                                        ? 'C4 H8 N2 O3'     132.118 
ASP 'L-peptide linking' y 'ASPARTIC ACID'                                                   ? 'C4 H7 N O4'      133.103 
GLU 'L-peptide linking' y 'GLUTAMIC ACID'                                                   ? 'C5 H9 N O4'      147.129 
GLY 'peptide linking'   y GLYCINE                                                           ? 'C2 H5 N O2'      75.067  
GOA non-polymer         . 'GLYCOLIC ACID'                                                   
'HYDROXYACETIC ACID; HYDROXYETHANOIC ACID' 'C2 H4 O3'        76.051  
HOH non-polymer         . WATER                                                             ? 'H2 O'            18.015  
ILE 'L-peptide linking' y ISOLEUCINE                                                        ? 'C6 H13 N O2'     131.173 
LEU 'L-peptide linking' y LEUCINE                                                           ? 'C6 H13 N O2'     131.173 
LYS 'L-peptide linking' y LYSINE                                                            ? 'C6 H15 N2 O2 1'  147.195 
MET 'L-peptide linking' y METHIONINE                                                        ? 'C5 H11 N O2 S'   149.211 
PHE 'L-peptide linking' y PHENYLALANINE                                                     ? 'C9 H11 N O2'     165.189 
PRO 'L-peptide linking' y PROLINE                                                           ? 'C5 H9 N O2'      115.130 
SER 'L-peptide linking' y SERINE                                                            ? 'C3 H7 N O3'      105.093 
THR 'L-peptide linking' y THREONINE                                                         ? 'C4 H9 N O3'      119.119 
TRP 'L-peptide linking' y TRYPTOPHAN                                                        ? 'C11 H12 N2 O2'   204.225 
TYR 'L-peptide linking' y TYROSINE                                                          ? 'C9 H11 N O3'     181.189 
V4F 'peptide linking'   n '8-(aminomethyl)-4-(phosphonomethoxy)quinoline-2-carboxylic acid' ? 'C12 H13 N2 O6 P' 312.215 
V53 'peptide linking'   n '8-azanyl-4-(phosphonomethoxy)quinoline-2-carboxylic acid'        ? 'C11 H11 N2 O6 P' 298.189 
V5F 'peptide linking'   . '(2R)-2-(2-azanylphenoxy)propanoic acid'                          ? 'C9 H11 N O3'     181.189 
VAL 'L-peptide linking' y VALINE                                                            ? 'C5 H11 N O2'     117.146 
# 
loop_
_pdbx_poly_seq_scheme.asym_id 
_pdbx_poly_seq_scheme.entity_id 
_pdbx_poly_seq_scheme.seq_id 
_pdbx_poly_seq_scheme.mon_id 
_pdbx_poly_seq_scheme.ndb_seq_num 
_pdbx_poly_seq_scheme.pdb_seq_num 
_pdbx_poly_seq_scheme.auth_seq_num 
_pdbx_poly_seq_scheme.pdb_mon_id 
_pdbx_poly_seq_scheme.auth_mon_id 
_pdbx_poly_seq_scheme.pdb_strand_id 
_pdbx_poly_seq_scheme.pdb_ins_code 
_pdbx_poly_seq_scheme.hetero 
A 1 1  MET 1  1  1  MET MET AA . n 
A 1 2  VAL 2  2  2  VAL VAL AA . n 
A 1 3  LYS 3  3  3  LYS LYS AA . n 
A 1 4  VAL 4  4  4  VAL VAL AA . n 
A 1 5  LYS 5  5  5  LYS LYS AA . n 
A 1 6  PHE 6  6  6  PHE PHE AA . n 
A 1 7  LYS 7  7  7  LYS LYS AA . n 
A 1 8  TYR 8  8  8  TYR TYR AA . n 
A 1 9  LYS 9  9  9  LYS LYS AA . n 
A 1 10 GLY 10 10 10 GLY GLY AA . n 
A 1 11 GLU 11 11 11 GLU GLU AA . n 
A 1 12 GLU 12 12 12 GLU GLU AA . n 
A 1 13 LYS 13 13 13 LYS LYS AA . n 
A 1 14 GLU 14 14 14 GLU GLU AA . n 
A 1 15 VAL 15 15 15 VAL VAL AA . n 
A 1 16 ASP 16 16 16 ASP ASP AA . n 
A 1 17 THR 17 17 17 THR THR AA . n 
A 1 18 SER 18 18 18 SER SER AA . n 
A 1 19 LYS 19 19 19 LYS LYS AA . n 
A 1 20 ILE 20 20 20 ILE ILE AA . n 
A 1 21 LYS 21 21 21 LYS LYS AA . n 
A 1 22 LYS 22 22 22 LYS LYS AA . n 
A 1 23 VAL 23 23 23 VAL VAL AA . n 
A 1 24 TRP 24 24 24 TRP TRP AA . n 
A 1 25 ARG 25 25 25 ARG ARG AA . n 
A 1 26 VAL 26 26 26 VAL VAL AA . n 
A 1 27 GLY 27 27 27 GLY GLY AA . n 
A 1 28 LYS 28 28 28 LYS LYS AA . n 
A 1 29 MET 29 29 29 MET MET AA . n 
A 1 30 VAL 30 30 30 VAL VAL AA . n 
A 1 31 SER 31 31 31 SER SER AA . n 
A 1 32 PHE 32 32 32 PHE PHE AA . n 
A 1 33 THR 33 33 33 THR THR AA . n 
A 1 34 TYR 34 34 34 TYR TYR AA . n 
A 1 35 ASP 35 35 35 ASP ASP AA . n 
A 1 36 ASP 36 36 36 ASP ASP AA . n 
A 1 37 ASN 37 37 37 ASN ASN AA . n 
A 1 38 GLY 38 38 38 GLY GLY AA . n 
A 1 39 LYS 39 39 39 LYS LYS AA . n 
A 1 40 THR 40 40 40 THR THR AA . n 
A 1 41 GLY 41 41 41 GLY GLY AA . n 
A 1 42 ARG 42 42 42 ARG ARG AA . n 
A 1 43 GLY 43 43 43 GLY GLY AA . n 
A 1 44 ALA 44 44 44 ALA ALA AA . n 
A 1 45 VAL 45 45 45 VAL VAL AA . n 
A 1 46 SER 46 46 46 SER SER AA . n 
A 1 47 GLU 47 47 47 GLU GLU AA . n 
A 1 48 LYS 48 48 48 LYS LYS AA . n 
A 1 49 ASP 49 49 49 ASP ASP AA . n 
A 1 50 ALA 50 50 50 ALA ALA AA . n 
A 1 51 PRO 51 51 51 PRO PRO AA . n 
A 1 52 LYS 52 52 52 LYS LYS AA . n 
A 1 53 GLU 53 53 53 GLU GLU AA . n 
A 1 54 LEU 54 54 54 LEU LEU AA . n 
A 1 55 LEU 55 55 55 LEU LEU AA . n 
A 1 56 ASP 56 56 56 ASP ASP AA . n 
A 1 57 MET 57 57 57 MET MET AA . n 
A 1 58 LEU 58 58 58 LEU LEU AA . n 
A 1 59 ALA 59 59 59 ALA ALA AA . n 
A 1 60 ARG 60 60 60 ARG ARG AA . n 
A 1 61 ALA 61 61 61 ALA ALA AA . n 
A 1 62 GLU 62 62 62 GLU GLU AA . n 
A 1 63 ARG 63 63 63 ARG ARG AA . n 
A 1 64 GLU 64 64 ?  ?   ?   AA . n 
A 1 65 LYS 65 65 ?  ?   ?   AA . n 
A 1 66 LYS 66 66 ?  ?   ?   AA . n 
B 2 1  GOA 1  1  1  GOA XUW B  . n 
B 2 2  V4F 2  2  1  V4F XUW B  . n 
B 2 3  V53 3  3  1  V53 XUW B  . n 
B 2 4  V4F 4  4  1  V4F XUW B  . n 
B 2 5  V53 5  5  1  V53 XUW B  . n 
B 2 6  V5F 6  6  1  V5F XUW B  . n 
B 2 7  V4F 7  7  1  V4F XUW B  . n 
B 2 8  V53 8  8  1  V53 XUW B  . n 
B 2 9  V4F 9  9  1  V4F XUW B  . n 
B 2 10 V53 10 10 1  V53 XUW B  . n 
C 2 1  GOA 1  1  1  GOA XUW C  . n 
C 2 2  V4F 2  2  1  V4F XUW C  . n 
C 2 3  V53 3  3  1  V53 XUW C  . n 
C 2 4  V4F 4  4  1  V4F XUW C  . n 
C 2 5  V53 5  5  1  V53 XUW C  . n 
C 2 6  V5F 6  6  1  V5F XUW C  . n 
C 2 7  V4F 7  7  1  V4F XUW C  . n 
C 2 8  V53 8  8  1  V53 XUW C  . n 
C 2 9  V4F 9  9  1  V4F XUW C  . n 
C 2 10 V53 10 10 1  V53 XUW C  . n 
# 
loop_
_pdbx_entity_instance_feature.ordinal 
_pdbx_entity_instance_feature.comp_id 
_pdbx_entity_instance_feature.asym_id 
_pdbx_entity_instance_feature.seq_num 
_pdbx_entity_instance_feature.auth_comp_id 
_pdbx_entity_instance_feature.auth_asym_id 
_pdbx_entity_instance_feature.auth_seq_num 
_pdbx_entity_instance_feature.feature_type 
_pdbx_entity_instance_feature.details 
1 V4F ? ? V4F ? ? 'SUBJECT OF INVESTIGATION' ? 
2 V53 ? ? V53 ? ? 'SUBJECT OF INVESTIGATION' ? 
3 V5F ? ? V5F ? ? 'SUBJECT OF INVESTIGATION' ? 
4 V4F ? ? V4F ? ? 'SUBJECT OF INVESTIGATION' ? 
5 V53 ? ? V53 ? ? 'SUBJECT OF INVESTIGATION' ? 
6 V4F ? ? V4F ? ? 'SUBJECT OF INVESTIGATION' ? 
7 V53 ? ? V53 ? ? 'SUBJECT OF INVESTIGATION' ? 
8 V4F ? ? V4F ? ? 'SUBJECT OF INVESTIGATION' ? 
9 GOA ? ? GOA ? ? 'SUBJECT OF INVESTIGATION' ? 
# 
loop_
_pdbx_nonpoly_scheme.asym_id 
_pdbx_nonpoly_scheme.entity_id 
_pdbx_nonpoly_scheme.mon_id 
_pdbx_nonpoly_scheme.ndb_seq_num 
_pdbx_nonpoly_scheme.pdb_seq_num 
_pdbx_nonpoly_scheme.auth_seq_num 
_pdbx_nonpoly_scheme.pdb_mon_id 
_pdbx_nonpoly_scheme.auth_mon_id 
_pdbx_nonpoly_scheme.pdb_strand_id 
_pdbx_nonpoly_scheme.pdb_ins_code 
D 3 HOH 1 101 2  HOH HOH AA . 
D 3 HOH 2 102 3  HOH HOH AA . 
D 3 HOH 3 103 1  HOH HOH AA . 
D 3 HOH 4 104 8  HOH HOH AA . 
E 3 HOH 1 101 7  HOH HOH C  . 
E 3 HOH 2 102 9  HOH HOH C  . 
E 3 HOH 3 103 10 HOH HOH C  . 
# 
loop_
_pdbx_unobs_or_zero_occ_atoms.id 
_pdbx_unobs_or_zero_occ_atoms.PDB_model_num 
_pdbx_unobs_or_zero_occ_atoms.polymer_flag 
_pdbx_unobs_or_zero_occ_atoms.occupancy_flag 
_pdbx_unobs_or_zero_occ_atoms.auth_asym_id 
_pdbx_unobs_or_zero_occ_atoms.auth_comp_id 
_pdbx_unobs_or_zero_occ_atoms.auth_seq_id 
_pdbx_unobs_or_zero_occ_atoms.PDB_ins_code 
_pdbx_unobs_or_zero_occ_atoms.auth_atom_id 
_pdbx_unobs_or_zero_occ_atoms.label_alt_id 
_pdbx_unobs_or_zero_occ_atoms.label_asym_id 
_pdbx_unobs_or_zero_occ_atoms.label_comp_id 
_pdbx_unobs_or_zero_occ_atoms.label_seq_id 
_pdbx_unobs_or_zero_occ_atoms.label_atom_id 
1  1 Y 1 AA LYS 9  ? CG  ? A LYS 9  CG  
2  1 Y 1 AA LYS 9  ? CD  ? A LYS 9  CD  
3  1 Y 1 AA LYS 9  ? CE  ? A LYS 9  CE  
4  1 Y 1 AA LYS 9  ? NZ  ? A LYS 9  NZ  
5  1 Y 1 AA LYS 39 ? CG  ? A LYS 39 CG  
6  1 Y 1 AA LYS 39 ? CD  ? A LYS 39 CD  
7  1 Y 1 AA LYS 39 ? CE  ? A LYS 39 CE  
8  1 Y 1 AA LYS 39 ? NZ  ? A LYS 39 NZ  
9  1 Y 1 AA THR 40 ? OG1 ? A THR 40 OG1 
10 1 Y 1 AA THR 40 ? CG2 ? A THR 40 CG2 
# 
loop_
_software.citation_id 
_software.classification 
_software.compiler_name 
_software.compiler_version 
_software.contact_author 
_software.contact_author_email 
_software.date 
_software.description 
_software.dependencies 
_software.hardware 
_software.language 
_software.location 
_software.mods 
_software.name 
_software.os 
_software.os_version 
_software.type 
_software.version 
_software.pdbx_ordinal 
? refinement       ? ? ? ? ? ? ? ? ? ? ? PHENIX ? ? ? 1.20.1_4487 1 
? phasing          ? ? ? ? ? ? ? ? ? ? ? PHASER ? ? ? 1.20.1_4487 2 
? 'data reduction' ? ? ? ? ? ? ? ? ? ? ? XDS    ? ? ? .           3 
? 'data scaling'   ? ? ? ? ? ? ? ? ? ? ? XDS    ? ? ? .           4 
? phasing          ? ? ? ? ? ? ? ? ? ? ? PHASER ? ? ? .           5 
# 
_cell.angle_alpha                  90.000 
_cell.angle_alpha_esd              ? 
_cell.angle_beta                   90.000 
_cell.angle_beta_esd               ? 
_cell.angle_gamma                  120.000 
_cell.angle_gamma_esd              ? 
_cell.entry_id                     8CMN 
_cell.details                      ? 
_cell.formula_units_Z              ? 
_cell.length_a                     71.410 
_cell.length_a_esd                 ? 
_cell.length_b                     71.410 
_cell.length_b_esd                 ? 
_cell.length_c                     116.170 
_cell.length_c_esd                 ? 
_cell.volume                       513029.912 
_cell.volume_esd                   ? 
_cell.Z_PDB                        24 
_cell.reciprocal_angle_alpha       ? 
_cell.reciprocal_angle_beta        ? 
_cell.reciprocal_angle_gamma       ? 
_cell.reciprocal_angle_alpha_esd   ? 
_cell.reciprocal_angle_beta_esd    ? 
_cell.reciprocal_angle_gamma_esd   ? 
_cell.reciprocal_length_a          ? 
_cell.reciprocal_length_b          ? 
_cell.reciprocal_length_c          ? 
_cell.reciprocal_length_a_esd      ? 
_cell.reciprocal_length_b_esd      ? 
_cell.reciprocal_length_c_esd      ? 
_cell.pdbx_unique_axis             ? 
_cell.pdbx_esd_method              ? 
# 
_symmetry.entry_id                         8CMN 
_symmetry.cell_setting                     ? 
_symmetry.Int_Tables_number                181 
_symmetry.space_group_name_Hall            'P 64 2 (x,y,z+1/6)' 
_symmetry.space_group_name_H-M             'P 64 2 2' 
_symmetry.pdbx_full_space_group_name_H-M   ? 
# 
_exptl.absorpt_coefficient_mu     ? 
_exptl.absorpt_correction_T_max   ? 
_exptl.absorpt_correction_T_min   ? 
_exptl.absorpt_correction_type    ? 
_exptl.absorpt_process_details    ? 
_exptl.entry_id                   8CMN 
_exptl.crystals_number            1 
_exptl.details                    ? 
_exptl.method                     'X-RAY DIFFRACTION' 
_exptl.method_details             ? 
# 
_exptl_crystal.colour                       ? 
_exptl_crystal.density_diffrn               ? 
_exptl_crystal.density_Matthews             2.88 
_exptl_crystal.density_method               ? 
_exptl_crystal.density_percent_sol          79.17 
_exptl_crystal.description                  ? 
_exptl_crystal.F_000                        ? 
_exptl_crystal.id                           1 
_exptl_crystal.preparation                  ? 
_exptl_crystal.size_max                     ? 
_exptl_crystal.size_mid                     ? 
_exptl_crystal.size_min                     ? 
_exptl_crystal.size_rad                     ? 
_exptl_crystal.colour_lustre                ? 
_exptl_crystal.colour_modifier              ? 
_exptl_crystal.colour_primary               ? 
_exptl_crystal.density_meas                 ? 
_exptl_crystal.density_meas_esd             ? 
_exptl_crystal.density_meas_gt              ? 
_exptl_crystal.density_meas_lt              ? 
_exptl_crystal.density_meas_temp            ? 
_exptl_crystal.density_meas_temp_esd        ? 
_exptl_crystal.density_meas_temp_gt         ? 
_exptl_crystal.density_meas_temp_lt         ? 
_exptl_crystal.pdbx_crystal_image_url       ? 
_exptl_crystal.pdbx_crystal_image_format    ? 
_exptl_crystal.pdbx_mosaicity               ? 
_exptl_crystal.pdbx_mosaicity_esd           ? 
_exptl_crystal.pdbx_mosaic_method           ? 
_exptl_crystal.pdbx_mosaic_block_size       ? 
_exptl_crystal.pdbx_mosaic_block_size_esd   ? 
# 
_exptl_crystal_grow.apparatus       ? 
_exptl_crystal_grow.atmosphere      ? 
_exptl_crystal_grow.crystal_id      1 
_exptl_crystal_grow.details         ? 
_exptl_crystal_grow.method          'VAPOR DIFFUSION, HANGING DROP' 
_exptl_crystal_grow.method_ref      ? 
_exptl_crystal_grow.pH              6.0 
_exptl_crystal_grow.pressure        ? 
_exptl_crystal_grow.pressure_esd    ? 
_exptl_crystal_grow.seeding         ? 
_exptl_crystal_grow.seeding_ref     ? 
_exptl_crystal_grow.temp_details    ? 
_exptl_crystal_grow.temp_esd        ? 
_exptl_crystal_grow.time            ? 
_exptl_crystal_grow.pdbx_details    '10% PEG 400, 0.1 M MES pH 6.0' 
_exptl_crystal_grow.pdbx_pH_range   ? 
_exptl_crystal_grow.temp            293.15 
# 
_diffrn.ambient_environment              ? 
_diffrn.ambient_temp                     77.36 
_diffrn.ambient_temp_details             ? 
_diffrn.ambient_temp_esd                 ? 
_diffrn.crystal_id                       1 
_diffrn.crystal_support                  ? 
_diffrn.crystal_treatment                ? 
_diffrn.details                          ? 
_diffrn.id                               1 
_diffrn.ambient_pressure                 ? 
_diffrn.ambient_pressure_esd             ? 
_diffrn.ambient_pressure_gt              ? 
_diffrn.ambient_pressure_lt              ? 
_diffrn.ambient_temp_gt                  ? 
_diffrn.ambient_temp_lt                  ? 
_diffrn.pdbx_serial_crystal_experiment   N 
# 
_diffrn_detector.details                      ? 
_diffrn_detector.detector                     PIXEL 
_diffrn_detector.diffrn_id                    1 
_diffrn_detector.type                         'DECTRIS EIGER2 S 16M' 
_diffrn_detector.area_resol_mean              ? 
_diffrn_detector.dtime                        ? 
_diffrn_detector.pdbx_frames_total            ? 
_diffrn_detector.pdbx_collection_time_total   ? 
_diffrn_detector.pdbx_collection_date         2022-11-24 
_diffrn_detector.pdbx_frequency               ? 
_diffrn_detector.id                           ? 
_diffrn_detector.number_of_axes               ? 
# 
_diffrn_radiation.collimation                      ? 
_diffrn_radiation.diffrn_id                        1 
_diffrn_radiation.filter_edge                      ? 
_diffrn_radiation.inhomogeneity                    ? 
_diffrn_radiation.monochromator                    'Si(111)' 
_diffrn_radiation.polarisn_norm                    ? 
_diffrn_radiation.polarisn_ratio                   ? 
_diffrn_radiation.probe                            ? 
_diffrn_radiation.type                             ? 
_diffrn_radiation.xray_symbol                      ? 
_diffrn_radiation.wavelength_id                    1 
_diffrn_radiation.pdbx_monochromatic_or_laue_m_l   M 
_diffrn_radiation.pdbx_wavelength_list             ? 
_diffrn_radiation.pdbx_wavelength                  ? 
_diffrn_radiation.pdbx_diffrn_protocol             'SINGLE WAVELENGTH' 
_diffrn_radiation.pdbx_analyzer                    ? 
_diffrn_radiation.pdbx_scattering_type             x-ray 
# 
_diffrn_radiation_wavelength.id           1 
_diffrn_radiation_wavelength.wavelength   0.8856 
_diffrn_radiation_wavelength.wt           1.0 
# 
_diffrn_source.current                     ? 
_diffrn_source.details                     ? 
_diffrn_source.diffrn_id                   1 
_diffrn_source.power                       ? 
_diffrn_source.size                        ? 
_diffrn_source.source                      SYNCHROTRON 
_diffrn_source.target                      ? 
_diffrn_source.type                        'ESRF BEAMLINE ID23-1' 
_diffrn_source.voltage                     ? 
_diffrn_source.take-off_angle              ? 
_diffrn_source.pdbx_wavelength_list        0.8856 
_diffrn_source.pdbx_wavelength             ? 
_diffrn_source.pdbx_synchrotron_beamline   ID23-1 
_diffrn_source.pdbx_synchrotron_site       ESRF 
# 
_reflns.B_iso_Wilson_estimate                          74.99 
_reflns.entry_id                                       8CMN 
_reflns.data_reduction_details                         ? 
_reflns.data_reduction_method                          ? 
_reflns.d_resolution_high                              2.65 
_reflns.d_resolution_low                               42.34 
_reflns.details                                        ? 
_reflns.limit_h_max                                    ? 
_reflns.limit_h_min                                    ? 
_reflns.limit_k_max                                    ? 
_reflns.limit_k_min                                    ? 
_reflns.limit_l_max                                    ? 
_reflns.limit_l_min                                    ? 
_reflns.number_all                                     ? 
_reflns.number_obs                                     5508 
_reflns.observed_criterion                             ? 
_reflns.observed_criterion_F_max                       ? 
_reflns.observed_criterion_F_min                       ? 
_reflns.observed_criterion_I_max                       ? 
_reflns.observed_criterion_I_min                       ? 
_reflns.observed_criterion_sigma_F                     ? 
_reflns.observed_criterion_sigma_I                     ? 
_reflns.percent_possible_obs                           99.62 
_reflns.R_free_details                                 ? 
_reflns.Rmerge_F_all                                   ? 
_reflns.Rmerge_F_obs                                   ? 
_reflns.Friedel_coverage                               ? 
_reflns.number_gt                                      ? 
_reflns.threshold_expression                           ? 
_reflns.pdbx_redundancy                                6.9 
_reflns.pdbx_netI_over_av_sigmaI                       ? 
_reflns.pdbx_netI_over_sigmaI                          18.81 
_reflns.pdbx_res_netI_over_av_sigmaI_2                 ? 
_reflns.pdbx_res_netI_over_sigmaI_2                    ? 
_reflns.pdbx_chi_squared                               ? 
_reflns.pdbx_scaling_rejects                           ? 
_reflns.pdbx_d_res_high_opt                            ? 
_reflns.pdbx_d_res_low_opt                             ? 
_reflns.pdbx_d_res_opt_method                          ? 
_reflns.phase_calculation_details                      ? 
_reflns.pdbx_Rrim_I_all                                ? 
_reflns.pdbx_Rpim_I_all                                ? 
_reflns.pdbx_d_opt                                     ? 
_reflns.pdbx_number_measured_all                       ? 
_reflns.pdbx_diffrn_id                                 1 
_reflns.pdbx_ordinal                                   1 
_reflns.pdbx_CC_half                                   0.998 
_reflns.pdbx_CC_star                                   1 
_reflns.pdbx_R_split                                   ? 
_reflns.pdbx_Rmerge_I_obs                              ? 
_reflns.pdbx_Rmerge_I_all                              ? 
_reflns.pdbx_Rsym_value                                ? 
_reflns.pdbx_CC_split_method                           ? 
_reflns.pdbx_aniso_diffraction_limit_axis_1_ortho[1]   ? 
_reflns.pdbx_aniso_diffraction_limit_axis_1_ortho[2]   ? 
_reflns.pdbx_aniso_diffraction_limit_axis_1_ortho[3]   ? 
_reflns.pdbx_aniso_diffraction_limit_axis_2_ortho[1]   ? 
_reflns.pdbx_aniso_diffraction_limit_axis_2_ortho[2]   ? 
_reflns.pdbx_aniso_diffraction_limit_axis_2_ortho[3]   ? 
_reflns.pdbx_aniso_diffraction_limit_axis_3_ortho[1]   ? 
_reflns.pdbx_aniso_diffraction_limit_axis_3_ortho[2]   ? 
_reflns.pdbx_aniso_diffraction_limit_axis_3_ortho[3]   ? 
_reflns.pdbx_aniso_diffraction_limit_1                 ? 
_reflns.pdbx_aniso_diffraction_limit_2                 ? 
_reflns.pdbx_aniso_diffraction_limit_3                 ? 
_reflns.pdbx_aniso_B_tensor_eigenvector_1_ortho[1]     ? 
_reflns.pdbx_aniso_B_tensor_eigenvector_1_ortho[2]     ? 
_reflns.pdbx_aniso_B_tensor_eigenvector_1_ortho[3]     ? 
_reflns.pdbx_aniso_B_tensor_eigenvector_2_ortho[1]     ? 
_reflns.pdbx_aniso_B_tensor_eigenvector_2_ortho[2]     ? 
_reflns.pdbx_aniso_B_tensor_eigenvector_2_ortho[3]     ? 
_reflns.pdbx_aniso_B_tensor_eigenvector_3_ortho[1]     ? 
_reflns.pdbx_aniso_B_tensor_eigenvector_3_ortho[2]     ? 
_reflns.pdbx_aniso_B_tensor_eigenvector_3_ortho[3]     ? 
_reflns.pdbx_aniso_B_tensor_eigenvalue_1               ? 
_reflns.pdbx_aniso_B_tensor_eigenvalue_2               ? 
_reflns.pdbx_aniso_B_tensor_eigenvalue_3               ? 
_reflns.pdbx_orthogonalization_convention              ? 
_reflns.pdbx_percent_possible_ellipsoidal              ? 
_reflns.pdbx_percent_possible_spherical                ? 
_reflns.pdbx_percent_possible_ellipsoidal_anomalous    ? 
_reflns.pdbx_percent_possible_spherical_anomalous      ? 
_reflns.pdbx_redundancy_anomalous                      ? 
_reflns.pdbx_CC_half_anomalous                         ? 
_reflns.pdbx_absDiff_over_sigma_anomalous              ? 
_reflns.pdbx_percent_possible_anomalous                ? 
_reflns.pdbx_observed_signal_threshold                 ? 
_reflns.pdbx_signal_type                               ? 
_reflns.pdbx_signal_details                            ? 
_reflns.pdbx_signal_software_id                        ? 
# 
_reflns_shell.d_res_high                                    2.65 
_reflns_shell.d_res_low                                     2.75 
_reflns_shell.meanI_over_sigI_all                           ? 
_reflns_shell.meanI_over_sigI_obs                           ? 
_reflns_shell.number_measured_all                           ? 
_reflns_shell.number_measured_obs                           ? 
_reflns_shell.number_possible                               ? 
_reflns_shell.number_unique_all                             ? 
_reflns_shell.number_unique_obs                             531 
_reflns_shell.percent_possible_obs                          ? 
_reflns_shell.Rmerge_F_all                                  ? 
_reflns_shell.Rmerge_F_obs                                  ? 
_reflns_shell.meanI_over_sigI_gt                            ? 
_reflns_shell.meanI_over_uI_all                             ? 
_reflns_shell.meanI_over_uI_gt                              ? 
_reflns_shell.number_measured_gt                            ? 
_reflns_shell.number_unique_gt                              ? 
_reflns_shell.percent_possible_gt                           ? 
_reflns_shell.Rmerge_F_gt                                   ? 
_reflns_shell.Rmerge_I_gt                                   ? 
_reflns_shell.pdbx_redundancy                               ? 
_reflns_shell.pdbx_chi_squared                              ? 
_reflns_shell.pdbx_netI_over_sigmaI_all                     ? 
_reflns_shell.pdbx_netI_over_sigmaI_obs                     ? 
_reflns_shell.pdbx_Rrim_I_all                               ? 
_reflns_shell.pdbx_Rpim_I_all                               ? 
_reflns_shell.pdbx_rejects                                  ? 
_reflns_shell.pdbx_ordinal                                  1 
_reflns_shell.pdbx_diffrn_id                                1 
_reflns_shell.pdbx_CC_half                                  0.81 
_reflns_shell.pdbx_CC_star                                  0.946 
_reflns_shell.pdbx_R_split                                  ? 
_reflns_shell.percent_possible_all                          ? 
_reflns_shell.Rmerge_I_all                                  ? 
_reflns_shell.Rmerge_I_obs                                  ? 
_reflns_shell.pdbx_Rsym_value                               ? 
_reflns_shell.pdbx_percent_possible_ellipsoidal             ? 
_reflns_shell.pdbx_percent_possible_spherical               ? 
_reflns_shell.pdbx_percent_possible_ellipsoidal_anomalous   ? 
_reflns_shell.pdbx_percent_possible_spherical_anomalous     ? 
_reflns_shell.pdbx_redundancy_anomalous                     ? 
_reflns_shell.pdbx_CC_half_anomalous                        ? 
_reflns_shell.pdbx_absDiff_over_sigma_anomalous             ? 
_reflns_shell.pdbx_percent_possible_anomalous               ? 
# 
_refine.aniso_B[1][1]                            ? 
_refine.aniso_B[1][2]                            ? 
_refine.aniso_B[1][3]                            ? 
_refine.aniso_B[2][2]                            ? 
_refine.aniso_B[2][3]                            ? 
_refine.aniso_B[3][3]                            ? 
_refine.B_iso_max                                ? 
_refine.B_iso_mean                               66.50 
_refine.B_iso_min                                ? 
_refine.correlation_coeff_Fo_to_Fc               ? 
_refine.correlation_coeff_Fo_to_Fc_free          ? 
_refine.details                                  ? 
_refine.diff_density_max                         ? 
_refine.diff_density_max_esd                     ? 
_refine.diff_density_min                         ? 
_refine.diff_density_min_esd                     ? 
_refine.diff_density_rms                         ? 
_refine.diff_density_rms_esd                     ? 
_refine.entry_id                                 8CMN 
_refine.pdbx_refine_id                           'X-RAY DIFFRACTION' 
_refine.ls_abs_structure_details                 ? 
_refine.ls_abs_structure_Flack                   ? 
_refine.ls_abs_structure_Flack_esd               ? 
_refine.ls_abs_structure_Rogers                  ? 
_refine.ls_abs_structure_Rogers_esd              ? 
_refine.ls_d_res_high                            2.65 
_refine.ls_d_res_low                             42.34 
_refine.ls_extinction_coef                       ? 
_refine.ls_extinction_coef_esd                   ? 
_refine.ls_extinction_expression                 ? 
_refine.ls_extinction_method                     ? 
_refine.ls_goodness_of_fit_all                   ? 
_refine.ls_goodness_of_fit_all_esd               ? 
_refine.ls_goodness_of_fit_obs                   ? 
_refine.ls_goodness_of_fit_obs_esd               ? 
_refine.ls_hydrogen_treatment                    ? 
_refine.ls_matrix_type                           ? 
_refine.ls_number_constraints                    ? 
_refine.ls_number_parameters                     ? 
_refine.ls_number_reflns_all                     ? 
_refine.ls_number_reflns_obs                     5502 
_refine.ls_number_reflns_R_free                  547 
_refine.ls_number_reflns_R_work                  4955 
_refine.ls_number_restraints                     ? 
_refine.ls_percent_reflns_obs                    99.66 
_refine.ls_percent_reflns_R_free                 9.94 
_refine.ls_R_factor_all                          ? 
_refine.ls_R_factor_obs                          0.2651 
_refine.ls_R_factor_R_free                       0.2974 
_refine.ls_R_factor_R_free_error                 ? 
_refine.ls_R_factor_R_free_error_details         ? 
_refine.ls_R_factor_R_work                       0.2614 
_refine.ls_R_Fsqd_factor_obs                     ? 
_refine.ls_R_I_factor_obs                        ? 
_refine.ls_redundancy_reflns_all                 ? 
_refine.ls_redundancy_reflns_obs                 ? 
_refine.ls_restrained_S_all                      ? 
_refine.ls_restrained_S_obs                      ? 
_refine.ls_shift_over_esd_max                    ? 
_refine.ls_shift_over_esd_mean                   ? 
_refine.ls_structure_factor_coef                 ? 
_refine.ls_weighting_details                     ? 
_refine.ls_weighting_scheme                      ? 
_refine.ls_wR_factor_all                         ? 
_refine.ls_wR_factor_obs                         ? 
_refine.ls_wR_factor_R_free                      ? 
_refine.ls_wR_factor_R_work                      ? 
_refine.occupancy_max                            ? 
_refine.occupancy_min                            ? 
_refine.solvent_model_details                    'FLAT BULK SOLVENT MODEL' 
_refine.solvent_model_param_bsol                 ? 
_refine.solvent_model_param_ksol                 ? 
_refine.pdbx_R_complete                          ? 
_refine.ls_R_factor_gt                           ? 
_refine.ls_goodness_of_fit_gt                    ? 
_refine.ls_goodness_of_fit_ref                   ? 
_refine.ls_shift_over_su_max                     ? 
_refine.ls_shift_over_su_max_lt                  ? 
_refine.ls_shift_over_su_mean                    ? 
_refine.ls_shift_over_su_mean_lt                 ? 
_refine.pdbx_ls_sigma_I                          ? 
_refine.pdbx_ls_sigma_F                          1.39 
_refine.pdbx_ls_sigma_Fsqd                       ? 
_refine.pdbx_data_cutoff_high_absF               ? 
_refine.pdbx_data_cutoff_high_rms_absF           ? 
_refine.pdbx_data_cutoff_low_absF                ? 
_refine.pdbx_isotropic_thermal_model             ? 
_refine.pdbx_ls_cross_valid_method               'FREE R-VALUE' 
_refine.pdbx_method_to_determine_struct          'MOLECULAR REPLACEMENT' 
_refine.pdbx_starting_model                      ? 
_refine.pdbx_stereochemistry_target_values       'GeoStd + Monomer Library + CDL v1.2' 
_refine.pdbx_R_Free_selection_details            ? 
_refine.pdbx_stereochem_target_val_spec_case     ? 
_refine.pdbx_overall_ESU_R                       ? 
_refine.pdbx_overall_ESU_R_Free                  ? 
_refine.pdbx_solvent_vdw_probe_radii             1.1000 
_refine.pdbx_solvent_ion_probe_radii             ? 
_refine.pdbx_solvent_shrinkage_radii             0.9000 
_refine.pdbx_real_space_R                        ? 
_refine.pdbx_density_correlation                 ? 
_refine.pdbx_pd_number_of_powder_patterns        ? 
_refine.pdbx_pd_number_of_points                 ? 
_refine.pdbx_pd_meas_number_of_points            ? 
_refine.pdbx_pd_proc_ls_prof_R_factor            ? 
_refine.pdbx_pd_proc_ls_prof_wR_factor           ? 
_refine.pdbx_pd_Marquardt_correlation_coeff      ? 
_refine.pdbx_pd_Fsqrd_R_factor                   ? 
_refine.pdbx_pd_ls_matrix_band_width             ? 
_refine.pdbx_overall_phase_error                 32.1161 
_refine.pdbx_overall_SU_R_free_Cruickshank_DPI   ? 
_refine.pdbx_overall_SU_R_free_Blow_DPI          ? 
_refine.pdbx_overall_SU_R_Blow_DPI               ? 
_refine.pdbx_TLS_residual_ADP_flag               ? 
_refine.pdbx_diffrn_id                           1 
_refine.overall_SU_B                             ? 
_refine.overall_SU_ML                            0.4450 
_refine.overall_SU_R_Cruickshank_DPI             ? 
_refine.overall_SU_R_free                        ? 
_refine.overall_FOM_free_R_set                   ? 
_refine.overall_FOM_work_R_set                   ? 
_refine.pdbx_average_fsc_overall                 ? 
_refine.pdbx_average_fsc_work                    ? 
_refine.pdbx_average_fsc_free                    ? 
# 
_refine_hist.pdbx_refine_id                   'X-RAY DIFFRACTION' 
_refine_hist.cycle_id                         LAST 
_refine_hist.details                          ? 
_refine_hist.d_res_high                       2.65 
_refine_hist.d_res_low                        42.34 
_refine_hist.number_atoms_solvent             7 
_refine_hist.number_atoms_total               848 
_refine_hist.number_reflns_all                ? 
_refine_hist.number_reflns_obs                ? 
_refine_hist.number_reflns_R_free             ? 
_refine_hist.number_reflns_R_work             ? 
_refine_hist.R_factor_all                     ? 
_refine_hist.R_factor_obs                     ? 
_refine_hist.R_factor_R_free                  ? 
_refine_hist.R_factor_R_work                  ? 
_refine_hist.pdbx_number_residues_total       ? 
_refine_hist.pdbx_B_iso_mean_ligand           ? 
_refine_hist.pdbx_B_iso_mean_solvent          ? 
_refine_hist.pdbx_number_atoms_protein        495 
_refine_hist.pdbx_number_atoms_nucleic_acid   0 
_refine_hist.pdbx_number_atoms_ligand         346 
_refine_hist.pdbx_number_atoms_lipid          ? 
_refine_hist.pdbx_number_atoms_carb           ? 
_refine_hist.pdbx_pseudo_atom_details         ? 
# 
loop_
_refine_ls_restr.pdbx_refine_id 
_refine_ls_restr.criterion 
_refine_ls_restr.dev_ideal 
_refine_ls_restr.dev_ideal_target 
_refine_ls_restr.number 
_refine_ls_restr.rejects 
_refine_ls_restr.type 
_refine_ls_restr.weight 
_refine_ls_restr.pdbx_restraint_function 
'X-RAY DIFFRACTION' ? 0.0078  ? 877  ? f_bond_d           ? ? 
'X-RAY DIFFRACTION' ? 2.6861  ? 1230 ? f_angle_d          ? ? 
'X-RAY DIFFRACTION' ? 0.2531  ? 89   ? f_chiral_restr     ? ? 
'X-RAY DIFFRACTION' ? 0.0132  ? 122  ? f_plane_restr      ? ? 
'X-RAY DIFFRACTION' ? 13.0023 ? 182  ? f_dihedral_angle_d ? ? 
# 
loop_
_refine_ls_shell.pdbx_refine_id 
_refine_ls_shell.d_res_high 
_refine_ls_shell.d_res_low 
_refine_ls_shell.number_reflns_all 
_refine_ls_shell.number_reflns_obs 
_refine_ls_shell.number_reflns_R_free 
_refine_ls_shell.number_reflns_R_work 
_refine_ls_shell.percent_reflns_obs 
_refine_ls_shell.percent_reflns_R_free 
_refine_ls_shell.R_factor_all 
_refine_ls_shell.R_factor_obs 
_refine_ls_shell.R_factor_R_free_error 
_refine_ls_shell.R_factor_R_work 
_refine_ls_shell.redundancy_reflns_all 
_refine_ls_shell.redundancy_reflns_obs 
_refine_ls_shell.wR_factor_all 
_refine_ls_shell.wR_factor_obs 
_refine_ls_shell.wR_factor_R_free 
_refine_ls_shell.wR_factor_R_work 
_refine_ls_shell.pdbx_R_complete 
_refine_ls_shell.pdbx_total_number_of_bins_used 
_refine_ls_shell.pdbx_phase_error 
_refine_ls_shell.pdbx_fsc_work 
_refine_ls_shell.pdbx_fsc_free 
_refine_ls_shell.R_factor_R_free 
'X-RAY DIFFRACTION' 2.65 2.92  . . 130 1194 99.77 . . . . 0.3585 . . . . . . . . . . . 0.4309 
'X-RAY DIFFRACTION' 2.92 3.34  . . 134 1205 99.78 . . . . 0.2904 . . . . . . . . . . . 0.3432 
'X-RAY DIFFRACTION' 3.34 4.20  . . 136 1226 99.56 . . . . 0.2420 . . . . . . . . . . . 0.2912 
'X-RAY DIFFRACTION' 4.21 42.34 . . 147 1330 99.53 . . . . 0.2531 . . . . . . . . . . . 0.2723 
# 
_struct.entry_id                     8CMN 
_struct.title                        '18mer DNA mimic Foldamer with an aliphatic linker in complex with Sac7d wild protein' 
_struct.pdbx_model_details           ? 
_struct.pdbx_formula_weight          ? 
_struct.pdbx_formula_weight_method   ? 
_struct.pdbx_model_type_details      ? 
_struct.pdbx_CASP_flag               N 
# 
_struct_keywords.entry_id        8CMN 
_struct_keywords.text            'Foldamer, DNA mimic, DNA binding protein, histone' 
_struct_keywords.pdbx_keywords   'DNA BINDING PROTEIN' 
# 
loop_
_struct_asym.id 
_struct_asym.pdbx_blank_PDB_chainid_flag 
_struct_asym.pdbx_modified 
_struct_asym.entity_id 
_struct_asym.details 
A N N 1 ? 
B N N 2 ? 
C N N 2 ? 
D N N 3 ? 
E N N 3 ? 
# 
loop_
_struct_ref.id 
_struct_ref.db_name 
_struct_ref.db_code 
_struct_ref.pdbx_db_accession 
_struct_ref.pdbx_db_isoform 
_struct_ref.entity_id 
_struct_ref.pdbx_seq_one_letter_code 
_struct_ref.pdbx_align_begin 
1 UNP DN7D_SULAC P13123 ? 1 MVKVKFKYKGEEKEVDTSKIKKVWRVGKMVSFTYDDNGKTGRGAVSEKDAPKELLDMLARAEREKK 1 
2 PDB 8CMN       8CMN   ? 2 ?                                                                  1 
# 
loop_
_struct_ref_seq.align_id 
_struct_ref_seq.ref_id 
_struct_ref_seq.pdbx_PDB_id_code 
_struct_ref_seq.pdbx_strand_id 
_struct_ref_seq.seq_align_beg 
_struct_ref_seq.pdbx_seq_align_beg_ins_code 
_struct_ref_seq.seq_align_end 
_struct_ref_seq.pdbx_seq_align_end_ins_code 
_struct_ref_seq.pdbx_db_accession 
_struct_ref_seq.db_align_beg 
_struct_ref_seq.pdbx_db_align_beg_ins_code 
_struct_ref_seq.db_align_end 
_struct_ref_seq.pdbx_db_align_end_ins_code 
_struct_ref_seq.pdbx_auth_seq_align_beg 
_struct_ref_seq.pdbx_auth_seq_align_end 
1 1 8CMN AA 1 ? 66 ? P13123 1 ? 66 ? 1 66 
2 2 8CMN B  1 ? 10 ? 8CMN   1 ? 10 ? 1 10 
3 2 8CMN C  1 ? 10 ? 8CMN   1 ? 10 ? 1 10 
# 
_pdbx_struct_assembly.id                   1 
_pdbx_struct_assembly.details              author_and_software_defined_assembly 
_pdbx_struct_assembly.method_details       ? 
_pdbx_struct_assembly.oligomeric_details   monomeric 
_pdbx_struct_assembly.oligomeric_count     1 
# 
_pdbx_struct_assembly_gen.assembly_id       1 
_pdbx_struct_assembly_gen.oper_expression   1 
_pdbx_struct_assembly_gen.asym_id_list      A,B,C,D,E 
# 
_pdbx_struct_oper_list.id                   1 
_pdbx_struct_oper_list.type                 'identity operation' 
_pdbx_struct_oper_list.name                 1_555 
_pdbx_struct_oper_list.symmetry_operation   x,y,z 
_pdbx_struct_oper_list.matrix[1][1]         1.0 
_pdbx_struct_oper_list.matrix[1][2]         0.0 
_pdbx_struct_oper_list.matrix[1][3]         0.0 
_pdbx_struct_oper_list.vector[1]            0.0 
_pdbx_struct_oper_list.matrix[2][1]         0.0 
_pdbx_struct_oper_list.matrix[2][2]         1.0 
_pdbx_struct_oper_list.matrix[2][3]         0.0 
_pdbx_struct_oper_list.vector[2]            0.0 
_pdbx_struct_oper_list.matrix[3][1]         0.0 
_pdbx_struct_oper_list.matrix[3][2]         0.0 
_pdbx_struct_oper_list.matrix[3][3]         1.0 
_pdbx_struct_oper_list.vector[3]            0.0 
# 
_struct_conf.conf_type_id            HELX_P 
_struct_conf.id                      HELX_P1 
_struct_conf.pdbx_PDB_helix_id       AA1 
_struct_conf.beg_label_comp_id       PRO 
_struct_conf.beg_label_asym_id       A 
_struct_conf.beg_label_seq_id        51 
_struct_conf.pdbx_beg_PDB_ins_code   ? 
_struct_conf.end_label_comp_id       GLU 
_struct_conf.end_label_asym_id       A 
_struct_conf.end_label_seq_id        62 
_struct_conf.pdbx_end_PDB_ins_code   ? 
_struct_conf.beg_auth_comp_id        PRO 
_struct_conf.beg_auth_asym_id        AA 
_struct_conf.beg_auth_seq_id         51 
_struct_conf.end_auth_comp_id        GLU 
_struct_conf.end_auth_asym_id        AA 
_struct_conf.end_auth_seq_id         62 
_struct_conf.pdbx_PDB_helix_class    1 
_struct_conf.details                 ? 
_struct_conf.pdbx_PDB_helix_length   12 
# 
_struct_conf_type.id          HELX_P 
_struct_conf_type.criteria    ? 
_struct_conf_type.reference   ? 
# 
loop_
_struct_conn.id 
_struct_conn.conn_type_id 
_struct_conn.pdbx_leaving_atom_flag 
_struct_conn.pdbx_PDB_id 
_struct_conn.ptnr1_label_asym_id 
_struct_conn.ptnr1_label_comp_id 
_struct_conn.ptnr1_label_seq_id 
_struct_conn.ptnr1_label_atom_id 
_struct_conn.pdbx_ptnr1_label_alt_id 
_struct_conn.pdbx_ptnr1_PDB_ins_code 
_struct_conn.pdbx_ptnr1_standard_comp_id 
_struct_conn.ptnr1_symmetry 
_struct_conn.ptnr2_label_asym_id 
_struct_conn.ptnr2_label_comp_id 
_struct_conn.ptnr2_label_seq_id 
_struct_conn.ptnr2_label_atom_id 
_struct_conn.pdbx_ptnr2_label_alt_id 
_struct_conn.pdbx_ptnr2_PDB_ins_code 
_struct_conn.ptnr1_auth_asym_id 
_struct_conn.ptnr1_auth_comp_id 
_struct_conn.ptnr1_auth_seq_id 
_struct_conn.ptnr2_auth_asym_id 
_struct_conn.ptnr2_auth_comp_id 
_struct_conn.ptnr2_auth_seq_id 
_struct_conn.ptnr2_symmetry 
_struct_conn.pdbx_ptnr3_label_atom_id 
_struct_conn.pdbx_ptnr3_label_seq_id 
_struct_conn.pdbx_ptnr3_label_comp_id 
_struct_conn.pdbx_ptnr3_label_asym_id 
_struct_conn.pdbx_ptnr3_label_alt_id 
_struct_conn.pdbx_ptnr3_PDB_ins_code 
_struct_conn.details 
_struct_conn.pdbx_dist_value 
_struct_conn.pdbx_value_order 
_struct_conn.pdbx_role 
covale1  covale both ? B GOA 1 C ? ? ? 1_555 B V4F 2  N ? ? B GOA 1 B V4F 2  1_555 ? ? ? ? ? ? ? 1.344 ? ? 
covale2  covale both ? B V4F 2 C ? ? ? 1_555 B V53 3  N ? ? B V4F 2 B V53 3  1_555 ? ? ? ? ? ? ? 1.352 ? ? 
covale3  covale both ? B V53 3 C ? ? ? 1_555 B V4F 4  N ? ? B V53 3 B V4F 4  1_555 ? ? ? ? ? ? ? 1.351 ? ? 
covale4  covale both ? B V4F 4 C ? ? ? 1_555 B V53 5  N ? ? B V4F 4 B V53 5  1_555 ? ? ? ? ? ? ? 1.353 ? ? 
covale5  covale both ? B V53 5 C ? ? ? 1_555 B V5F 6  N ? ? B V53 5 B V5F 6  1_555 ? ? ? ? ? ? ? 1.359 ? ? 
covale6  covale both ? B V5F 6 C ? ? ? 1_555 B V4F 7  N ? ? B V5F 6 B V4F 7  1_555 ? ? ? ? ? ? ? 1.343 ? ? 
covale7  covale both ? B V4F 7 C ? ? ? 1_555 B V53 8  N ? ? B V4F 7 B V53 8  1_555 ? ? ? ? ? ? ? 1.349 ? ? 
covale8  covale both ? B V53 8 C ? ? ? 1_555 B V4F 9  N ? ? B V53 8 B V4F 9  1_555 ? ? ? ? ? ? ? 1.353 ? ? 
covale9  covale both ? B V4F 9 C ? ? ? 1_555 B V53 10 N ? ? B V4F 9 B V53 10 1_555 ? ? ? ? ? ? ? 1.350 ? ? 
covale10 covale both ? C GOA 1 C ? ? ? 1_555 C V4F 2  N ? ? C GOA 1 C V4F 2  1_555 ? ? ? ? ? ? ? 1.349 ? ? 
covale11 covale both ? C V4F 2 C ? ? ? 1_555 C V53 3  N ? ? C V4F 2 C V53 3  1_555 ? ? ? ? ? ? ? 1.350 ? ? 
covale12 covale both ? C V53 3 C ? ? ? 1_555 C V4F 4  N ? ? C V53 3 C V4F 4  1_555 ? ? ? ? ? ? ? 1.351 ? ? 
covale13 covale both ? C V4F 4 C ? ? ? 1_555 C V53 5  N ? ? C V4F 4 C V53 5  1_555 ? ? ? ? ? ? ? 1.350 ? ? 
covale14 covale both ? C V53 5 C ? ? ? 1_555 C V5F 6  N ? ? C V53 5 C V5F 6  1_555 ? ? ? ? ? ? ? 1.359 ? ? 
covale15 covale both ? C V5F 6 C ? ? ? 1_555 C V4F 7  N ? ? C V5F 6 C V4F 7  1_555 ? ? ? ? ? ? ? 1.346 ? ? 
covale16 covale both ? C V4F 7 C ? ? ? 1_555 C V53 8  N ? ? C V4F 7 C V53 8  1_555 ? ? ? ? ? ? ? 1.351 ? ? 
covale17 covale both ? C V53 8 C ? ? ? 1_555 C V4F 9  N ? ? C V53 8 C V4F 9  1_555 ? ? ? ? ? ? ? 1.348 ? ? 
covale18 covale both ? C V4F 9 C ? ? ? 1_555 C V53 10 N ? ? C V4F 9 C V53 10 1_555 ? ? ? ? ? ? ? 1.358 ? ? 
# 
_struct_conn_type.id          covale 
_struct_conn_type.criteria    ? 
_struct_conn_type.reference   ? 
# 
loop_
_pdbx_modification_feature.ordinal 
_pdbx_modification_feature.label_comp_id 
_pdbx_modification_feature.label_asym_id 
_pdbx_modification_feature.label_seq_id 
_pdbx_modification_feature.label_alt_id 
_pdbx_modification_feature.modified_residue_label_comp_id 
_pdbx_modification_feature.modified_residue_label_asym_id 
_pdbx_modification_feature.modified_residue_label_seq_id 
_pdbx_modification_feature.modified_residue_label_alt_id 
_pdbx_modification_feature.auth_comp_id 
_pdbx_modification_feature.auth_asym_id 
_pdbx_modification_feature.auth_seq_id 
_pdbx_modification_feature.PDB_ins_code 
_pdbx_modification_feature.symmetry 
_pdbx_modification_feature.modified_residue_auth_comp_id 
_pdbx_modification_feature.modified_residue_auth_asym_id 
_pdbx_modification_feature.modified_residue_auth_seq_id 
_pdbx_modification_feature.modified_residue_PDB_ins_code 
_pdbx_modification_feature.modified_residue_symmetry 
_pdbx_modification_feature.comp_id_linking_atom 
_pdbx_modification_feature.modified_residue_id_linking_atom 
_pdbx_modification_feature.modified_residue_id 
_pdbx_modification_feature.ref_pcm_id 
_pdbx_modification_feature.ref_comp_id 
_pdbx_modification_feature.type 
_pdbx_modification_feature.category 
1  GOA B 1  ? . . . . GOA B 1  ? 1_555 . . . . . . . GLY 1 GOA None 'Non-standard residue' 
2  V4F B 2  ? . . . . V4F B 2  ? 1_555 . . . . . . . ?   1 V4F None 'Non-standard residue' 
3  V53 B 3  ? . . . . V53 B 3  ? 1_555 . . . . . . . ?   1 V53 None 'Non-standard residue' 
4  V4F B 4  ? . . . . V4F B 4  ? 1_555 . . . . . . . ?   1 V4F None 'Non-standard residue' 
5  V53 B 5  ? . . . . V53 B 5  ? 1_555 . . . . . . . ?   1 V53 None 'Non-standard residue' 
6  V5F B 6  ? . . . . V5F B 6  ? 1_555 . . . . . . . ?   1 V5F None 'Non-standard residue' 
7  V4F B 7  ? . . . . V4F B 7  ? 1_555 . . . . . . . ?   1 V4F None 'Non-standard residue' 
8  V53 B 8  ? . . . . V53 B 8  ? 1_555 . . . . . . . ?   1 V53 None 'Non-standard residue' 
9  V4F B 9  ? . . . . V4F B 9  ? 1_555 . . . . . . . ?   1 V4F None 'Non-standard residue' 
10 V53 B 10 ? . . . . V53 B 10 ? 1_555 . . . . . . . ?   1 V53 None 'Non-standard residue' 
11 GOA C 1  ? . . . . GOA C 1  ? 1_555 . . . . . . . GLY 1 GOA None 'Non-standard residue' 
12 V4F C 2  ? . . . . V4F C 2  ? 1_555 . . . . . . . ?   1 V4F None 'Non-standard residue' 
13 V53 C 3  ? . . . . V53 C 3  ? 1_555 . . . . . . . ?   1 V53 None 'Non-standard residue' 
14 V4F C 4  ? . . . . V4F C 4  ? 1_555 . . . . . . . ?   1 V4F None 'Non-standard residue' 
15 V53 C 5  ? . . . . V53 C 5  ? 1_555 . . . . . . . ?   1 V53 None 'Non-standard residue' 
16 V5F C 6  ? . . . . V5F C 6  ? 1_555 . . . . . . . ?   1 V5F None 'Non-standard residue' 
17 V4F C 7  ? . . . . V4F C 7  ? 1_555 . . . . . . . ?   1 V4F None 'Non-standard residue' 
18 V53 C 8  ? . . . . V53 C 8  ? 1_555 . . . . . . . ?   1 V53 None 'Non-standard residue' 
19 V4F C 9  ? . . . . V4F C 9  ? 1_555 . . . . . . . ?   1 V4F None 'Non-standard residue' 
20 V53 C 10 ? . . . . V53 C 10 ? 1_555 . . . . . . . ?   1 V53 None 'Non-standard residue' 
# 
loop_
_struct_mon_prot_cis.pdbx_id 
_struct_mon_prot_cis.label_comp_id 
_struct_mon_prot_cis.label_seq_id 
_struct_mon_prot_cis.label_asym_id 
_struct_mon_prot_cis.label_alt_id 
_struct_mon_prot_cis.pdbx_PDB_ins_code 
_struct_mon_prot_cis.auth_comp_id 
_struct_mon_prot_cis.auth_seq_id 
_struct_mon_prot_cis.auth_asym_id 
_struct_mon_prot_cis.pdbx_label_comp_id_2 
_struct_mon_prot_cis.pdbx_label_seq_id_2 
_struct_mon_prot_cis.pdbx_label_asym_id_2 
_struct_mon_prot_cis.pdbx_PDB_ins_code_2 
_struct_mon_prot_cis.pdbx_auth_comp_id_2 
_struct_mon_prot_cis.pdbx_auth_seq_id_2 
_struct_mon_prot_cis.pdbx_auth_asym_id_2 
_struct_mon_prot_cis.pdbx_PDB_model_num 
_struct_mon_prot_cis.pdbx_omega_angle 
1 V4F 2 B . ? V4F 2 B V53 3  B ? V53 3  B 1 -27.27 
2 V53 3 B . ? V53 3 B V4F 4  B ? V4F 4  B 1 -26.39 
3 V53 5 B . ? V53 5 B V5F 6  B ? V5F 6  B 1 -23.15 
4 V53 8 B . ? V53 8 B V4F 9  B ? V4F 9  B 1 -21.04 
5 V4F 9 B . ? V4F 9 B V53 10 B ? V53 10 B 1 -29.78 
6 V53 3 C . ? V53 3 C V4F 4  C ? V4F 4  C 1 -29.58 
7 V53 5 C . ? V53 5 C V5F 6  C ? V5F 6  C 1 -17.24 
8 V5F 6 C . ? V5F 6 C V4F 7  C ? V4F 7  C 1 -22.71 
9 V4F 7 C . ? V4F 7 C V53 8  C ? V53 8  C 1 -29.73 
# 
loop_
_struct_sheet.id 
_struct_sheet.type 
_struct_sheet.number_strands 
_struct_sheet.details 
AA1 ? 2 ? 
AA2 ? 3 ? 
# 
loop_
_struct_sheet_order.sheet_id 
_struct_sheet_order.range_id_1 
_struct_sheet_order.range_id_2 
_struct_sheet_order.offset 
_struct_sheet_order.sense 
AA1 1 2 ? anti-parallel 
AA2 1 2 ? anti-parallel 
AA2 2 3 ? anti-parallel 
# 
loop_
_struct_sheet_range.sheet_id 
_struct_sheet_range.id 
_struct_sheet_range.beg_label_comp_id 
_struct_sheet_range.beg_label_asym_id 
_struct_sheet_range.beg_label_seq_id 
_struct_sheet_range.pdbx_beg_PDB_ins_code 
_struct_sheet_range.end_label_comp_id 
_struct_sheet_range.end_label_asym_id 
_struct_sheet_range.end_label_seq_id 
_struct_sheet_range.pdbx_end_PDB_ins_code 
_struct_sheet_range.beg_auth_comp_id 
_struct_sheet_range.beg_auth_asym_id 
_struct_sheet_range.beg_auth_seq_id 
_struct_sheet_range.end_auth_comp_id 
_struct_sheet_range.end_auth_asym_id 
_struct_sheet_range.end_auth_seq_id 
AA1 1 LYS A 3  ? TYR A 8  ? LYS AA 3  TYR AA 8  
AA1 2 GLU A 11 ? ASP A 16 ? GLU AA 11 ASP AA 16 
AA2 1 ILE A 20 ? VAL A 26 ? ILE AA 20 VAL AA 26 
AA2 2 MET A 29 ? ASP A 36 ? MET AA 29 ASP AA 36 
AA2 3 LYS A 39 ? SER A 46 ? LYS AA 39 SER AA 46 
# 
loop_
_pdbx_struct_sheet_hbond.sheet_id 
_pdbx_struct_sheet_hbond.range_id_1 
_pdbx_struct_sheet_hbond.range_id_2 
_pdbx_struct_sheet_hbond.range_1_label_atom_id 
_pdbx_struct_sheet_hbond.range_1_label_comp_id 
_pdbx_struct_sheet_hbond.range_1_label_asym_id 
_pdbx_struct_sheet_hbond.range_1_label_seq_id 
_pdbx_struct_sheet_hbond.range_1_PDB_ins_code 
_pdbx_struct_sheet_hbond.range_1_auth_atom_id 
_pdbx_struct_sheet_hbond.range_1_auth_comp_id 
_pdbx_struct_sheet_hbond.range_1_auth_asym_id 
_pdbx_struct_sheet_hbond.range_1_auth_seq_id 
_pdbx_struct_sheet_hbond.range_2_label_atom_id 
_pdbx_struct_sheet_hbond.range_2_label_comp_id 
_pdbx_struct_sheet_hbond.range_2_label_asym_id 
_pdbx_struct_sheet_hbond.range_2_label_seq_id 
_pdbx_struct_sheet_hbond.range_2_PDB_ins_code 
_pdbx_struct_sheet_hbond.range_2_auth_atom_id 
_pdbx_struct_sheet_hbond.range_2_auth_comp_id 
_pdbx_struct_sheet_hbond.range_2_auth_asym_id 
_pdbx_struct_sheet_hbond.range_2_auth_seq_id 
AA1 1 2 N VAL A 4  ? N VAL AA 4  O VAL A 15 ? O VAL AA 15 
AA2 1 2 N LYS A 21 ? N LYS AA 21 O THR A 33 ? O THR AA 33 
AA2 2 3 N VAL A 30 ? N VAL AA 30 O VAL A 45 ? O VAL AA 45 
# 
_pdbx_entry_details.entry_id                   8CMN 
_pdbx_entry_details.nonpolymer_details         ? 
_pdbx_entry_details.sequence_details           ? 
_pdbx_entry_details.compound_details           ? 
_pdbx_entry_details.source_details             ? 
_pdbx_entry_details.has_ligand_of_interest     Y 
_pdbx_entry_details.has_protein_modification   Y 
# 
_pdbx_validate_close_contact.id               1 
_pdbx_validate_close_contact.PDB_model_num    1 
_pdbx_validate_close_contact.auth_atom_id_1   OH 
_pdbx_validate_close_contact.auth_asym_id_1   AA 
_pdbx_validate_close_contact.auth_comp_id_1   TYR 
_pdbx_validate_close_contact.auth_seq_id_1    8 
_pdbx_validate_close_contact.PDB_ins_code_1   ? 
_pdbx_validate_close_contact.label_alt_id_1   ? 
_pdbx_validate_close_contact.auth_atom_id_2   O1 
_pdbx_validate_close_contact.auth_asym_id_2   B 
_pdbx_validate_close_contact.auth_comp_id_2   V4F 
_pdbx_validate_close_contact.auth_seq_id_2    4 
_pdbx_validate_close_contact.PDB_ins_code_2   ? 
_pdbx_validate_close_contact.label_alt_id_2   ? 
_pdbx_validate_close_contact.dist             2.15 
# 
loop_
_pdbx_validate_symm_contact.id 
_pdbx_validate_symm_contact.PDB_model_num 
_pdbx_validate_symm_contact.auth_atom_id_1 
_pdbx_validate_symm_contact.auth_asym_id_1 
_pdbx_validate_symm_contact.auth_comp_id_1 
_pdbx_validate_symm_contact.auth_seq_id_1 
_pdbx_validate_symm_contact.PDB_ins_code_1 
_pdbx_validate_symm_contact.label_alt_id_1 
_pdbx_validate_symm_contact.site_symmetry_1 
_pdbx_validate_symm_contact.auth_atom_id_2 
_pdbx_validate_symm_contact.auth_asym_id_2 
_pdbx_validate_symm_contact.auth_comp_id_2 
_pdbx_validate_symm_contact.auth_seq_id_2 
_pdbx_validate_symm_contact.PDB_ins_code_2 
_pdbx_validate_symm_contact.label_alt_id_2 
_pdbx_validate_symm_contact.site_symmetry_2 
_pdbx_validate_symm_contact.dist 
1 1 CA B GOA 1 ? ? 1_555 O2 B GOA 1 ? ? 7_555 1.43 
2 1 CA C GOA 1 ? ? 1_555 O2 C GOA 1 ? ? 4_545 1.43 
3 1 CA B GOA 1 ? ? 1_555 CA B GOA 1 ? ? 7_555 2.12 
# 
loop_
_pdbx_validate_rmsd_angle.id 
_pdbx_validate_rmsd_angle.PDB_model_num 
_pdbx_validate_rmsd_angle.auth_atom_id_1 
_pdbx_validate_rmsd_angle.auth_asym_id_1 
_pdbx_validate_rmsd_angle.auth_comp_id_1 
_pdbx_validate_rmsd_angle.auth_seq_id_1 
_pdbx_validate_rmsd_angle.PDB_ins_code_1 
_pdbx_validate_rmsd_angle.label_alt_id_1 
_pdbx_validate_rmsd_angle.auth_atom_id_2 
_pdbx_validate_rmsd_angle.auth_asym_id_2 
_pdbx_validate_rmsd_angle.auth_comp_id_2 
_pdbx_validate_rmsd_angle.auth_seq_id_2 
_pdbx_validate_rmsd_angle.PDB_ins_code_2 
_pdbx_validate_rmsd_angle.label_alt_id_2 
_pdbx_validate_rmsd_angle.auth_atom_id_3 
_pdbx_validate_rmsd_angle.auth_asym_id_3 
_pdbx_validate_rmsd_angle.auth_comp_id_3 
_pdbx_validate_rmsd_angle.auth_seq_id_3 
_pdbx_validate_rmsd_angle.PDB_ins_code_3 
_pdbx_validate_rmsd_angle.label_alt_id_3 
_pdbx_validate_rmsd_angle.angle_value 
_pdbx_validate_rmsd_angle.angle_target_value 
_pdbx_validate_rmsd_angle.angle_deviation 
_pdbx_validate_rmsd_angle.angle_standard_deviation 
_pdbx_validate_rmsd_angle.linker_flag 
1  1 CA B V4F 2 ? ? C B V4F 2 ? ? N B V53 3  ? ? 66.23 117.20 -50.97 2.20 Y 
2  1 CA B V53 3 ? ? C B V53 3 ? ? N B V4F 4  ? ? 81.58 117.20 -35.62 2.20 Y 
3  1 CA B V4F 4 ? ? C B V4F 4 ? ? N B V53 5  ? ? 67.67 117.20 -49.53 2.20 Y 
4  1 CA B V53 5 ? ? C B V53 5 ? ? N B V5F 6  ? ? 82.41 117.20 -34.79 2.20 Y 
5  1 CA B V5F 6 ? ? C B V5F 6 ? ? N B V4F 7  ? ? 84.25 117.20 -32.95 2.20 Y 
6  1 CA B V4F 7 ? ? C B V4F 7 ? ? N B V53 8  ? ? 65.30 117.20 -51.90 2.20 Y 
7  1 CA B V53 8 ? ? C B V53 8 ? ? N B V4F 9  ? ? 83.81 117.20 -33.39 2.20 Y 
8  1 CA B V4F 9 ? ? C B V4F 9 ? ? N B V53 10 ? ? 67.79 117.20 -49.41 2.20 Y 
9  1 CA C V4F 2 ? ? C C V4F 2 ? ? N C V53 3  ? ? 61.34 117.20 -55.86 2.20 Y 
10 1 CA C V53 3 ? ? C C V53 3 ? ? N C V4F 4  ? ? 79.93 117.20 -37.27 2.20 Y 
11 1 CA C V4F 4 ? ? C C V4F 4 ? ? N C V53 5  ? ? 66.26 117.20 -50.94 2.20 Y 
12 1 CA C V53 5 ? ? C C V53 5 ? ? N C V5F 6  ? ? 79.83 117.20 -37.37 2.20 Y 
13 1 CA C V5F 6 ? ? C C V5F 6 ? ? N C V4F 7  ? ? 79.42 117.20 -37.78 2.20 Y 
14 1 CA C V4F 7 ? ? C C V4F 7 ? ? N C V53 8  ? ? 64.66 117.20 -52.54 2.20 Y 
15 1 CA C V53 8 ? ? C C V53 8 ? ? N C V4F 9  ? ? 85.04 117.20 -32.16 2.20 Y 
16 1 CA C V4F 9 ? ? C C V4F 9 ? ? N C V53 10 ? ? 70.16 117.20 -47.04 2.20 Y 
# 
loop_
_pdbx_validate_torsion.id 
_pdbx_validate_torsion.PDB_model_num 
_pdbx_validate_torsion.auth_comp_id 
_pdbx_validate_torsion.auth_asym_id 
_pdbx_validate_torsion.auth_seq_id 
_pdbx_validate_torsion.PDB_ins_code 
_pdbx_validate_torsion.label_alt_id 
_pdbx_validate_torsion.phi 
_pdbx_validate_torsion.psi 
1 1 LYS AA 21 ? ? -105.65 -63.25  
2 1 ASN AA 37 ? ? 51.56   -129.56 
# 
loop_
_pdbx_struct_special_symmetry.id 
_pdbx_struct_special_symmetry.PDB_model_num 
_pdbx_struct_special_symmetry.auth_asym_id 
_pdbx_struct_special_symmetry.auth_comp_id 
_pdbx_struct_special_symmetry.auth_seq_id 
_pdbx_struct_special_symmetry.PDB_ins_code 
_pdbx_struct_special_symmetry.label_asym_id 
_pdbx_struct_special_symmetry.label_comp_id 
_pdbx_struct_special_symmetry.label_seq_id 
1 1 B GOA 1 ? B GOA 1 
2 1 C GOA 1 ? C GOA 1 
# 
loop_
_space_group_symop.id 
_space_group_symop.operation_xyz 
1  x,y,z          
2  x-y,x,z+2/3    
3  y,-x+y,z+1/3   
4  -y,x-y,z+1/3   
5  -x+y,-x,z+2/3  
6  x-y,-y,-z      
7  -x,-x+y,-z+2/3 
8  -x,-y,z        
9  y,x,-z+1/3     
10 -y,-x,-z+1/3   
11 -x+y,y,-z      
12 x,x-y,-z+2/3   
# 
loop_
_pdbx_refine_tls.id 
_pdbx_refine_tls.pdbx_refine_id 
_pdbx_refine_tls.details 
_pdbx_refine_tls.method 
_pdbx_refine_tls.origin_x 
_pdbx_refine_tls.origin_y 
_pdbx_refine_tls.origin_z 
_pdbx_refine_tls.T[1][1] 
_pdbx_refine_tls.T[1][1]_esd 
_pdbx_refine_tls.T[1][2] 
_pdbx_refine_tls.T[1][2]_esd 
_pdbx_refine_tls.T[1][3] 
_pdbx_refine_tls.T[1][3]_esd 
_pdbx_refine_tls.T[2][2] 
_pdbx_refine_tls.T[2][2]_esd 
_pdbx_refine_tls.T[2][3] 
_pdbx_refine_tls.T[2][3]_esd 
_pdbx_refine_tls.T[3][3] 
_pdbx_refine_tls.T[3][3]_esd 
_pdbx_refine_tls.L[1][1] 
_pdbx_refine_tls.L[1][1]_esd 
_pdbx_refine_tls.L[1][2] 
_pdbx_refine_tls.L[1][2]_esd 
_pdbx_refine_tls.L[1][3] 
_pdbx_refine_tls.L[1][3]_esd 
_pdbx_refine_tls.L[2][2] 
_pdbx_refine_tls.L[2][2]_esd 
_pdbx_refine_tls.L[2][3] 
_pdbx_refine_tls.L[2][3]_esd 
_pdbx_refine_tls.L[3][3] 
_pdbx_refine_tls.L[3][3]_esd 
_pdbx_refine_tls.S[1][1] 
_pdbx_refine_tls.S[1][1]_esd 
_pdbx_refine_tls.S[1][2] 
_pdbx_refine_tls.S[1][2]_esd 
_pdbx_refine_tls.S[1][3] 
_pdbx_refine_tls.S[1][3]_esd 
_pdbx_refine_tls.S[2][1] 
_pdbx_refine_tls.S[2][1]_esd 
_pdbx_refine_tls.S[2][2] 
_pdbx_refine_tls.S[2][2]_esd 
_pdbx_refine_tls.S[2][3] 
_pdbx_refine_tls.S[2][3]_esd 
_pdbx_refine_tls.S[3][1] 
_pdbx_refine_tls.S[3][1]_esd 
_pdbx_refine_tls.S[3][2] 
_pdbx_refine_tls.S[3][2]_esd 
_pdbx_refine_tls.S[3][3] 
_pdbx_refine_tls.S[3][3]_esd 
1 'X-RAY DIFFRACTION' ? refined 5.95618033575  0.7806950573  2.26718945682  0.340006286828 ? -0.046929563273 ? -0.152155550853 ? 0.641690609230 ? 0.033990103278  ? 0.489345911674 ? -0.071493244327 ? 0.054836983919  ? 0.179554125751  ? 0.009188564235 ? -0.275293203998 ? -0.031750994950 ? 0.718301976971  ? 0.370947039     ? 1.134953518952  ? 1.856418467031 ? -0.604961994373 ? -0.07250034069  ? -0.03987976490  ? 1.3107487104   ? 1.64354737452 ? 
2 'X-RAY DIFFRACTION' ? refined 6.24364693515  -0.4794888144 6.023205607075 0.644647679465 ? -0.078727093309 ? -0.043808175186 ? 0.756012818973 ? -0.000689885792 ? 0.617708197822 ? 0.060150650273  ? -0.066350261433 ? -0.183227430636 ? 0.035409749430 ? 0.033995417725  ? 0.238983364300  ? -0.224635339678 ? -1.023860058275 ? -0.014588524503 ? 0.70957979274  ? 0.331418546917  ? -1.26275177865  ? -0.34987265158  ? 0.358625765916 ? 0.153598727   ? 
3 'X-RAY DIFFRACTION' ? refined -3.9513171055  -3.4204846227 2.86311219283  0.363149799065 ? -0.051438957612 ? 0.029948729969  ? 0.388383767486 ? 0.006872056872  ? 0.450182004887 ? 0.528627384079  ? -0.307402736824 ? -0.280694310573 ? 0.602992146276 ? 0.161837823132  ? 0.217053655331  ? 0.461001159044  ? -0.020412909914 ? -0.519859570200 ? 0.204146853056 ? 0.631851397772  ? 0.562039284872  ? -0.424479356142 ? 0.130518864565 ? -0.8304462406 ? 
4 'X-RAY DIFFRACTION' ? refined -0.99683779178 -7.6401192941 0.68762112521  0.349075535867 ? -0.005511868356 ? 0.079344882132  ? 0.297199838442 ? -0.039127518761 ? 0.548840169537 ? 1.579412735618  ? -0.21384549034  ? -0.220601597425 ? 0.026035365426 ? 0.389752447743  ? -0.22121878007  ? 0.147514843293  ? 0.130465414123  ? -0.330341604565 ? 0.1304756224   ? -0.250181792117 ? -0.226902240322 ? 0.007667195738  ? -0.25426684311 ? 0.46382915577 ? 
# 
loop_
_pdbx_refine_tls_group.id 
_pdbx_refine_tls_group.pdbx_refine_id 
_pdbx_refine_tls_group.refine_tls_id 
_pdbx_refine_tls_group.beg_label_asym_id 
_pdbx_refine_tls_group.beg_label_seq_id 
_pdbx_refine_tls_group.beg_auth_asym_id 
_pdbx_refine_tls_group.beg_auth_seq_id 
_pdbx_refine_tls_group.beg_PDB_ins_code 
_pdbx_refine_tls_group.end_label_asym_id 
_pdbx_refine_tls_group.end_label_seq_id 
_pdbx_refine_tls_group.end_auth_asym_id 
_pdbx_refine_tls_group.end_auth_seq_id 
_pdbx_refine_tls_group.end_PDB_ins_code 
_pdbx_refine_tls_group.selection 
_pdbx_refine_tls_group.selection_details 
1 'X-RAY DIFFRACTION' 1 B 1  AA 1  ? B 10 AA 10 ? ? 
;chain 'A' and (resid 1 through 10 )
;
2 'X-RAY DIFFRACTION' 2 B 11 AA 11 ? B 19 AA 19 ? ? 
;chain 'A' and (resid 11 through 19 )
;
3 'X-RAY DIFFRACTION' 3 B 20 AA 20 ? B 36 AA 36 ? ? 
;chain 'A' and (resid 20 through 36 )
;
4 'X-RAY DIFFRACTION' 4 B 37 AA 37 ? B 63 AA 63 ? ? 
;chain 'A' and (resid 37 through 63 )
;
# 
loop_
_pdbx_unobs_or_zero_occ_residues.id 
_pdbx_unobs_or_zero_occ_residues.PDB_model_num 
_pdbx_unobs_or_zero_occ_residues.polymer_flag 
_pdbx_unobs_or_zero_occ_residues.occupancy_flag 
_pdbx_unobs_or_zero_occ_residues.auth_asym_id 
_pdbx_unobs_or_zero_occ_residues.auth_comp_id 
_pdbx_unobs_or_zero_occ_residues.auth_seq_id 
_pdbx_unobs_or_zero_occ_residues.PDB_ins_code 
_pdbx_unobs_or_zero_occ_residues.label_asym_id 
_pdbx_unobs_or_zero_occ_residues.label_comp_id 
_pdbx_unobs_or_zero_occ_residues.label_seq_id 
1 1 Y 1 AA GLU 64 ? A GLU 64 
2 1 Y 1 AA LYS 65 ? A LYS 65 
3 1 Y 1 AA LYS 66 ? A LYS 66 
# 
loop_
_chem_comp_atom.comp_id 
_chem_comp_atom.atom_id 
_chem_comp_atom.type_symbol 
_chem_comp_atom.pdbx_aromatic_flag 
_chem_comp_atom.pdbx_stereo_config 
_chem_comp_atom.pdbx_ordinal 
ALA N    N N N 1   
ALA CA   C N S 2   
ALA C    C N N 3   
ALA O    O N N 4   
ALA CB   C N N 5   
ALA OXT  O N N 6   
ALA H    H N N 7   
ALA H2   H N N 8   
ALA HA   H N N 9   
ALA HB1  H N N 10  
ALA HB2  H N N 11  
ALA HB3  H N N 12  
ALA HXT  H N N 13  
ARG N    N N N 14  
ARG CA   C N S 15  
ARG C    C N N 16  
ARG O    O N N 17  
ARG CB   C N N 18  
ARG CG   C N N 19  
ARG CD   C N N 20  
ARG NE   N N N 21  
ARG CZ   C N N 22  
ARG NH1  N N N 23  
ARG NH2  N N N 24  
ARG OXT  O N N 25  
ARG H    H N N 26  
ARG H2   H N N 27  
ARG HA   H N N 28  
ARG HB2  H N N 29  
ARG HB3  H N N 30  
ARG HG2  H N N 31  
ARG HG3  H N N 32  
ARG HD2  H N N 33  
ARG HD3  H N N 34  
ARG HE   H N N 35  
ARG HH11 H N N 36  
ARG HH12 H N N 37  
ARG HH21 H N N 38  
ARG HH22 H N N 39  
ARG HXT  H N N 40  
ASN N    N N N 41  
ASN CA   C N S 42  
ASN C    C N N 43  
ASN O    O N N 44  
ASN CB   C N N 45  
ASN CG   C N N 46  
ASN OD1  O N N 47  
ASN ND2  N N N 48  
ASN OXT  O N N 49  
ASN H    H N N 50  
ASN H2   H N N 51  
ASN HA   H N N 52  
ASN HB2  H N N 53  
ASN HB3  H N N 54  
ASN HD21 H N N 55  
ASN HD22 H N N 56  
ASN HXT  H N N 57  
ASP N    N N N 58  
ASP CA   C N S 59  
ASP C    C N N 60  
ASP O    O N N 61  
ASP CB   C N N 62  
ASP CG   C N N 63  
ASP OD1  O N N 64  
ASP OD2  O N N 65  
ASP OXT  O N N 66  
ASP H    H N N 67  
ASP H2   H N N 68  
ASP HA   H N N 69  
ASP HB2  H N N 70  
ASP HB3  H N N 71  
ASP HD2  H N N 72  
ASP HXT  H N N 73  
GLU N    N N N 74  
GLU CA   C N S 75  
GLU C    C N N 76  
GLU O    O N N 77  
GLU CB   C N N 78  
GLU CG   C N N 79  
GLU CD   C N N 80  
GLU OE1  O N N 81  
GLU OE2  O N N 82  
GLU OXT  O N N 83  
GLU H    H N N 84  
GLU H2   H N N 85  
GLU HA   H N N 86  
GLU HB2  H N N 87  
GLU HB3  H N N 88  
GLU HG2  H N N 89  
GLU HG3  H N N 90  
GLU HE2  H N N 91  
GLU HXT  H N N 92  
GLY N    N N N 93  
GLY CA   C N N 94  
GLY C    C N N 95  
GLY O    O N N 96  
GLY OXT  O N N 97  
GLY H    H N N 98  
GLY H2   H N N 99  
GLY HA2  H N N 100 
GLY HA3  H N N 101 
GLY HXT  H N N 102 
GOA C    C N N 103 
GOA CA   C N N 104 
GOA O    O N N 105 
GOA OXT  O N N 106 
GOA O2   O N N 107 
GOA H22  H N N 108 
GOA H21  H N N 109 
GOA HXT  H N N 110 
GOA H20  H N N 111 
HOH O    O N N 112 
HOH H1   H N N 113 
HOH H2   H N N 114 
ILE N    N N N 115 
ILE CA   C N S 116 
ILE C    C N N 117 
ILE O    O N N 118 
ILE CB   C N S 119 
ILE CG1  C N N 120 
ILE CG2  C N N 121 
ILE CD1  C N N 122 
ILE OXT  O N N 123 
ILE H    H N N 124 
ILE H2   H N N 125 
ILE HA   H N N 126 
ILE HB   H N N 127 
ILE HG12 H N N 128 
ILE HG13 H N N 129 
ILE HG21 H N N 130 
ILE HG22 H N N 131 
ILE HG23 H N N 132 
ILE HD11 H N N 133 
ILE HD12 H N N 134 
ILE HD13 H N N 135 
ILE HXT  H N N 136 
LEU N    N N N 137 
LEU CA   C N S 138 
LEU C    C N N 139 
LEU O    O N N 140 
LEU CB   C N N 141 
LEU CG   C N N 142 
LEU CD1  C N N 143 
LEU CD2  C N N 144 
LEU OXT  O N N 145 
LEU H    H N N 146 
LEU H2   H N N 147 
LEU HA   H N N 148 
LEU HB2  H N N 149 
LEU HB3  H N N 150 
LEU HG   H N N 151 
LEU HD11 H N N 152 
LEU HD12 H N N 153 
LEU HD13 H N N 154 
LEU HD21 H N N 155 
LEU HD22 H N N 156 
LEU HD23 H N N 157 
LEU HXT  H N N 158 
LYS N    N N N 159 
LYS CA   C N S 160 
LYS C    C N N 161 
LYS O    O N N 162 
LYS CB   C N N 163 
LYS CG   C N N 164 
LYS CD   C N N 165 
LYS CE   C N N 166 
LYS NZ   N N N 167 
LYS OXT  O N N 168 
LYS H    H N N 169 
LYS H2   H N N 170 
LYS HA   H N N 171 
LYS HB2  H N N 172 
LYS HB3  H N N 173 
LYS HG2  H N N 174 
LYS HG3  H N N 175 
LYS HD2  H N N 176 
LYS HD3  H N N 177 
LYS HE2  H N N 178 
LYS HE3  H N N 179 
LYS HZ1  H N N 180 
LYS HZ2  H N N 181 
LYS HZ3  H N N 182 
LYS HXT  H N N 183 
MET N    N N N 184 
MET CA   C N S 185 
MET C    C N N 186 
MET O    O N N 187 
MET CB   C N N 188 
MET CG   C N N 189 
MET SD   S N N 190 
MET CE   C N N 191 
MET OXT  O N N 192 
MET H    H N N 193 
MET H2   H N N 194 
MET HA   H N N 195 
MET HB2  H N N 196 
MET HB3  H N N 197 
MET HG2  H N N 198 
MET HG3  H N N 199 
MET HE1  H N N 200 
MET HE2  H N N 201 
MET HE3  H N N 202 
MET HXT  H N N 203 
PHE N    N N N 204 
PHE CA   C N S 205 
PHE C    C N N 206 
PHE O    O N N 207 
PHE CB   C N N 208 
PHE CG   C Y N 209 
PHE CD1  C Y N 210 
PHE CD2  C Y N 211 
PHE CE1  C Y N 212 
PHE CE2  C Y N 213 
PHE CZ   C Y N 214 
PHE OXT  O N N 215 
PHE H    H N N 216 
PHE H2   H N N 217 
PHE HA   H N N 218 
PHE HB2  H N N 219 
PHE HB3  H N N 220 
PHE HD1  H N N 221 
PHE HD2  H N N 222 
PHE HE1  H N N 223 
PHE HE2  H N N 224 
PHE HZ   H N N 225 
PHE HXT  H N N 226 
PRO N    N N N 227 
PRO CA   C N S 228 
PRO C    C N N 229 
PRO O    O N N 230 
PRO CB   C N N 231 
PRO CG   C N N 232 
PRO CD   C N N 233 
PRO OXT  O N N 234 
PRO H    H N N 235 
PRO HA   H N N 236 
PRO HB2  H N N 237 
PRO HB3  H N N 238 
PRO HG2  H N N 239 
PRO HG3  H N N 240 
PRO HD2  H N N 241 
PRO HD3  H N N 242 
PRO HXT  H N N 243 
SER N    N N N 244 
SER CA   C N S 245 
SER C    C N N 246 
SER O    O N N 247 
SER CB   C N N 248 
SER OG   O N N 249 
SER OXT  O N N 250 
SER H    H N N 251 
SER H2   H N N 252 
SER HA   H N N 253 
SER HB2  H N N 254 
SER HB3  H N N 255 
SER HG   H N N 256 
SER HXT  H N N 257 
THR N    N N N 258 
THR CA   C N S 259 
THR C    C N N 260 
THR O    O N N 261 
THR CB   C N R 262 
THR OG1  O N N 263 
THR CG2  C N N 264 
THR OXT  O N N 265 
THR H    H N N 266 
THR H2   H N N 267 
THR HA   H N N 268 
THR HB   H N N 269 
THR HG1  H N N 270 
THR HG21 H N N 271 
THR HG22 H N N 272 
THR HG23 H N N 273 
THR HXT  H N N 274 
TRP N    N N N 275 
TRP CA   C N S 276 
TRP C    C N N 277 
TRP O    O N N 278 
TRP CB   C N N 279 
TRP CG   C Y N 280 
TRP CD1  C Y N 281 
TRP CD2  C Y N 282 
TRP NE1  N Y N 283 
TRP CE2  C Y N 284 
TRP CE3  C Y N 285 
TRP CZ2  C Y N 286 
TRP CZ3  C Y N 287 
TRP CH2  C Y N 288 
TRP OXT  O N N 289 
TRP H    H N N 290 
TRP H2   H N N 291 
TRP HA   H N N 292 
TRP HB2  H N N 293 
TRP HB3  H N N 294 
TRP HD1  H N N 295 
TRP HE1  H N N 296 
TRP HE3  H N N 297 
TRP HZ2  H N N 298 
TRP HZ3  H N N 299 
TRP HH2  H N N 300 
TRP HXT  H N N 301 
TYR N    N N N 302 
TYR CA   C N S 303 
TYR C    C N N 304 
TYR O    O N N 305 
TYR CB   C N N 306 
TYR CG   C Y N 307 
TYR CD1  C Y N 308 
TYR CD2  C Y N 309 
TYR CE1  C Y N 310 
TYR CE2  C Y N 311 
TYR CZ   C Y N 312 
TYR OH   O N N 313 
TYR OXT  O N N 314 
TYR H    H N N 315 
TYR H2   H N N 316 
TYR HA   H N N 317 
TYR HB2  H N N 318 
TYR HB3  H N N 319 
TYR HD1  H N N 320 
TYR HD2  H N N 321 
TYR HE1  H N N 322 
TYR HE2  H N N 323 
TYR HH   H N N 324 
TYR HXT  H N N 325 
V4F C    C N N 326 
V4F CAF  C Y N 327 
V4F CAD  C Y N 328 
V4F CAE  C Y N 329 
V4F CAL  C Y N 330 
V4F CAM  C Y N 331 
V4F CAJ  C Y N 332 
V4F CAK  C Y N 333 
V4F CAG  C Y N 334 
V4F CAI  C Y N 335 
V4F C01  C N N 336 
V4F CA   C N N 337 
V4F NAH  N Y N 338 
V4F N    N N N 339 
V4F O    O N N 340 
V4F O01  O N N 341 
V4F O3   O N N 342 
V4F O2   O N N 343 
V4F O1   O N N 344 
V4F P    P N N 345 
V4F HAD  H N N 346 
V4F HAK  H N N 347 
V4F HAG  H N N 348 
V4F HAI  H N N 349 
V4F H3   H N N 350 
V4F HA1  H N N 351 
V4F HA2  H N N 352 
V4F H    H N N 353 
V4F H2   H N N 354 
V4F HPO3 H N N 355 
V4F HPO2 H N N 356 
V4F OXT  O N N 357 
V4F H1   H N N 358 
V4F HXT  H N N 359 
V53 C    C N N 360 
V53 CAF  C Y N 361 
V53 CAD  C Y N 362 
V53 CAJ  C Y N 363 
V53 CAL  C Y N 364 
V53 CAM  C Y N 365 
V53 CA   C Y N 366 
V53 CAK  C Y N 367 
V53 CAG  C Y N 368 
V53 CAI  C Y N 369 
V53 C01  C N N 370 
V53 NAH  N Y N 371 
V53 N    N N N 372 
V53 O    O N N 373 
V53 O01  O N N 374 
V53 O1   O N N 375 
V53 O2   O N N 376 
V53 O3   O N N 377 
V53 P    P N N 378 
V53 HAK  H N N 379 
V53 HAG  H N N 380 
V53 HAI  H N N 381 
V53 H    H N N 382 
V53 H2   H N N 383 
V53 OXT  O N N 384 
V53 HXT  H N N 385 
V53 HAD  H N N 386 
V53 HPO2 H N N 387 
V53 HPO3 H N N 388 
V53 H1   H N N 389 
V53 H3   H N N 390 
V5F C    C N N 391 
V5F C6   C N R 392 
V5F C2   C Y N 393 
V5F C1   C Y N 394 
V5F CA   C Y N 395 
V5F C5   C Y N 396 
V5F C4   C Y N 397 
V5F C3   C Y N 398 
V5F CB   C N N 399 
V5F N    N N N 400 
V5F O    O N N 401 
V5F O1   O N N 402 
V5F H6   H N N 403 
V5F H5   H N N 404 
V5F H4   H N N 405 
V5F H1   H N N 406 
V5F H3   H N N 407 
V5F HB1  H N N 408 
V5F HB2  H N N 409 
V5F HB3  H N N 410 
V5F H    H N N 411 
V5F OXT  O N N 412 
V5F HXT  H N N 413 
V5F H2   H N N 414 
VAL N    N N N 415 
VAL CA   C N S 416 
VAL C    C N N 417 
VAL O    O N N 418 
VAL CB   C N N 419 
VAL CG1  C N N 420 
VAL CG2  C N N 421 
VAL OXT  O N N 422 
VAL H    H N N 423 
VAL H2   H N N 424 
VAL HA   H N N 425 
VAL HB   H N N 426 
VAL HG11 H N N 427 
VAL HG12 H N N 428 
VAL HG13 H N N 429 
VAL HG21 H N N 430 
VAL HG22 H N N 431 
VAL HG23 H N N 432 
VAL HXT  H N N 433 
# 
loop_
_chem_comp_bond.comp_id 
_chem_comp_bond.atom_id_1 
_chem_comp_bond.atom_id_2 
_chem_comp_bond.value_order 
_chem_comp_bond.pdbx_aromatic_flag 
_chem_comp_bond.pdbx_stereo_config 
_chem_comp_bond.pdbx_ordinal 
ALA N   CA   sing N N 1   
ALA N   H    sing N N 2   
ALA N   H2   sing N N 3   
ALA CA  C    sing N N 4   
ALA CA  CB   sing N N 5   
ALA CA  HA   sing N N 6   
ALA C   O    doub N N 7   
ALA C   OXT  sing N N 8   
ALA CB  HB1  sing N N 9   
ALA CB  HB2  sing N N 10  
ALA CB  HB3  sing N N 11  
ALA OXT HXT  sing N N 12  
ARG N   CA   sing N N 13  
ARG N   H    sing N N 14  
ARG N   H2   sing N N 15  
ARG CA  C    sing N N 16  
ARG CA  CB   sing N N 17  
ARG CA  HA   sing N N 18  
ARG C   O    doub N N 19  
ARG C   OXT  sing N N 20  
ARG CB  CG   sing N N 21  
ARG CB  HB2  sing N N 22  
ARG CB  HB3  sing N N 23  
ARG CG  CD   sing N N 24  
ARG CG  HG2  sing N N 25  
ARG CG  HG3  sing N N 26  
ARG CD  NE   sing N N 27  
ARG CD  HD2  sing N N 28  
ARG CD  HD3  sing N N 29  
ARG NE  CZ   sing N N 30  
ARG NE  HE   sing N N 31  
ARG CZ  NH1  sing N N 32  
ARG CZ  NH2  doub N N 33  
ARG NH1 HH11 sing N N 34  
ARG NH1 HH12 sing N N 35  
ARG NH2 HH21 sing N N 36  
ARG NH2 HH22 sing N N 37  
ARG OXT HXT  sing N N 38  
ASN N   CA   sing N N 39  
ASN N   H    sing N N 40  
ASN N   H2   sing N N 41  
ASN CA  C    sing N N 42  
ASN CA  CB   sing N N 43  
ASN CA  HA   sing N N 44  
ASN C   O    doub N N 45  
ASN C   OXT  sing N N 46  
ASN CB  CG   sing N N 47  
ASN CB  HB2  sing N N 48  
ASN CB  HB3  sing N N 49  
ASN CG  OD1  doub N N 50  
ASN CG  ND2  sing N N 51  
ASN ND2 HD21 sing N N 52  
ASN ND2 HD22 sing N N 53  
ASN OXT HXT  sing N N 54  
ASP N   CA   sing N N 55  
ASP N   H    sing N N 56  
ASP N   H2   sing N N 57  
ASP CA  C    sing N N 58  
ASP CA  CB   sing N N 59  
ASP CA  HA   sing N N 60  
ASP C   O    doub N N 61  
ASP C   OXT  sing N N 62  
ASP CB  CG   sing N N 63  
ASP CB  HB2  sing N N 64  
ASP CB  HB3  sing N N 65  
ASP CG  OD1  doub N N 66  
ASP CG  OD2  sing N N 67  
ASP OD2 HD2  sing N N 68  
ASP OXT HXT  sing N N 69  
GLU N   CA   sing N N 70  
GLU N   H    sing N N 71  
GLU N   H2   sing N N 72  
GLU CA  C    sing N N 73  
GLU CA  CB   sing N N 74  
GLU CA  HA   sing N N 75  
GLU C   O    doub N N 76  
GLU C   OXT  sing N N 77  
GLU CB  CG   sing N N 78  
GLU CB  HB2  sing N N 79  
GLU CB  HB3  sing N N 80  
GLU CG  CD   sing N N 81  
GLU CG  HG2  sing N N 82  
GLU CG  HG3  sing N N 83  
GLU CD  OE1  doub N N 84  
GLU CD  OE2  sing N N 85  
GLU OE2 HE2  sing N N 86  
GLU OXT HXT  sing N N 87  
GLY N   CA   sing N N 88  
GLY N   H    sing N N 89  
GLY N   H2   sing N N 90  
GLY CA  C    sing N N 91  
GLY CA  HA2  sing N N 92  
GLY CA  HA3  sing N N 93  
GLY C   O    doub N N 94  
GLY C   OXT  sing N N 95  
GLY OXT HXT  sing N N 96  
GOA C   CA   sing N N 97  
GOA C   O    doub N N 98  
GOA C   OXT  sing N N 99  
GOA CA  O2   sing N N 100 
GOA CA  H22  sing N N 101 
GOA CA  H21  sing N N 102 
GOA OXT HXT  sing N N 103 
GOA O2  H20  sing N N 104 
HOH O   H1   sing N N 105 
HOH O   H2   sing N N 106 
ILE N   CA   sing N N 107 
ILE N   H    sing N N 108 
ILE N   H2   sing N N 109 
ILE CA  C    sing N N 110 
ILE CA  CB   sing N N 111 
ILE CA  HA   sing N N 112 
ILE C   O    doub N N 113 
ILE C   OXT  sing N N 114 
ILE CB  CG1  sing N N 115 
ILE CB  CG2  sing N N 116 
ILE CB  HB   sing N N 117 
ILE CG1 CD1  sing N N 118 
ILE CG1 HG12 sing N N 119 
ILE CG1 HG13 sing N N 120 
ILE CG2 HG21 sing N N 121 
ILE CG2 HG22 sing N N 122 
ILE CG2 HG23 sing N N 123 
ILE CD1 HD11 sing N N 124 
ILE CD1 HD12 sing N N 125 
ILE CD1 HD13 sing N N 126 
ILE OXT HXT  sing N N 127 
LEU N   CA   sing N N 128 
LEU N   H    sing N N 129 
LEU N   H2   sing N N 130 
LEU CA  C    sing N N 131 
LEU CA  CB   sing N N 132 
LEU CA  HA   sing N N 133 
LEU C   O    doub N N 134 
LEU C   OXT  sing N N 135 
LEU CB  CG   sing N N 136 
LEU CB  HB2  sing N N 137 
LEU CB  HB3  sing N N 138 
LEU CG  CD1  sing N N 139 
LEU CG  CD2  sing N N 140 
LEU CG  HG   sing N N 141 
LEU CD1 HD11 sing N N 142 
LEU CD1 HD12 sing N N 143 
LEU CD1 HD13 sing N N 144 
LEU CD2 HD21 sing N N 145 
LEU CD2 HD22 sing N N 146 
LEU CD2 HD23 sing N N 147 
LEU OXT HXT  sing N N 148 
LYS N   CA   sing N N 149 
LYS N   H    sing N N 150 
LYS N   H2   sing N N 151 
LYS CA  C    sing N N 152 
LYS CA  CB   sing N N 153 
LYS CA  HA   sing N N 154 
LYS C   O    doub N N 155 
LYS C   OXT  sing N N 156 
LYS CB  CG   sing N N 157 
LYS CB  HB2  sing N N 158 
LYS CB  HB3  sing N N 159 
LYS CG  CD   sing N N 160 
LYS CG  HG2  sing N N 161 
LYS CG  HG3  sing N N 162 
LYS CD  CE   sing N N 163 
LYS CD  HD2  sing N N 164 
LYS CD  HD3  sing N N 165 
LYS CE  NZ   sing N N 166 
LYS CE  HE2  sing N N 167 
LYS CE  HE3  sing N N 168 
LYS NZ  HZ1  sing N N 169 
LYS NZ  HZ2  sing N N 170 
LYS NZ  HZ3  sing N N 171 
LYS OXT HXT  sing N N 172 
MET N   CA   sing N N 173 
MET N   H    sing N N 174 
MET N   H2   sing N N 175 
MET CA  C    sing N N 176 
MET CA  CB   sing N N 177 
MET CA  HA   sing N N 178 
MET C   O    doub N N 179 
MET C   OXT  sing N N 180 
MET CB  CG   sing N N 181 
MET CB  HB2  sing N N 182 
MET CB  HB3  sing N N 183 
MET CG  SD   sing N N 184 
MET CG  HG2  sing N N 185 
MET CG  HG3  sing N N 186 
MET SD  CE   sing N N 187 
MET CE  HE1  sing N N 188 
MET CE  HE2  sing N N 189 
MET CE  HE3  sing N N 190 
MET OXT HXT  sing N N 191 
PHE N   CA   sing N N 192 
PHE N   H    sing N N 193 
PHE N   H2   sing N N 194 
PHE CA  C    sing N N 195 
PHE CA  CB   sing N N 196 
PHE CA  HA   sing N N 197 
PHE C   O    doub N N 198 
PHE C   OXT  sing N N 199 
PHE CB  CG   sing N N 200 
PHE CB  HB2  sing N N 201 
PHE CB  HB3  sing N N 202 
PHE CG  CD1  doub Y N 203 
PHE CG  CD2  sing Y N 204 
PHE CD1 CE1  sing Y N 205 
PHE CD1 HD1  sing N N 206 
PHE CD2 CE2  doub Y N 207 
PHE CD2 HD2  sing N N 208 
PHE CE1 CZ   doub Y N 209 
PHE CE1 HE1  sing N N 210 
PHE CE2 CZ   sing Y N 211 
PHE CE2 HE2  sing N N 212 
PHE CZ  HZ   sing N N 213 
PHE OXT HXT  sing N N 214 
PRO N   CA   sing N N 215 
PRO N   CD   sing N N 216 
PRO N   H    sing N N 217 
PRO CA  C    sing N N 218 
PRO CA  CB   sing N N 219 
PRO CA  HA   sing N N 220 
PRO C   O    doub N N 221 
PRO C   OXT  sing N N 222 
PRO CB  CG   sing N N 223 
PRO CB  HB2  sing N N 224 
PRO CB  HB3  sing N N 225 
PRO CG  CD   sing N N 226 
PRO CG  HG2  sing N N 227 
PRO CG  HG3  sing N N 228 
PRO CD  HD2  sing N N 229 
PRO CD  HD3  sing N N 230 
PRO OXT HXT  sing N N 231 
SER N   CA   sing N N 232 
SER N   H    sing N N 233 
SER N   H2   sing N N 234 
SER CA  C    sing N N 235 
SER CA  CB   sing N N 236 
SER CA  HA   sing N N 237 
SER C   O    doub N N 238 
SER C   OXT  sing N N 239 
SER CB  OG   sing N N 240 
SER CB  HB2  sing N N 241 
SER CB  HB3  sing N N 242 
SER OG  HG   sing N N 243 
SER OXT HXT  sing N N 244 
THR N   CA   sing N N 245 
THR N   H    sing N N 246 
THR N   H2   sing N N 247 
THR CA  C    sing N N 248 
THR CA  CB   sing N N 249 
THR CA  HA   sing N N 250 
THR C   O    doub N N 251 
THR C   OXT  sing N N 252 
THR CB  OG1  sing N N 253 
THR CB  CG2  sing N N 254 
THR CB  HB   sing N N 255 
THR OG1 HG1  sing N N 256 
THR CG2 HG21 sing N N 257 
THR CG2 HG22 sing N N 258 
THR CG2 HG23 sing N N 259 
THR OXT HXT  sing N N 260 
TRP N   CA   sing N N 261 
TRP N   H    sing N N 262 
TRP N   H2   sing N N 263 
TRP CA  C    sing N N 264 
TRP CA  CB   sing N N 265 
TRP CA  HA   sing N N 266 
TRP C   O    doub N N 267 
TRP C   OXT  sing N N 268 
TRP CB  CG   sing N N 269 
TRP CB  HB2  sing N N 270 
TRP CB  HB3  sing N N 271 
TRP CG  CD1  doub Y N 272 
TRP CG  CD2  sing Y N 273 
TRP CD1 NE1  sing Y N 274 
TRP CD1 HD1  sing N N 275 
TRP CD2 CE2  doub Y N 276 
TRP CD2 CE3  sing Y N 277 
TRP NE1 CE2  sing Y N 278 
TRP NE1 HE1  sing N N 279 
TRP CE2 CZ2  sing Y N 280 
TRP CE3 CZ3  doub Y N 281 
TRP CE3 HE3  sing N N 282 
TRP CZ2 CH2  doub Y N 283 
TRP CZ2 HZ2  sing N N 284 
TRP CZ3 CH2  sing Y N 285 
TRP CZ3 HZ3  sing N N 286 
TRP CH2 HH2  sing N N 287 
TRP OXT HXT  sing N N 288 
TYR N   CA   sing N N 289 
TYR N   H    sing N N 290 
TYR N   H2   sing N N 291 
TYR CA  C    sing N N 292 
TYR CA  CB   sing N N 293 
TYR CA  HA   sing N N 294 
TYR C   O    doub N N 295 
TYR C   OXT  sing N N 296 
TYR CB  CG   sing N N 297 
TYR CB  HB2  sing N N 298 
TYR CB  HB3  sing N N 299 
TYR CG  CD1  doub Y N 300 
TYR CG  CD2  sing Y N 301 
TYR CD1 CE1  sing Y N 302 
TYR CD1 HD1  sing N N 303 
TYR CD2 CE2  doub Y N 304 
TYR CD2 HD2  sing N N 305 
TYR CE1 CZ   doub Y N 306 
TYR CE1 HE1  sing N N 307 
TYR CE2 CZ   sing Y N 308 
TYR CE2 HE2  sing N N 309 
TYR CZ  OH   sing N N 310 
TYR OH  HH   sing N N 311 
TYR OXT HXT  sing N N 312 
V4F CAK CAG  doub Y N 313 
V4F CAK CAJ  sing Y N 314 
V4F CA  CAJ  sing N N 315 
V4F CA  N    sing N N 316 
V4F CAG CAI  sing Y N 317 
V4F CAJ CAM  doub Y N 318 
V4F CAI CAL  doub Y N 319 
V4F CAM CAL  sing Y N 320 
V4F CAM NAH  sing Y N 321 
V4F CAL CAF  sing Y N 322 
V4F NAH CAE  doub Y N 323 
V4F CAF O01  sing N N 324 
V4F CAF CAD  doub Y N 325 
V4F O1  P    doub N N 326 
V4F O01 C01  sing N N 327 
V4F CAE CAD  sing Y N 328 
V4F CAE C    sing N N 329 
V4F C   O    doub N N 330 
V4F P   C01  sing N N 331 
V4F P   O3   sing N N 332 
V4F P   O2   sing N N 333 
V4F CAD HAD  sing N N 334 
V4F CAK HAK  sing N N 335 
V4F CAG HAG  sing N N 336 
V4F CAI HAI  sing N N 337 
V4F C01 H3   sing N N 338 
V4F CA  HA1  sing N N 339 
V4F CA  HA2  sing N N 340 
V4F N   H    sing N N 341 
V4F N   H2   sing N N 342 
V4F O3  HPO3 sing N N 343 
V4F O2  HPO2 sing N N 344 
V4F C   OXT  sing N N 345 
V4F C01 H1   sing N N 346 
V4F OXT HXT  sing N N 347 
V53 O   C    doub N N 348 
V53 C   CAJ  sing N N 349 
V53 CAJ CAD  doub Y N 350 
V53 CAJ NAH  sing Y N 351 
V53 O1  P    doub N N 352 
V53 CAD CAF  sing Y N 353 
V53 C01 P    sing N N 354 
V53 C01 O01  sing N N 355 
V53 NAH CAM  doub Y N 356 
V53 P   O3   sing N N 357 
V53 P   O2   sing N N 358 
V53 CAF O01  sing N N 359 
V53 CAF CAL  doub Y N 360 
V53 CAM CAL  sing Y N 361 
V53 CAM CA   sing Y N 362 
V53 CAL CAI  sing Y N 363 
V53 N   CA   sing N N 364 
V53 CA  CAK  doub Y N 365 
V53 CAI CAG  doub Y N 366 
V53 CAK CAG  sing Y N 367 
V53 CAK HAK  sing N N 368 
V53 CAG HAG  sing N N 369 
V53 CAI HAI  sing N N 370 
V53 N   H    sing N N 371 
V53 C   OXT  sing N N 372 
V53 OXT HXT  sing N N 373 
V53 H2  N    sing N N 374 
V53 CAD HAD  sing N N 375 
V53 O2  HPO2 sing N N 376 
V53 O3  HPO3 sing N N 377 
V53 C01 H1   sing N N 378 
V53 C01 H3   sing N N 379 
V5F C3  C2   doub Y N 380 
V5F C3  C4   sing Y N 381 
V5F C2  C1   sing Y N 382 
V5F C4  C5   doub Y N 383 
V5F CB  C6   sing N N 384 
V5F C6  O1   sing N N 385 
V5F C6  C    sing N N 386 
V5F C1  CA   doub Y N 387 
V5F C1  O1   sing N N 388 
V5F C5  CA   sing Y N 389 
V5F O   C    doub N N 390 
V5F CA  N    sing N N 391 
V5F C6  H6   sing N N 392 
V5F C2  H5   sing N N 393 
V5F C5  H4   sing N N 394 
V5F C4  H1   sing N N 395 
V5F C3  H3   sing N N 396 
V5F CB  HB1  sing N N 397 
V5F CB  HB2  sing N N 398 
V5F CB  HB3  sing N N 399 
V5F N   H    sing N N 400 
V5F C   OXT  sing N N 401 
V5F OXT HXT  sing N N 402 
V5F N   H2   sing N N 403 
VAL N   CA   sing N N 404 
VAL N   H    sing N N 405 
VAL N   H2   sing N N 406 
VAL CA  C    sing N N 407 
VAL CA  CB   sing N N 408 
VAL CA  HA   sing N N 409 
VAL C   O    doub N N 410 
VAL C   OXT  sing N N 411 
VAL CB  CG1  sing N N 412 
VAL CB  CG2  sing N N 413 
VAL CB  HB   sing N N 414 
VAL CG1 HG11 sing N N 415 
VAL CG1 HG12 sing N N 416 
VAL CG1 HG13 sing N N 417 
VAL CG2 HG21 sing N N 418 
VAL CG2 HG22 sing N N 419 
VAL CG2 HG23 sing N N 420 
VAL OXT HXT  sing N N 421 
# 
_pdbx_audit_support.funding_organization   'European Research Council (ERC)' 
_pdbx_audit_support.country                'European Union' 
_pdbx_audit_support.grant_number           ? 
_pdbx_audit_support.ordinal                1 
# 
_pdbx_initial_refinement_model.id               1 
_pdbx_initial_refinement_model.entity_id_list   ? 
_pdbx_initial_refinement_model.type             'experimental model' 
_pdbx_initial_refinement_model.source_name      PDB 
_pdbx_initial_refinement_model.accession_code   1azq 
_pdbx_initial_refinement_model.details          ? 
# 
_space_group.name_H-M_alt     'P 64 2 2' 
_space_group.name_Hall        'P 64 2 (x,y,z+1/6)' 
_space_group.IT_number        181 
_space_group.crystal_system   hexagonal 
_space_group.id               1 
# 
_atom_sites.entry_id                    8CMN 
_atom_sites.Cartn_transf_matrix[1][1]   ? 
_atom_sites.Cartn_transf_matrix[1][2]   ? 
_atom_sites.Cartn_transf_matrix[1][3]   ? 
_atom_sites.Cartn_transf_matrix[2][1]   ? 
_atom_sites.Cartn_transf_matrix[2][2]   ? 
_atom_sites.Cartn_transf_matrix[2][3]   ? 
_atom_sites.Cartn_transf_matrix[3][1]   ? 
_atom_sites.Cartn_transf_matrix[3][2]   ? 
_atom_sites.Cartn_transf_matrix[3][3]   ? 
_atom_sites.Cartn_transf_vector[1]      ? 
_atom_sites.Cartn_transf_vector[2]      ? 
_atom_sites.Cartn_transf_vector[3]      ? 
_atom_sites.fract_transf_matrix[1][1]   0.00323785 
_atom_sites.fract_transf_matrix[1][2]   -0.00414704 
_atom_sites.fract_transf_matrix[1][3]   -0.01529044 
_atom_sites.fract_transf_matrix[2][1]   -0.00446587 
_atom_sites.fract_transf_matrix[2][2]   -0.01451257 
_atom_sites.fract_transf_matrix[2][3]   -0.00555969 
_atom_sites.fract_transf_matrix[3][1]   -0.00755893 
_atom_sites.fract_transf_matrix[3][2]   0.00328007 
_atom_sites.fract_transf_matrix[3][3]   -0.00249027 
_atom_sites.fract_transf_vector[1]      -0.220165 
_atom_sites.fract_transf_vector[2]      -0.275136 
_atom_sites.fract_transf_vector[3]      0.067771 
_atom_sites.solution_primary            ? 
_atom_sites.solution_secondary          ? 
_atom_sites.solution_hydrogens          ? 
_atom_sites.special_details             ? 
# 
loop_
_atom_type.symbol 
_atom_type.scat_dispersion_real 
_atom_type.scat_dispersion_imag 
_atom_type.scat_Cromer_Mann_a1 
_atom_type.scat_Cromer_Mann_a2 
_atom_type.scat_Cromer_Mann_a3 
_atom_type.scat_Cromer_Mann_a4 
_atom_type.scat_Cromer_Mann_b1 
_atom_type.scat_Cromer_Mann_b2 
_atom_type.scat_Cromer_Mann_b3 
_atom_type.scat_Cromer_Mann_b4 
_atom_type.scat_Cromer_Mann_c 
_atom_type.scat_source 
_atom_type.scat_dispersion_source 
C   ? ? 3.54356 2.42580 ? ? 25.62398 1.50364  ? ? 0.0 
;2-Gaussian fit: Grosse-Kunstleve RW, Sauter NK, Adams PD: Newsletter of the IUCr Commission on Crystallographic Computing 2004, 3, 22-31.
;
? 
N   ? ? 4.01032 2.96436 ? ? 19.97189 1.75589  ? ? 0.0 
;2-Gaussian fit: Grosse-Kunstleve RW, Sauter NK, Adams PD: Newsletter of the IUCr Commission on Crystallographic Computing 2004, 3, 22-31.
;
? 
O   ? ? 7.96527 ?       ? ? 9.05267  ?        ? ? 0.0 
;1-Gaussian fit: Grosse-Kunstleve RW, Sauter NK, Adams PD: Newsletter of the IUCr Commission on Crystallographic Computing 2004, 3, 22-31.
;
? 
O1- ? ? 5.12366 3.84317 ? ? 3.49406  27.47979 ? ? 0.0 
;2-Gaussian fit: Grosse-Kunstleve RW, Sauter NK, Adams PD: Newsletter of the IUCr Commission on Crystallographic Computing 2004, 3, 22-31.
;
? 
P   ? ? 9.51135 5.44231 ? ? 1.42069  35.72801 ? ? 0.0 
;2-Gaussian fit: Grosse-Kunstleve RW, Sauter NK, Adams PD: Newsletter of the IUCr Commission on Crystallographic Computing 2004, 3, 22-31.
;
? 
S   ? ? 9.55732 6.39887 ? ? 1.23737  29.19336 ? ? 0.0 
;2-Gaussian fit: Grosse-Kunstleve RW, Sauter NK, Adams PD: Newsletter of the IUCr Commission on Crystallographic Computing 2004, 3, 22-31.
;
? 
# 
loop_
_atom_site.group_PDB 
_atom_site.id 
_atom_site.type_symbol 
_atom_site.label_atom_id 
_atom_site.label_alt_id 
_atom_site.label_comp_id 
_atom_site.label_asym_id 
_atom_site.label_entity_id 
_atom_site.label_seq_id 
_atom_site.pdbx_PDB_ins_code 
_atom_site.Cartn_x 
_atom_site.Cartn_y 
_atom_site.Cartn_z 
_atom_site.occupancy 
_atom_site.B_iso_or_equiv 
_atom_site.pdbx_formal_charge 
_atom_site.auth_seq_id 
_atom_site.auth_comp_id 
_atom_site.auth_asym_id 
_atom_site.auth_atom_id 
_atom_site.pdbx_PDB_model_num 
ATOM   1   N N   . MET A 1 1  ? 9.18853   -11.44619 7.41435   1.000 72.69376  ?  1   MET AA N   1 
ATOM   2   C CA  . MET A 1 1  ? 10.41961  -10.70835 7.15275   1.000 81.86715  ?  1   MET AA CA  1 
ATOM   3   C C   . MET A 1 1  ? 10.43483  -10.21393 5.70395   1.000 84.56577  ?  1   MET AA C   1 
ATOM   4   O O   . MET A 1 1  ? 11.47174  -10.12567 5.05052   1.000 84.94128  ?  1   MET AA O   1 
ATOM   5   C CB  . MET A 1 1  ? 11.64379  -11.58535 7.48646   1.000 102.29737 ?  1   MET AA CB  1 
ATOM   6   C CG  . MET A 1 1  ? 13.05669  -11.01920 7.19569   1.000 107.70138 ?  1   MET AA CG  1 
ATOM   7   S SD  . MET A 1 1  ? 13.29152  -9.22245  7.28307   1.000 134.27061 ?  1   MET AA SD  1 
ATOM   8   C CE  . MET A 1 1  ? 12.53335  -8.80213  8.85030   1.000 100.87443 ?  1   MET AA CE  1 
ATOM   9   N N   . VAL A 1 2  ? 9.26582   -9.87287  5.18605   1.000 84.54771  ?  2   VAL AA N   1 
ATOM   10  C CA  . VAL A 1 2  ? 9.16555   -9.27904  3.86280   1.000 68.04553  ?  2   VAL AA CA  1 
ATOM   11  C C   . VAL A 1 2  ? 8.72202   -7.83937  4.03422   1.000 73.74901  ?  2   VAL AA C   1 
ATOM   12  O O   . VAL A 1 2  ? 7.80459   -7.54783  4.80977   1.000 69.60627  ?  2   VAL AA O   1 
ATOM   13  C CB  . VAL A 1 2  ? 8.21273   -10.06386 2.94894   1.000 68.61051  ?  2   VAL AA CB  1 
ATOM   14  C CG1 . VAL A 1 2  ? 8.00220   -9.31380  1.64486   1.000 62.26713  ?  2   VAL AA CG1 1 
ATOM   15  C CG2 . VAL A 1 2  ? 8.79656   -11.43629 2.67518   1.000 74.57411  ?  2   VAL AA CG2 1 
ATOM   16  N N   . LYS A 1 3  ? 9.38828   -6.94403  3.32664   1.000 65.28518  ?  3   LYS AA N   1 
ATOM   17  C CA  . LYS A 1 3  ? 9.19408   -5.51771  3.48283   1.000 64.25368  ?  3   LYS AA CA  1 
ATOM   18  C C   . LYS A 1 3  ? 8.37939   -4.98864  2.31308   1.000 54.67790  ?  3   LYS AA C   1 
ATOM   19  O O   . LYS A 1 3  ? 8.68537   -5.28203  1.15385   1.000 64.66658  ?  3   LYS AA O   1 
ATOM   20  C CB  . LYS A 1 3  ? 10.54966  -4.82655  3.57181   1.000 65.79886  ?  3   LYS AA CB  1 
ATOM   21  C CG  . LYS A 1 3  ? 10.51266  -3.37194  3.28405   1.000 76.12281  ?  3   LYS AA CG  1 
ATOM   22  C CD  . LYS A 1 3  ? 11.91656  -2.82379  3.16901   1.000 72.91688  ?  3   LYS AA CD  1 
ATOM   23  C CE  . LYS A 1 3  ? 12.76799  -3.17938  4.37115   1.000 70.10628  ?  3   LYS AA CE  1 
ATOM   24  N NZ  . LYS A 1 3  ? 13.59135  -2.00679  4.77744   1.000 101.25311 ?  3   LYS AA NZ  1 
ATOM   25  N N   . VAL A 1 4  ? 7.32870   -4.23661  2.62439   1.000 57.67240  ?  4   VAL AA N   1 
ATOM   26  C CA  . VAL A 1 4  ? 6.47999   -3.57988  1.64460   1.000 50.61903  ?  4   VAL AA CA  1 
ATOM   27  C C   . VAL A 1 4  ? 6.79136   -2.09521  1.71807   1.000 57.01174  ?  4   VAL AA C   1 
ATOM   28  O O   . VAL A 1 4  ? 6.61062   -1.46643  2.76945   1.000 67.54325  ?  4   VAL AA O   1 
ATOM   29  C CB  . VAL A 1 4  ? 4.99240   -3.84561  1.91895   1.000 61.19152  ?  4   VAL AA CB  1 
ATOM   30  C CG1 . VAL A 1 4  ? 4.13208   -3.18676  0.86621   1.000 48.90457  ?  4   VAL AA CG1 1 
ATOM   31  C CG2 . VAL A 1 4  ? 4.72014   -5.33881  1.97929   1.000 60.55076  ?  4   VAL AA CG2 1 
ATOM   32  N N   . LYS A 1 5  ? 7.28096   -1.54331  0.61660   1.000 54.26810  ?  5   LYS AA N   1 
ATOM   33  C CA  . LYS A 1 5  ? 7.59239   -0.12628  0.52266   1.000 52.69915  ?  5   LYS AA CA  1 
ATOM   34  C C   . LYS A 1 5  ? 6.44476   0.56083   -0.19542  1.000 51.20139  ?  5   LYS AA C   1 
ATOM   35  O O   . LYS A 1 5  ? 6.13644   0.22726   -1.34551  1.000 60.00723  ?  5   LYS AA O   1 
ATOM   36  C CB  . LYS A 1 5  ? 8.90583   0.09800   -0.21946  1.000 58.01644  ?  5   LYS AA CB  1 
ATOM   37  C CG  . LYS A 1 5  ? 9.95311   -0.95152  0.06316   1.000 58.09511  ?  5   LYS AA CG  1 
ATOM   38  C CD  . LYS A 1 5  ? 11.30700  -0.45497  -0.37507  1.000 64.95722  ?  5   LYS AA CD  1 
ATOM   39  C CE  . LYS A 1 5  ? 12.40509  -1.37379  0.10948   1.000 76.05554  ?  5   LYS AA CE  1 
ATOM   40  N NZ  . LYS A 1 5  ? 13.75587  -0.80705  -0.13960  1.000 79.01273  ?  5   LYS AA NZ  1 
ATOM   41  N N   . PHE A 1 6  ? 5.81116   1.51220   0.47775   1.000 45.39941  ?  6   PHE AA N   1 
ATOM   42  C CA  . PHE A 1 6  ? 4.61880   2.13933   -0.06896  1.000 54.67743  ?  6   PHE AA CA  1 
ATOM   43  C C   . PHE A 1 6  ? 4.67927   3.63869   0.15718   1.000 52.17671  ?  6   PHE AA C   1 
ATOM   44  O O   . PHE A 1 6  ? 5.34219   4.12422   1.07165   1.000 60.90365  ?  6   PHE AA O   1 
ATOM   45  C CB  . PHE A 1 6  ? 3.34420   1.56597   0.55851   1.000 39.57095  ?  6   PHE AA CB  1 
ATOM   46  C CG  . PHE A 1 6  ? 3.24606   1.80201   2.03196   1.000 53.77933  ?  6   PHE AA CG  1 
ATOM   47  C CD1 . PHE A 1 6  ? 3.96143   1.01651   2.92097   1.000 50.68041  ?  6   PHE AA CD1 1 
ATOM   48  C CD2 . PHE A 1 6  ? 2.44852   2.81801   2.52992   1.000 55.02026  ?  6   PHE AA CD2 1 
ATOM   49  C CE1 . PHE A 1 6  ? 3.87699   1.23519   4.27748   1.000 60.61043  ?  6   PHE AA CE1 1 
ATOM   50  C CE2 . PHE A 1 6  ? 2.35791   3.04216   3.88529   1.000 49.20332  ?  6   PHE AA CE2 1 
ATOM   51  C CZ  . PHE A 1 6  ? 3.07188   2.24814   4.76326   1.000 56.68384  ?  6   PHE AA CZ  1 
ATOM   52  N N   . LYS A 1 7  ? 3.95942   4.37191   -0.67647  1.000 55.07582  ?  7   LYS AA N   1 
ATOM   53  C CA  . LYS A 1 7  ? 3.89559   5.82080   -0.56844  1.000 60.28240  ?  7   LYS AA CA  1 
ATOM   54  C C   . LYS A 1 7  ? 2.55174   6.20531   0.03524   1.000 58.81205  ?  7   LYS AA C   1 
ATOM   55  O O   . LYS A 1 7  ? 1.50023   5.82903   -0.49331  1.000 47.87071  ?  7   LYS AA O   1 
ATOM   56  C CB  . LYS A 1 7  ? 4.07603   6.47505   -1.93342  1.000 55.78345  ?  7   LYS AA CB  1 
ATOM   57  C CG  . LYS A 1 7  ? 4.84523   7.76940   -1.88124  1.000 61.64116  ?  7   LYS AA CG  1 
ATOM   58  C CD  . LYS A 1 7  ? 4.87198   8.42795   -3.23861  1.000 73.39013  ?  7   LYS AA CD  1 
ATOM   59  C CE  . LYS A 1 7  ? 5.45992   9.81945   -3.15190  1.000 81.25179  ?  7   LYS AA CE  1 
ATOM   60  N NZ  . LYS A 1 7  ? 6.06060   10.26455  -4.43240  1.000 78.23940  ?  7   LYS AA NZ  1 
ATOM   61  N N   . TYR A 1 8  ? 2.58412   6.94958   1.13189   1.000 50.77829  ?  8   TYR AA N   1 
ATOM   62  C CA  . TYR A 1 8  ? 1.36739   7.40040   1.78225   1.000 58.03998  ?  8   TYR AA CA  1 
ATOM   63  C C   . TYR A 1 8  ? 1.32962   8.92396   1.77175   1.000 67.80596  ?  8   TYR AA C   1 
ATOM   64  O O   . TYR A 1 8  ? 2.14026   9.57830   2.43468   1.000 63.50839  ?  8   TYR AA O   1 
ATOM   65  C CB  . TYR A 1 8  ? 1.26771   6.86844   3.20229   1.000 61.64890  ?  8   TYR AA CB  1 
ATOM   66  C CG  . TYR A 1 8  ? 0.12615   7.49112   3.94809   1.000 60.03789  ?  8   TYR AA CG  1 
ATOM   67  C CD1 . TYR A 1 8  ? -1.16604  7.02298   3.78281   1.000 54.83675  ?  8   TYR AA CD1 1 
ATOM   68  C CD2 . TYR A 1 8  ? 0.33396   8.56562   4.79823   1.000 69.00170  ?  8   TYR AA CD2 1 
ATOM   69  C CE1 . TYR A 1 8  ? -2.21817  7.60015   4.44927   1.000 61.50591  ?  8   TYR AA CE1 1 
ATOM   70  C CE2 . TYR A 1 8  ? -0.70735  9.15127   5.46838   1.000 66.31530  ?  8   TYR AA CE2 1 
ATOM   71  C CZ  . TYR A 1 8  ? -1.98287  8.66637   5.29390   1.000 77.99744  ?  8   TYR AA CZ  1 
ATOM   72  O OH  . TYR A 1 8  ? -3.02330  9.25575   5.96968   1.000 77.79673  ?  8   TYR AA OH  1 
ATOM   73  N N   . LYS A 1 9  ? 0.38222   9.47687   1.01912   1.000 61.66405  ?  9   LYS AA N   1 
ATOM   74  C CA  . LYS A 1 9  ? 0.20614   10.92360  0.91637   1.000 66.47226  ?  9   LYS AA CA  1 
ATOM   75  C C   . LYS A 1 9  ? 1.50266   11.60147  0.48750   1.000 72.81230  ?  9   LYS AA C   1 
ATOM   76  O O   . LYS A 1 9  ? 1.83519   12.70314  0.93086   1.000 76.49193  ?  9   LYS AA O   1 
ATOM   77  C CB  . LYS A 1 9  ? -0.31837  11.51415  2.22762   1.000 70.19033  ?  9   LYS AA CB  1 
ATOM   78  N N   . GLY A 1 10 ? 2.25718   10.91862  -0.36652  1.000 67.03116  ?  10  GLY AA N   1 
ATOM   79  C CA  . GLY A 1 10 ? 3.49279   11.46394  -0.86996  1.000 72.08819  ?  10  GLY AA CA  1 
ATOM   80  C C   . GLY A 1 10 ? 4.70869   11.25268  0.00259   1.000 63.75211  ?  10  GLY AA C   1 
ATOM   81  O O   . GLY A 1 10 ? 5.77496   11.79712  -0.30825  1.000 79.19771  ?  10  GLY AA O   1 
ATOM   82  N N   . GLU A 1 11 ? 4.59322   10.49083  1.08401   1.000 68.58710  ?  11  GLU AA N   1 
ATOM   83  C CA  . GLU A 1 11 ? 5.72935   10.19350  1.94280   1.000 60.32855  ?  11  GLU AA CA  1 
ATOM   84  C C   . GLU A 1 11 ? 6.08718   8.72141   1.80871   1.000 63.55222  ?  11  GLU AA C   1 
ATOM   85  O O   . GLU A 1 11 ? 5.22224   7.85236   1.95884   1.000 61.43006  ?  11  GLU AA O   1 
ATOM   86  C CB  . GLU A 1 11 ? 5.42805   10.53526  3.40098   1.000 62.65678  ?  11  GLU AA CB  1 
ATOM   87  C CG  . GLU A 1 11 ? 6.44226   9.96237   4.37840   1.000 78.56168  ?  11  GLU AA CG  1 
ATOM   88  C CD  . GLU A 1 11 ? 5.99098   10.07721  5.81845   1.000 81.95983  ?  11  GLU AA CD  1 
ATOM   89  O OE1 . GLU A 1 11 ? 4.89753   10.63446  6.05712   1.000 95.39083  ?  11  GLU AA OE1 1 
ATOM   90  O OE2 . GLU A 1 11 ? 6.72832   9.60999   6.71196   1.000 94.55865  ?  11  GLU AA OE2 1 
ATOM   91  N N   . GLU A 1 12 ? 7.35383   8.44702   1.51179   1.000 69.54375  ?  12  GLU AA N   1 
ATOM   92  C CA  . GLU A 1 12 ? 7.80314   7.06814   1.42059   1.000 67.24445  ?  12  GLU AA CA  1 
ATOM   93  C C   . GLU A 1 12 ? 7.78682   6.42485   2.79947   1.000 70.30568  ?  12  GLU AA C   1 
ATOM   94  O O   . GLU A 1 12 ? 8.23940   7.01681   3.78360   1.000 73.63236  ?  12  GLU AA O   1 
ATOM   95  C CB  . GLU A 1 12 ? 9.20173   6.99068   0.80785   1.000 64.64284  ?  12  GLU AA CB  1 
ATOM   96  C CG  . GLU A 1 12 ? 9.22273   7.10621   -0.71703  1.000 69.32324  ?  12  GLU AA CG  1 
ATOM   97  C CD  . GLU A 1 12 ? 8.39380   6.03070   -1.41860  1.000 86.05323  ?  12  GLU AA CD  1 
ATOM   98  O OE1 . GLU A 1 12 ? 8.04906   5.00913   -0.78029  1.000 74.29270  ?  12  GLU AA OE1 1 
ATOM   99  O OE2 . GLU A 1 12 ? 8.09078   6.20659   -2.61957  1.000 74.54460  ?  12  GLU AA OE2 1 
ATOM   100 N N   . LYS A 1 13 ? 7.24939   5.21179   2.86710   1.000 60.39634  ?  13  LYS AA N   1 
ATOM   101 C CA  . LYS A 1 13 ? 7.10309   4.46973   4.10255   1.000 64.81125  ?  13  LYS AA CA  1 
ATOM   102 C C   . LYS A 1 13 ? 7.40932   3.01435   3.81354   1.000 64.28780  ?  13  LYS AA C   1 
ATOM   103 O O   . LYS A 1 13 ? 7.46312   2.57883   2.65916   1.000 58.99033  ?  13  LYS AA O   1 
ATOM   104 C CB  . LYS A 1 13 ? 5.68946   4.58021   4.68212   1.000 62.94089  ?  13  LYS AA CB  1 
ATOM   105 C CG  . LYS A 1 13 ? 5.22185   5.98199   4.96765   1.000 60.87763  ?  13  LYS AA CG  1 
ATOM   106 C CD  . LYS A 1 13 ? 4.33236   5.98531   6.19108   1.000 60.16250  ?  13  LYS AA CD  1 
ATOM   107 C CE  . LYS A 1 13 ? 3.99444   7.39344   6.61910   1.000 64.64564  ?  13  LYS AA CE  1 
ATOM   108 N NZ  . LYS A 1 13 ? 2.59746   7.47916   7.11406   1.000 73.90943  ?  13  LYS AA NZ  1 
ATOM   109 N N   . GLU A 1 14 ? 7.55783   2.24998   4.88347   1.000 64.67593  ?  14  GLU AA N   1 
ATOM   110 C CA  . GLU A 1 14 ? 7.89750   0.84818   4.74483   1.000 65.00408  ?  14  GLU AA CA  1 
ATOM   111 C C   . GLU A 1 14 ? 7.33703   0.08839   5.93375   1.000 65.85383  ?  14  GLU AA C   1 
ATOM   112 O O   . GLU A 1 14 ? 7.45699   0.54344   7.07397   1.000 72.00579  ?  14  GLU AA O   1 
ATOM   113 C CB  . GLU A 1 14 ? 9.41295   0.68146   4.64783   1.000 65.88585  ?  14  GLU AA CB  1 
ATOM   114 C CG  . GLU A 1 14 ? 9.88124   -0.67745  5.03649   1.000 70.82352  ?  14  GLU AA CG  1 
ATOM   115 C CD  . GLU A 1 14 ? 10.49789  -0.72203  6.41085   1.000 95.70237  ?  14  GLU AA CD  1 
ATOM   116 O OE1 . GLU A 1 14 ? 11.23952  0.22049   6.76275   1.000 91.45472  ?  14  GLU AA OE1 1 
ATOM   117 O OE2 . GLU A 1 14 ? 10.24317  -1.70748  7.13609   1.000 92.69884  ?  14  GLU AA OE2 1 
ATOM   118 N N   . VAL A 1 15 ? 6.71471   -1.05601  5.66451   1.000 64.87498  ?  15  VAL AA N   1 
ATOM   119 C CA  . VAL A 1 15 ? 6.18005   -1.90704  6.72175   1.000 66.36540  ?  15  VAL AA CA  1 
ATOM   120 C C   . VAL A 1 15 ? 6.45471   -3.36377  6.37037   1.000 63.82073  ?  15  VAL AA C   1 
ATOM   121 O O   . VAL A 1 15 ? 6.29449   -3.78248  5.22096   1.000 62.72730  ?  15  VAL AA O   1 
ATOM   122 C CB  . VAL A 1 15 ? 4.67505   -1.64562  6.95842   1.000 62.71282  ?  15  VAL AA CB  1 
ATOM   123 C CG1 . VAL A 1 15 ? 3.83139   -2.09477  5.77448   1.000 56.16956  ?  15  VAL AA CG1 1 
ATOM   124 C CG2 . VAL A 1 15 ? 4.21840   -2.31962  8.23707   1.000 63.64762  ?  15  VAL AA CG2 1 
ATOM   125 N N   . ASP A 1 16 ? 6.89655   -4.12543  7.36331   1.000 70.90016  ?  16  ASP AA N   1 
ATOM   126 C CA  . ASP A 1 16 ? 7.16287   -5.54229  7.17986   1.000 66.13710  ?  16  ASP AA CA  1 
ATOM   127 C C   . ASP A 1 16 ? 5.85666   -6.31245  7.01289   1.000 57.79967  ?  16  ASP AA C   1 
ATOM   128 O O   . ASP A 1 16 ? 4.79366   -5.88459  7.46614   1.000 58.42550  ?  16  ASP AA O   1 
ATOM   129 C CB  . ASP A 1 16 ? 7.95391   -6.08323  8.37056   1.000 76.30404  ?  16  ASP AA CB  1 
ATOM   130 C CG  . ASP A 1 16 ? 8.47895   -7.48713  8.14113   1.000 82.78110  ?  16  ASP AA CG  1 
ATOM   131 O OD1 . ASP A 1 16 ? 9.67491   -7.63036  7.80792   1.000 76.08008  ?  16  ASP AA OD1 1 
ATOM   132 O OD2 . ASP A 1 16 ? 7.69597   -8.44791  8.30011   1.000 88.04266  ?  16  ASP AA OD2 1 
ATOM   133 N N   . THR A 1 17 ? 5.94375   -7.46147  6.34197   1.000 74.17315  ?  17  THR AA N   1 
ATOM   134 C CA  . THR A 1 17 ? 4.76328   -8.29053  6.12049   1.000 59.98978  ?  17  THR AA CA  1 
ATOM   135 C C   . THR A 1 17 ? 4.12251   -8.72045  7.43884   1.000 68.44938  ?  17  THR AA C   1 
ATOM   136 O O   . THR A 1 17 ? 2.89109   -8.77687  7.55507   1.000 61.32545  ?  17  THR AA O   1 
ATOM   137 C CB  . THR A 1 17 ? 5.14688   -9.51234  5.29051   1.000 65.90765  ?  17  THR AA CB  1 
ATOM   138 O OG1 . THR A 1 17 ? 5.18918   -9.15824  3.90183   1.000 54.16300  ?  17  THR AA OG1 1 
ATOM   139 C CG2 . THR A 1 17 ? 4.15151   -10.63552 5.51904   1.000 76.89503  ?  17  THR AA CG2 1 
ATOM   140 N N   . SER A 1 18 ? 4.94658   -9.01350  8.44831   1.000 63.15681  ?  18  SER AA N   1 
ATOM   141 C CA  . SER A 1 18 ? 4.43005   -9.50663  9.72232   1.000 63.51675  ?  18  SER AA CA  1 
ATOM   142 C C   . SER A 1 18 ? 3.57007   -8.46907  10.43132  1.000 57.40639  ?  18  SER AA C   1 
ATOM   143 O O   . SER A 1 18 ? 2.68500   -8.82922  11.21352  1.000 74.30840  ?  18  SER AA O   1 
ATOM   144 C CB  . SER A 1 18 ? 5.58986   -9.92689  10.62143  1.000 61.08033  ?  18  SER AA CB  1 
ATOM   145 O OG  . SER A 1 18 ? 6.38115   -8.80342  10.96469  1.000 70.74721  ?  18  SER AA OG  1 
ATOM   146 N N   . LYS A 1 19 ? 3.81740   -7.18290  10.18477  1.000 63.40811  ?  19  LYS AA N   1 
ATOM   147 C CA  . LYS A 1 19 ? 3.04157   -6.13942  10.84245  1.000 63.39040  ?  19  LYS AA CA  1 
ATOM   148 C C   . LYS A 1 19 ? 1.67114   -5.93814  10.20559  1.000 54.32451  ?  19  LYS AA C   1 
ATOM   149 O O   . LYS A 1 19 ? 0.78446   -5.36080  10.84466  1.000 53.43003  ?  19  LYS AA O   1 
ATOM   150 C CB  . LYS A 1 19 ? 3.82219   -4.82034  10.83229  1.000 71.35148  ?  19  LYS AA CB  1 
ATOM   151 C CG  . LYS A 1 19 ? 5.30862   -4.96858  11.15336  1.000 87.40045  ?  19  LYS AA CG  1 
ATOM   152 C CD  . LYS A 1 19 ? 5.97502   -3.61868  11.42215  1.000 104.33562 ?  19  LYS AA CD  1 
ATOM   153 C CE  . LYS A 1 19 ? 7.03513   -3.28607  10.37518  1.000 86.94706  ?  19  LYS AA CE  1 
ATOM   154 N NZ  . LYS A 1 19 ? 8.43107   -3.45147  10.87054  1.000 88.53691  ?  19  LYS AA NZ  1 
ATOM   155 N N   . ILE A 1 20 ? 1.47470   -6.41947  8.97696   1.000 61.53243  ?  20  ILE AA N   1 
ATOM   156 C CA  . ILE A 1 20 ? 0.23979   -6.16661  8.24369   1.000 63.25177  ?  20  ILE AA CA  1 
ATOM   157 C C   . ILE A 1 20 ? -0.89914  -6.98717  8.83405   1.000 62.32503  ?  20  ILE AA C   1 
ATOM   158 O O   . ILE A 1 20 ? -0.73430  -8.16992  9.15906   1.000 74.74195  ?  20  ILE AA O   1 
ATOM   159 C CB  . ILE A 1 20 ? 0.44150   -6.48681  6.75266   1.000 63.71771  ?  20  ILE AA CB  1 
ATOM   160 C CG1 . ILE A 1 20 ? 1.54800   -5.60683  6.16889   1.000 65.89758  ?  20  ILE AA CG1 1 
ATOM   161 C CG2 . ILE A 1 20 ? -0.85783  -6.31460  5.97622   1.000 54.48926  ?  20  ILE AA CG2 1 
ATOM   162 C CD1 . ILE A 1 20 ? 1.88954   -5.93275  4.73921   1.000 65.95111  ?  20  ILE AA CD1 1 
ATOM   163 N N   . LYS A 1 21 ? -2.06886  -6.36157  8.96827   1.000 65.35495  ?  21  LYS AA N   1 
ATOM   164 C CA  . LYS A 1 21 ? -3.26344  -7.02783  9.48053   1.000 70.10679  ?  21  LYS AA CA  1 
ATOM   165 C C   . LYS A 1 21 ? -4.26554  -7.33040  8.39164   1.000 66.69120  ?  21  LYS AA C   1 
ATOM   166 O O   . LYS A 1 21 ? -4.57088  -8.49997  8.12573   1.000 82.12445  ?  21  LYS AA O   1 
ATOM   167 C CB  . LYS A 1 21 ? -3.91426  -6.16964  10.57330  1.000 66.70696  ?  21  LYS AA CB  1 
ATOM   168 C CG  . LYS A 1 21 ? -2.94726  -5.30701  11.35142  1.000 75.61040  ?  21  LYS AA CG  1 
ATOM   169 C CD  . LYS A 1 21 ? -3.57165  -4.84849  12.65350  1.000 87.59730  ?  21  LYS AA CD  1 
ATOM   170 C CE  . LYS A 1 21 ? -4.66589  -3.82346  12.40335  1.000 89.39737  ?  21  LYS AA CE  1 
ATOM   171 N NZ  . LYS A 1 21 ? -4.58248  -2.70280  13.37909  1.000 72.38391  ?  21  LYS AA NZ  1 
ATOM   172 N N   . LYS A 1 22 ? -4.81372  -6.30851  7.73664   1.000 64.07932  ?  22  LYS AA N   1 
ATOM   173 C CA  . LYS A 1 22 ? -5.84816  -6.47363  6.73178   1.000 62.66779  ?  22  LYS AA CA  1 
ATOM   174 C C   . LYS A 1 22 ? -5.29063  -6.16914  5.35253   1.000 56.96828  ?  22  LYS AA C   1 
ATOM   175 O O   . LYS A 1 22 ? -4.56245  -5.19258  5.17170   1.000 54.68183  ?  22  LYS AA O   1 
ATOM   176 C CB  . LYS A 1 22 ? -7.03478  -5.55581  7.01271   1.000 69.33825  ?  22  LYS AA CB  1 
ATOM   177 C CG  . LYS A 1 22 ? -7.34455  -5.40579  8.47867   1.000 68.14823  ?  22  LYS AA CG  1 
ATOM   178 C CD  . LYS A 1 22 ? -7.94886  -6.67947  9.01448   1.000 76.70563  ?  22  LYS AA CD  1 
ATOM   179 C CE  . LYS A 1 22 ? -9.29947  -6.40889  9.64305   1.000 82.06625  ?  22  LYS AA CE  1 
ATOM   180 N NZ  . LYS A 1 22 ? -10.10259 -7.65518  9.76674   1.000 70.56423  ?  22  LYS AA NZ  1 
ATOM   181 N N   . VAL A 1 23 ? -5.64077  -7.00426  4.38373   1.000 59.46657  ?  23  VAL AA N   1 
ATOM   182 C CA  . VAL A 1 23 ? -5.22768  -6.81582  3.00203   1.000 55.26389  ?  23  VAL AA CA  1 
ATOM   183 C C   . VAL A 1 23 ? -6.45787  -6.96797  2.11775   1.000 53.11785  ?  23  VAL AA C   1 
ATOM   184 O O   . VAL A 1 23 ? -7.25724  -7.89342  2.30399   1.000 70.38633  ?  23  VAL AA O   1 
ATOM   185 C CB  . VAL A 1 23 ? -4.10465  -7.79873  2.60892   1.000 55.82805  ?  23  VAL AA CB  1 
ATOM   186 C CG1 . VAL A 1 23 ? -4.60445  -9.22767  2.54785   1.000 73.49306  ?  23  VAL AA CG1 1 
ATOM   187 C CG2 . VAL A 1 23 ? -3.48856  -7.40243  1.30283   1.000 62.02352  ?  23  VAL AA CG2 1 
ATOM   188 N N   . TRP A 1 24 ? -6.63849  -6.02809  1.19625   1.000 52.81824  ?  24  TRP AA N   1 
ATOM   189 C CA  . TRP A 1 24 ? -7.77530  -5.97350  0.29609   1.000 60.74186  ?  24  TRP AA CA  1 
ATOM   190 C C   . TRP A 1 24 ? -7.26880  -5.71596  -1.11147  1.000 54.88831  ?  24  TRP AA C   1 
ATOM   191 O O   . TRP A 1 24 ? -6.21840  -5.09734  -1.30795  1.000 46.86835  ?  24  TRP AA O   1 
ATOM   192 C CB  . TRP A 1 24 ? -8.76368  -4.85575  0.66251   1.000 47.09318  ?  24  TRP AA CB  1 
ATOM   193 C CG  . TRP A 1 24 ? -9.38975  -4.97544  2.00155   1.000 58.85103  ?  24  TRP AA CG  1 
ATOM   194 C CD1 . TRP A 1 24 ? -10.37957 -5.83545  2.37005   1.000 64.39632  ?  24  TRP AA CD1 1 
ATOM   195 C CD2 . TRP A 1 24 ? -9.09157  -4.18507  3.15592   1.000 71.60794  ?  24  TRP AA CD2 1 
ATOM   196 N NE1 . TRP A 1 24 ? -10.71349 -5.63766  3.68841   1.000 65.65664  ?  24  TRP AA NE1 1 
ATOM   197 C CE2 . TRP A 1 24 ? -9.93602  -4.62816  4.19403   1.000 68.94876  ?  24  TRP AA CE2 1 
ATOM   198 C CE3 . TRP A 1 24 ? -8.19016  -3.14744  3.41456   1.000 62.04658  ?  24  TRP AA CE3 1 
ATOM   199 C CZ2 . TRP A 1 24 ? -9.90667  -4.07199  5.46812   1.000 68.27800  ?  24  TRP AA CZ2 1 
ATOM   200 C CZ3 . TRP A 1 24 ? -8.16200  -2.59598  4.67862   1.000 63.23828  ?  24  TRP AA CZ3 1 
ATOM   201 C CH2 . TRP A 1 24 ? -9.01460  -3.05911  5.69165   1.000 72.79652  ?  24  TRP AA CH2 1 
ATOM   202 N N   . ARG A 1 25 ? -8.04258  -6.17056  -2.08571  1.000 58.23709  ?  25  ARG AA N   1 
ATOM   203 C CA  . ARG A 1 25 ? -7.77197  -5.92547  -3.49338  1.000 46.25443  ?  25  ARG AA CA  1 
ATOM   204 C C   . ARG A 1 25 ? -8.76686  -4.88795  -3.99267  1.000 52.43877  ?  25  ARG AA C   1 
ATOM   205 O O   . ARG A 1 25 ? -9.97970  -5.11837  -3.95476  1.000 65.40181  ?  25  ARG AA O   1 
ATOM   206 C CB  . ARG A 1 25 ? -7.87755  -7.22163  -4.29361  1.000 54.68139  ?  25  ARG AA CB  1 
ATOM   207 C CG  . ARG A 1 25 ? -7.63752  -7.06292  -5.77507  1.000 61.52832  ?  25  ARG AA CG  1 
ATOM   208 C CD  . ARG A 1 25 ? -7.49330  -8.42210  -6.43693  1.000 63.79183  ?  25  ARG AA CD  1 
ATOM   209 N NE  . ARG A 1 25 ? -6.10865  -8.70447  -6.79631  1.000 88.88345  ?  25  ARG AA NE  1 
ATOM   210 C CZ  . ARG A 1 25 ? -5.46594  -9.82677  -6.50136  1.000 83.93832  ?  25  ARG AA CZ  1 
ATOM   211 N NH1 . ARG A 1 25 ? -6.05559  -10.80780 -5.83630  1.000 64.87744  ?  25  ARG AA NH1 1 
ATOM   212 N NH2 . ARG A 1 25 ? -4.20088  -9.97047  -6.88310  1.000 91.93064  ?  25  ARG AA NH2 1 
ATOM   213 N N   . VAL A 1 26 ? -8.25610  -3.74255  -4.43597  1.000 60.96330  ?  26  VAL AA N   1 
ATOM   214 C CA  . VAL A 1 26 ? -9.06621  -2.63294  -4.92733  1.000 57.17963  ?  26  VAL AA CA  1 
ATOM   215 C C   . VAL A 1 26 ? -8.55579  -2.30897  -6.32583  1.000 51.48317  ?  26  VAL AA C   1 
ATOM   216 O O   . VAL A 1 26 ? -7.55795  -1.59530  -6.47931  1.000 49.50960  ?  26  VAL AA O   1 
ATOM   217 C CB  . VAL A 1 26 ? -8.99057  -1.40407  -4.01507  1.000 57.95082  ?  26  VAL AA CB  1 
ATOM   218 C CG1 . VAL A 1 26 ? -9.92271  -0.30942  -4.51711  1.000 51.63130  ?  26  VAL AA CG1 1 
ATOM   219 C CG2 . VAL A 1 26 ? -9.31812  -1.78316  -2.57991  1.000 55.11305  ?  26  VAL AA CG2 1 
ATOM   220 N N   . GLY A 1 27 ? -9.22756  -2.83307  -7.34310  1.000 49.87281  ?  27  GLY AA N   1 
ATOM   221 C CA  . GLY A 1 27 ? -8.80922  -2.58030  -8.71205  1.000 49.18275  ?  27  GLY AA CA  1 
ATOM   222 C C   . GLY A 1 27 ? -7.43228  -3.15738  -8.97240  1.000 55.79052  ?  27  GLY AA C   1 
ATOM   223 O O   . GLY A 1 27 ? -7.18916  -4.35726  -8.79010  1.000 49.93959  ?  27  GLY AA O   1 
ATOM   224 N N   . LYS A 1 28 ? -6.50766  -2.29976  -9.40109  1.000 54.96316  ?  28  LYS AA N   1 
ATOM   225 C CA  . LYS A 1 28 ? -5.13131  -2.71063  -9.64092  1.000 51.84229  ?  28  LYS AA CA  1 
ATOM   226 C C   . LYS A 1 28 ? -4.28328  -2.70622  -8.37722  1.000 55.38695  ?  28  LYS AA C   1 
ATOM   227 O O   . LYS A 1 28 ? -3.09102  -3.02381  -8.45106  1.000 56.27708  ?  28  LYS AA O   1 
ATOM   228 C CB  . LYS A 1 28 ? -4.47757  -1.79470  -10.67989 1.000 48.08918  ?  28  LYS AA CB  1 
ATOM   229 C CG  . LYS A 1 28 ? -5.09688  -1.86459  -12.06056 1.000 51.55145  ?  28  LYS AA CG  1 
ATOM   230 C CD  . LYS A 1 28 ? -4.96522  -0.53385  -12.78986 1.000 76.31382  ?  28  LYS AA CD  1 
ATOM   231 C CE  . LYS A 1 28 ? -5.28015  0.64575   -11.87449 1.000 66.40841  ?  28  LYS AA CE  1 
ATOM   232 N NZ  . LYS A 1 28 ? -5.92560  1.77130   -12.61094 1.000 67.75034  ?  28  LYS AA NZ  1 
ATOM   233 N N   . MET A 1 29 ? -4.85848  -2.36841  -7.22943  1.000 49.42496  ?  29  MET AA N   1 
ATOM   234 C CA  . MET A 1 29 ? -4.07709  -2.07764  -6.04395  1.000 50.56998  ?  29  MET AA CA  1 
ATOM   235 C C   . MET A 1 29 ? -4.38852  -3.04488  -4.91247  1.000 48.34841  ?  29  MET AA C   1 
ATOM   236 O O   . MET A 1 29 ? -5.43513  -3.69243  -4.87170  1.000 54.00168  ?  29  MET AA O   1 
ATOM   237 C CB  . MET A 1 29 ? -4.31898  -0.64089  -5.57350  1.000 43.89373  ?  29  MET AA CB  1 
ATOM   238 C CG  . MET A 1 29 ? -4.13629  0.38690   -6.66927  1.000 52.13250  ?  29  MET AA CG  1 
ATOM   239 S SD  . MET A 1 29 ? -2.42743  0.90367   -6.72543  1.000 58.00373  ?  29  MET AA SD  1 
ATOM   240 C CE  . MET A 1 29 ? -2.29767  1.65500   -8.33774  1.000 49.15408  ?  29  MET AA CE  1 
ATOM   241 N N   . VAL A 1 30 ? -3.44517  -3.11403  -3.98822  1.000 44.47485  ?  30  VAL AA N   1 
ATOM   242 C CA  . VAL A 1 30 ? -3.54279  -3.85720  -2.74769  1.000 50.53617  ?  30  VAL AA CA  1 
ATOM   243 C C   . VAL A 1 30 ? -3.52319  -2.81987  -1.63381  1.000 41.44345  ?  30  VAL AA C   1 
ATOM   244 O O   . VAL A 1 30 ? -2.49824  -2.16118  -1.40171  1.000 45.65429  ?  30  VAL AA O   1 
ATOM   245 C CB  . VAL A 1 30 ? -2.38934  -4.85744  -2.60326  1.000 53.75566  ?  30  VAL AA CB  1 
ATOM   246 C CG1 . VAL A 1 30 ? -2.49142  -5.58551  -1.30678  1.000 49.23117  ?  30  VAL AA CG1 1 
ATOM   247 C CG2 . VAL A 1 30 ? -2.38080  -5.83535  -3.76499  1.000 42.98126  ?  30  VAL AA CG2 1 
ATOM   248 N N   . SER A 1 31 ? -4.66405  -2.64709  -0.97554  1.000 36.97233  ?  31  SER AA N   1 
ATOM   249 C CA  . SER A 1 31 ? -4.80576  -1.72134  0.13927   1.000 45.39417  ?  31  SER AA CA  1 
ATOM   250 C C   . SER A 1 31 ? -4.72568  -2.51088  1.43425   1.000 51.95637  ?  31  SER AA C   1 
ATOM   251 O O   . SER A 1 31 ? -5.21819  -3.63453  1.51136   1.000 45.18939  ?  31  SER AA O   1 
ATOM   252 C CB  . SER A 1 31 ? -6.13524  -0.96615  0.06041   1.000 48.55170  ?  31  SER AA CB  1 
ATOM   253 O OG  . SER A 1 31 ? -6.28852  -0.07873  1.15253   1.000 58.42596  ?  31  SER AA OG  1 
ATOM   254 N N   . PHE A 1 32 ? -4.09616  -1.94142  2.45400   1.000 47.46945  ?  32  PHE AA N   1 
ATOM   255 C CA  . PHE A 1 32 ? -3.85813  -2.74606  3.63769   1.000 52.57177  ?  32  PHE AA CA  1 
ATOM   256 C C   . PHE A 1 32 ? -3.77583  -1.87916  4.88201   1.000 58.80863  ?  32  PHE AA C   1 
ATOM   257 O O   . PHE A 1 32 ? -3.59632  -0.65716  4.81916   1.000 54.76631  ?  32  PHE AA O   1 
ATOM   258 C CB  . PHE A 1 32 ? -2.57520  -3.57974  3.50225   1.000 50.63023  ?  32  PHE AA CB  1 
ATOM   259 C CG  . PHE A 1 32 ? -1.35497  -2.75813  3.25628   1.000 40.64504  ?  32  PHE AA CG  1 
ATOM   260 C CD1 . PHE A 1 32 ? -0.69262  -2.14172  4.30704   1.000 52.16991  ?  32  PHE AA CD1 1 
ATOM   261 C CD2 . PHE A 1 32 ? -0.87959  -2.57960  1.97088   1.000 43.42084  ?  32  PHE AA CD2 1 
ATOM   262 C CE1 . PHE A 1 32 ? 0.42389   -1.36471  4.07950   1.000 43.93315  ?  32  PHE AA CE1 1 
ATOM   263 C CE2 . PHE A 1 32 ? 0.24135   -1.80985  1.73413   1.000 40.25367  ?  32  PHE AA CE2 1 
ATOM   264 C CZ  . PHE A 1 32 ? 0.89262   -1.19865  2.79174   1.000 47.79650  ?  32  PHE AA CZ  1 
ATOM   265 N N   . THR A 1 33 ? -3.89479  -2.55884  6.01842   1.000 60.61905  ?  33  THR AA N   1 
ATOM   266 C CA  . THR A 1 33 ? -3.66442  -1.99759  7.33538   1.000 52.18684  ?  33  THR AA CA  1 
ATOM   267 C C   . THR A 1 33 ? -2.53858  -2.76432  8.01235   1.000 57.57677  ?  33  THR AA C   1 
ATOM   268 O O   . THR A 1 33 ? -2.32064  -3.95050  7.75175   1.000 56.76009  ?  33  THR AA O   1 
ATOM   269 C CB  . THR A 1 33 ? -4.91711  -2.07087  8.20834   1.000 60.43245  ?  33  THR AA CB  1 
ATOM   270 O OG1 . THR A 1 33 ? -4.94026  -3.32711  8.89651   1.000 70.72379  ?  33  THR AA OG1 1 
ATOM   271 C CG2 . THR A 1 33 ? -6.15446  -1.96019  7.36177   1.000 66.47153  ?  33  THR AA CG2 1 
ATOM   272 N N   . TYR A 1 34 ? -1.82810  -2.07084  8.88665   1.000 64.60118  ?  34  TYR AA N   1 
ATOM   273 C CA  . TYR A 1 34 ? -0.75023  -2.66279  9.65465   1.000 66.57960  ?  34  TYR AA CA  1 
ATOM   274 C C   . TYR A 1 34 ? -0.78346  -2.07072  11.05053  1.000 67.55731  ?  34  TYR AA C   1 
ATOM   275 O O   . TYR A 1 34 ? -1.51783  -1.12111  11.33644  1.000 65.40180  ?  34  TYR AA O   1 
ATOM   276 C CB  . TYR A 1 34 ? 0.61504   -2.42145  9.00111   1.000 60.11424  ?  34  TYR AA CB  1 
ATOM   277 C CG  . TYR A 1 34 ? 0.95353   -0.95698  8.87412   1.000 57.06403  ?  34  TYR AA CG  1 
ATOM   278 C CD1 . TYR A 1 34 ? 0.53647   -0.22359  7.77363   1.000 54.82343  ?  34  TYR AA CD1 1 
ATOM   279 C CD2 . TYR A 1 34 ? 1.67803   -0.30400  9.86110   1.000 59.37501  ?  34  TYR AA CD2 1 
ATOM   280 C CE1 . TYR A 1 34 ? 0.83722   1.11515   7.65574   1.000 61.43719  ?  34  TYR AA CE1 1 
ATOM   281 C CE2 . TYR A 1 34 ? 1.98216   1.03593   9.75152   1.000 60.23184  ?  34  TYR AA CE2 1 
ATOM   282 C CZ  . TYR A 1 34 ? 1.55989   1.74116   8.64754   1.000 67.41313  ?  34  TYR AA CZ  1 
ATOM   283 O OH  . TYR A 1 34 ? 1.85862   3.07957   8.53095   1.000 69.64934  ?  34  TYR AA OH  1 
ATOM   284 N N   . ASP A 1 35 ? 0.05133   -2.62639  11.90689  1.000 71.35117  ?  35  ASP AA N   1 
ATOM   285 C CA  . ASP A 1 35 ? 0.13890   -2.24065  13.30434  1.000 79.33128  ?  35  ASP AA CA  1 
ATOM   286 C C   . ASP A 1 35 ? 1.46191   -1.50052  13.48789  1.000 88.24437  ?  35  ASP AA C   1 
ATOM   287 O O   . ASP A 1 35 ? 2.50809   -2.12208  13.67669  1.000 89.74159  ?  35  ASP AA O   1 
ATOM   288 C CB  . ASP A 1 35 ? 0.03033   -3.48745  14.17548  1.000 85.92050  ?  35  ASP AA CB  1 
ATOM   289 C CG  . ASP A 1 35 ? -0.17330  -3.17986  15.62851  1.000 95.83157  ?  35  ASP AA CG  1 
ATOM   290 O OD1 . ASP A 1 35 ? 0.83657   -3.06128  16.33820  1.000 95.15622  ?  35  ASP AA OD1 1 
ATOM   291 O OD2 . ASP A 1 35 ? -1.34090  -3.07924  16.05980  1.000 99.03169  ?  35  ASP AA OD2 1 
ATOM   292 N N   . ASP A 1 36 ? 1.42244   -0.16477  13.40809  1.000 88.14601  ?  36  ASP AA N   1 
ATOM   293 C CA  . ASP A 1 36 ? 2.63001   0.59827   13.72865  1.000 99.90364  ?  36  ASP AA CA  1 
ATOM   294 C C   . ASP A 1 36 ? 2.61584   0.75776   15.24203  1.000 110.16125 ?  36  ASP AA C   1 
ATOM   295 O O   . ASP A 1 36 ? 1.96668   1.64776   15.80790  1.000 99.99874  ?  36  ASP AA O   1 
ATOM   296 C CB  . ASP A 1 36 ? 2.71420   1.93246   12.98039  1.000 95.57857  ?  36  ASP AA CB  1 
ATOM   297 C CG  . ASP A 1 36 ? 1.46824   2.78618   13.11597  1.000 109.01264 ?  36  ASP AA CG  1 
ATOM   298 O OD1 . ASP A 1 36 ? 0.54601   2.39076   13.82702  1.000 110.14258 ?  36  ASP AA OD1 1 
ATOM   299 O OD2 . ASP A 1 36 ? 1.40479   3.87226   12.50597  1.000 101.42158 ?  36  ASP AA OD2 1 
ATOM   300 N N   . ASN A 1 37 ? 3.29716   -0.17113  15.90703  1.000 113.01675 ?  37  ASN AA N   1 
ATOM   301 C CA  . ASN A 1 37 ? 3.33813   -0.22288  17.36508  1.000 113.68365 ?  37  ASN AA CA  1 
ATOM   302 C C   . ASN A 1 37 ? 1.89234   -0.18273  17.86531  1.000 115.67431 ?  37  ASN AA C   1 
ATOM   303 O O   . ASN A 1 37 ? 1.04582   -0.91803  17.34263  1.000 116.08819 ?  37  ASN AA O   1 
ATOM   304 C CB  . ASN A 1 37 ? 4.23689   0.89188   17.86173  1.000 110.99384 ?  37  ASN AA CB  1 
ATOM   305 C CG  . ASN A 1 37 ? 5.23483   0.41493   18.88111  1.000 124.69884 ?  37  ASN AA CG  1 
ATOM   306 O OD1 . ASN A 1 37 ? 6.01898   -0.49834  18.62109  1.000 123.10358 ?  37  ASN AA OD1 1 
ATOM   307 N ND2 . ASN A 1 37 ? 5.21357   1.02828   20.05609  1.000 124.30262 ?  37  ASN AA ND2 1 
ATOM   308 N N   . GLY A 1 38 ? 1.54286   0.68998   18.80618  1.000 117.15032 ?  38  GLY AA N   1 
ATOM   309 C CA  . GLY A 1 38 ? 0.19032   0.67453   19.33695  1.000 112.97642 ?  38  GLY AA CA  1 
ATOM   310 C C   . GLY A 1 38 ? -0.86900  1.08287   18.32616  1.000 118.04922 ?  38  GLY AA C   1 
ATOM   311 O O   . GLY A 1 38 ? -1.98620  0.55774   18.34142  1.000 115.06475 ?  38  GLY AA O   1 
ATOM   312 N N   . LYS A 1 39 ? -0.54225  2.01859   17.44156  1.000 119.16229 ?  39  LYS AA N   1 
ATOM   313 C CA  . LYS A 1 39 ? -1.58755  2.52502   16.56633  1.000 112.30959 ?  39  LYS AA CA  1 
ATOM   314 C C   . LYS A 1 39 ? -1.70761  1.63926   15.32857  1.000 106.18766 ?  39  LYS AA C   1 
ATOM   315 O O   . LYS A 1 39 ? -0.86107  0.78292   15.05331  1.000 107.64831 ?  39  LYS AA O   1 
ATOM   316 C CB  . LYS A 1 39 ? -1.31600  3.98331   16.18206  1.000 109.96787 ?  39  LYS AA CB  1 
ATOM   317 N N   . THR A 1 40 ? -2.78741  1.83643   14.58417  1.000 100.97114 ?  40  THR AA N   1 
ATOM   318 C CA  . THR A 1 40 ? -2.95584  1.18562   13.29553  1.000 96.78430  ?  40  THR AA CA  1 
ATOM   319 C C   . THR A 1 40 ? -2.66615  2.19098   12.18916  1.000 103.19860 ?  40  THR AA C   1 
ATOM   320 O O   . THR A 1 40 ? -3.01060  3.37117   12.30260  1.000 109.56316 ?  40  THR AA O   1 
ATOM   321 C CB  . THR A 1 40 ? -4.36630  0.61235   13.13403  1.000 91.31378  ?  40  THR AA CB  1 
ATOM   322 N N   . GLY A 1 41 ? -2.00807  1.71945   11.13029  1.000 82.57019  ?  41  GLY AA N   1 
ATOM   323 C CA  . GLY A 1 41 ? -1.71075  2.55252   9.98812   1.000 71.28168  ?  41  GLY AA CA  1 
ATOM   324 C C   . GLY A 1 41 ? -2.22387  1.90582   8.71835   1.000 65.90834  ?  41  GLY AA C   1 
ATOM   325 O O   . GLY A 1 41 ? -2.47353  0.70436   8.66449   1.000 68.04571  ?  41  GLY AA O   1 
ATOM   326 N N   . ARG A 1 42 ? -2.37782  2.72762   7.68465   1.000 69.94930  ?  42  ARG AA N   1 
ATOM   327 C CA  . ARG A 1 42 ? -2.94402  2.27319   6.42452   1.000 55.99031  ?  42  ARG AA CA  1 
ATOM   328 C C   . ARG A 1 42 ? -2.00923  2.61924   5.27353   1.000 53.42180  ?  42  ARG AA C   1 
ATOM   329 O O   . ARG A 1 42 ? -1.29240  3.62325   5.31298   1.000 60.99769  ?  42  ARG AA O   1 
ATOM   330 C CB  . ARG A 1 42 ? -4.32840  2.89010   6.19016   1.000 52.18940  ?  42  ARG AA CB  1 
ATOM   331 C CG  . ARG A 1 42 ? -5.43212  2.26094   7.03511   1.000 55.84235  ?  42  ARG AA CG  1 
ATOM   332 C CD  . ARG A 1 42 ? -6.66946  3.14566   7.05488   1.000 64.36785  ?  42  ARG AA CD  1 
ATOM   333 N NE  . ARG A 1 42 ? -7.91512  2.39917   6.90763   1.000 76.75943  ?  42  ARG AA NE  1 
ATOM   334 C CZ  . ARG A 1 42 ? -8.29360  1.76880   5.80315   1.000 69.55400  ?  42  ARG AA CZ  1 
ATOM   335 N NH1 . ARG A 1 42 ? -7.52056  1.72771   4.72940   1.000 77.88787  ?  42  ARG AA NH1 1 
ATOM   336 N NH2 . ARG A 1 42 ? -9.47644  1.16191   5.77412   1.000 57.24878  ?  42  ARG AA NH2 1 
ATOM   337 N N   . GLY A 1 43 ? -2.02203  1.77403   4.24605   1.000 55.45781  ?  43  GLY AA N   1 
ATOM   338 C CA  . GLY A 1 43 ? -1.19632  2.02068   3.07736   1.000 53.28657  ?  43  GLY AA CA  1 
ATOM   339 C C   . GLY A 1 43 ? -1.70348  1.24432   1.88188   1.000 49.91950  ?  43  GLY AA C   1 
ATOM   340 O O   . GLY A 1 43 ? -2.66661  0.48260   1.97189   1.000 45.50001  ?  43  GLY AA O   1 
ATOM   341 N N   . ALA A 1 44 ? -1.04632  1.44987   0.74102   1.000 43.11442  ?  44  ALA AA N   1 
ATOM   342 C CA  . ALA A 1 44 ? -1.44131  0.73552   -0.46511  1.000 43.83104  ?  44  ALA AA CA  1 
ATOM   343 C C   . ALA A 1 44 ? -0.27874  0.68587   -1.44292  1.000 51.21558  ?  44  ALA AA C   1 
ATOM   344 O O   . ALA A 1 44 ? 0.51858   1.62256   -1.53328  1.000 51.50518  ?  44  ALA AA O   1 
ATOM   345 C CB  . ALA A 1 44 ? -2.65833  1.37935   -1.13564  1.000 37.60805  ?  44  ALA AA CB  1 
ATOM   346 N N   . VAL A 1 45 ? -0.19842  -0.42688  -2.17463  1.000 47.80231  ?  45  VAL AA N   1 
ATOM   347 C CA  . VAL A 1 45 ? 0.74203   -0.58058  -3.27913  1.000 55.44786  ?  45  VAL AA CA  1 
ATOM   348 C C   . VAL A 1 45 ? -0.01647  -1.15133  -4.46610  1.000 47.61275  ?  45  VAL AA C   1 
ATOM   349 O O   . VAL A 1 45 ? -1.04144  -1.80766  -4.30972  1.000 47.12445  ?  45  VAL AA O   1 
ATOM   350 C CB  . VAL A 1 45 ? 1.93740   -1.50003  -2.93285  1.000 48.09904  ?  45  VAL AA CB  1 
ATOM   351 C CG1 . VAL A 1 45 ? 2.52102   -1.15186  -1.57760  1.000 47.06438  ?  45  VAL AA CG1 1 
ATOM   352 C CG2 . VAL A 1 45 ? 1.51572   -2.96622  -2.97352  1.000 55.93124  ?  45  VAL AA CG2 1 
ATOM   353 N N   . SER A 1 46 ? 0.50945   -0.92804  -5.66450  1.000 44.84589  ?  46  SER AA N   1 
ATOM   354 C CA  . SER A 1 46 ? -0.07873  -1.58069  -6.82479  1.000 44.59374  ?  46  SER AA CA  1 
ATOM   355 C C   . SER A 1 46 ? 0.26423   -3.06516  -6.81932  1.000 43.47374  ?  46  SER AA C   1 
ATOM   356 O O   . SER A 1 46 ? 1.30659   -3.47989  -6.31095  1.000 50.31301  ?  46  SER AA O   1 
ATOM   357 C CB  . SER A 1 46 ? 0.40115   -0.92517  -8.11891  1.000 52.84842  ?  46  SER AA CB  1 
ATOM   358 O OG  . SER A 1 46 ? 1.61435   -1.50306  -8.56351  1.000 56.36833  ?  46  SER AA OG  1 
ATOM   359 N N   . GLU A 1 47 ? -0.64199  -3.87338  -7.37522  1.000 52.37199  ?  47  GLU AA N   1 
ATOM   360 C CA  . GLU A 1 47 ? -0.42414  -5.31711  -7.41244  1.000 48.85801  ?  47  GLU AA CA  1 
ATOM   361 C C   . GLU A 1 47 ? 0.85144   -5.67193  -8.16878  1.000 52.86754  ?  47  GLU AA C   1 
ATOM   362 O O   . GLU A 1 47 ? 1.51587   -6.66071  -7.83813  1.000 52.31897  ?  47  GLU AA O   1 
ATOM   363 C CB  . GLU A 1 47 ? -1.63829  -6.01070  -8.04025  1.000 56.33925  ?  47  GLU AA CB  1 
ATOM   364 C CG  . GLU A 1 47 ? -1.38223  -7.41930  -8.57179  1.000 58.43533  ?  47  GLU AA CG  1 
ATOM   365 C CD  . GLU A 1 47 ? -1.25804  -7.45676  -10.08490 1.000 80.98095  ?  47  GLU AA CD  1 
ATOM   366 O OE1 . GLU A 1 47 ? -1.86717  -6.59465  -10.75298 1.000 82.74472  ?  47  GLU AA OE1 1 
ATOM   367 O OE2 . GLU A 1 47 ? -0.55070  -8.34409  -10.60772 1.000 88.43130  ?  47  GLU AA OE2 1 
ATOM   368 N N   . LYS A 1 48 ? 1.22055   -4.86474  -9.16601  1.000 54.91907  ?  48  LYS AA N   1 
ATOM   369 C CA  . LYS A 1 48 ? 2.41022   -5.15101  -9.96147  1.000 54.83276  ?  48  LYS AA CA  1 
ATOM   370 C C   . LYS A 1 48 ? 3.68429   -5.02716  -9.13561  1.000 52.71872  ?  48  LYS AA C   1 
ATOM   371 O O   . LYS A 1 48 ? 4.60223   -5.84226  -9.27916  1.000 60.54081  ?  48  LYS AA O   1 
ATOM   372 C CB  . LYS A 1 48 ? 2.47331   -4.21226  -11.16082 1.000 58.92953  ?  48  LYS AA CB  1 
ATOM   373 C CG  . LYS A 1 48 ? 1.49003   -4.53284  -12.26419 1.000 65.03725  ?  48  LYS AA CG  1 
ATOM   374 C CD  . LYS A 1 48 ? 1.55420   -3.48298  -13.36522 1.000 86.51543  ?  48  LYS AA CD  1 
ATOM   375 C CE  . LYS A 1 48 ? 1.97415   -2.12478  -12.81899 1.000 87.67392  ?  48  LYS AA CE  1 
ATOM   376 N NZ  . LYS A 1 48 ? 1.50449   -1.00809  -13.68217 1.000 99.86592  ?  48  LYS AA NZ  1 
ATOM   377 N N   . ASP A 1 49 ? 3.76704   -4.00686  -8.28241  1.000 50.74221  ?  49  ASP AA N   1 
ATOM   378 C CA  . ASP A 1 49 ? 4.95021   -3.76738  -7.46701  1.000 54.13105  ?  49  ASP AA CA  1 
ATOM   379 C C   . ASP A 1 49 ? 4.95242   -4.56312  -6.17125  1.000 51.91299  ?  49  ASP AA C   1 
ATOM   380 O O   . ASP A 1 49 ? 5.89281   -4.42887  -5.38357  1.000 50.77629  ?  49  ASP AA O   1 
ATOM   381 C CB  . ASP A 1 49 ? 5.07319   -2.27842  -7.13539  1.000 48.77577  ?  49  ASP AA CB  1 
ATOM   382 C CG  . ASP A 1 49 ? 4.79388   -1.39366  -8.32235  1.000 52.99766  ?  49  ASP AA CG  1 
ATOM   383 O OD1 . ASP A 1 49 ? 5.15819   -1.78088  -9.45252  1.000 61.32245  ?  49  ASP AA OD1 1 
ATOM   384 O OD2 . ASP A 1 49 ? 4.21245   -0.30594  -8.12300  1.000 59.37093  ?  49  ASP AA OD2 1 
ATOM   385 N N   . ALA A 1 50 ? 3.93689   -5.36919  -5.92977  1.000 57.90977  ?  50  ALA AA N   1 
ATOM   386 C CA  . ALA A 1 50 ? 3.80976   -6.02528  -4.63914  1.000 47.01543  ?  50  ALA AA CA  1 
ATOM   387 C C   . ALA A 1 50 ? 4.76556   -7.21330  -4.54215  1.000 59.48090  ?  50  ALA AA C   1 
ATOM   388 O O   . ALA A 1 50 ? 4.92939   -7.96336  -5.50875  1.000 56.68324  ?  50  ALA AA O   1 
ATOM   389 C CB  . ALA A 1 50 ? 2.37576   -6.49544  -4.41925  1.000 55.15122  ?  50  ALA AA CB  1 
ATOM   390 N N   . PRO A 1 51 ? 5.41488   -7.39528  -3.39469  1.000 58.79161  ?  51  PRO AA N   1 
ATOM   391 C CA  . PRO A 1 51 ? 6.22282   -8.60056  -3.18728  1.000 54.78146  ?  51  PRO AA CA  1 
ATOM   392 C C   . PRO A 1 51 ? 5.34359   -9.83695  -3.08466  1.000 59.45040  ?  51  PRO AA C   1 
ATOM   393 O O   . PRO A 1 51 ? 4.15169   -9.76275  -2.77663  1.000 62.28421  ?  51  PRO AA O   1 
ATOM   394 C CB  . PRO A 1 51 ? 6.95148   -8.32142  -1.86728  1.000 63.53966  ?  51  PRO AA CB  1 
ATOM   395 C CG  . PRO A 1 51 ? 6.12690   -7.26876  -1.18432  1.000 52.07801  ?  51  PRO AA CG  1 
ATOM   396 C CD  . PRO A 1 51 ? 5.50811   -6.45001  -2.27095  1.000 48.79822  ?  51  PRO AA CD  1 
ATOM   397 N N   . LYS A 1 52 ? 5.95962   -10.99342 -3.35060  1.000 62.90998  ?  52  LYS AA N   1 
ATOM   398 C CA  . LYS A 1 52 ? 5.20062   -12.23866 -3.42412  1.000 65.03486  ?  52  LYS AA CA  1 
ATOM   399 C C   . LYS A 1 52 ? 4.46647   -12.53044 -2.12324  1.000 66.16575  ?  52  LYS AA C   1 
ATOM   400 O O   . LYS A 1 52 ? 3.33046   -13.01991 -2.13924  1.000 64.05331  ?  52  LYS AA O   1 
ATOM   401 C CB  . LYS A 1 52 ? 6.12081   -13.40554 -3.77735  1.000 65.62760  ?  52  LYS AA CB  1 
ATOM   402 C CG  . LYS A 1 52 ? 5.38600   -14.73456 -3.88108  1.000 64.03548  ?  52  LYS AA CG  1 
ATOM   403 C CD  . LYS A 1 52 ? 6.32552   -15.88239 -4.19143  1.000 73.48392  ?  52  LYS AA CD  1 
ATOM   404 C CE  . LYS A 1 52 ? 5.54753   -17.13721 -4.55985  1.000 82.84902  ?  52  LYS AA CE  1 
ATOM   405 N NZ  . LYS A 1 52 ? 4.88652   -17.75778 -3.37879  1.000 78.26235  ?  52  LYS AA NZ  1 
ATOM   406 N N   . GLU A 1 53 ? 5.09662   -12.24572 -0.98474  1.000 69.89515  ?  53  GLU AA N   1 
ATOM   407 C CA  . GLU A 1 53 ? 4.46615   -12.56466 0.28900   1.000 59.00879  ?  53  GLU AA CA  1 
ATOM   408 C C   . GLU A 1 53 ? 3.18348   -11.76399 0.49019   1.000 62.86642  ?  53  GLU AA C   1 
ATOM   409 O O   . GLU A 1 53 ? 2.17769   -12.30015 0.97060   1.000 66.89941  ?  53  GLU AA O   1 
ATOM   410 C CB  . GLU A 1 53 ? 5.45207   -12.32417 1.42774   1.000 57.95798  ?  53  GLU AA CB  1 
ATOM   411 C CG  . GLU A 1 53 ? 4.81549   -12.32869 2.78111   1.000 65.66341  ?  53  GLU AA CG  1 
ATOM   412 C CD  . GLU A 1 53 ? 4.47423   -13.71495 3.29769   1.000 78.01694  ?  53  GLU AA CD  1 
ATOM   413 O OE1 . GLU A 1 53 ? 4.37577   -14.66364 2.49121   1.000 97.47358  ?  53  GLU AA OE1 1 
ATOM   414 O OE2 . GLU A 1 53 ? 4.29678   -13.85256 4.52614   1.000 88.48001  ?  53  GLU AA OE2 1 
ATOM   415 N N   . LEU A 1 54 ? 3.19386   -10.48408 0.10895   1.000 63.50689  ?  54  LEU AA N   1 
ATOM   416 C CA  . LEU A 1 54 ? 1.98914   -9.66716  0.21661   1.000 57.27028  ?  54  LEU AA CA  1 
ATOM   417 C C   . LEU A 1 54 ? 0.86125   -10.23186 -0.63886  1.000 55.65571  ?  54  LEU AA C   1 
ATOM   418 O O   . LEU A 1 54 ? -0.29116  -10.31112 -0.19372  1.000 56.35915  ?  54  LEU AA O   1 
ATOM   419 C CB  . LEU A 1 54 ? 2.29568   -8.22582  -0.19100  1.000 54.20968  ?  54  LEU AA CB  1 
ATOM   420 C CG  . LEU A 1 54 ? 1.16307   -7.22155  0.03741   1.000 59.53954  ?  54  LEU AA CG  1 
ATOM   421 C CD1 . LEU A 1 54 ? 0.91713   -7.04182  1.52496   1.000 56.53370  ?  54  LEU AA CD1 1 
ATOM   422 C CD2 . LEU A 1 54 ? 1.46773   -5.88800  -0.62414  1.000 40.68169  ?  54  LEU AA CD2 1 
ATOM   423 N N   . LEU A 1 55 ? 1.17606   -10.62374 -1.87538  1.000 53.06927  ?  55  LEU AA N   1 
ATOM   424 C CA  . LEU A 1 55 ? 0.15741   -11.17880 -2.76117  1.000 55.11587  ?  55  LEU AA CA  1 
ATOM   425 C C   . LEU A 1 55 ? -0.37567  -12.50481 -2.23192  1.000 62.18929  ?  55  LEU AA C   1 
ATOM   426 O O   . LEU A 1 55 ? -1.57223  -12.79786 -2.36000  1.000 63.26596  ?  55  LEU AA O   1 
ATOM   427 C CB  . LEU A 1 55 ? 0.73518   -11.34881 -4.16403  1.000 55.57496  ?  55  LEU AA CB  1 
ATOM   428 C CG  . LEU A 1 55 ? 1.09179   -10.01785 -4.82043  1.000 56.49450  ?  55  LEU AA CG  1 
ATOM   429 C CD1 . LEU A 1 55 ? 1.96632   -10.22167 -6.04324  1.000 63.66672  ?  55  LEU AA CD1 1 
ATOM   430 C CD2 . LEU A 1 55 ? -0.17553  -9.26842  -5.18028  1.000 61.84763  ?  55  LEU AA CD2 1 
ATOM   431 N N   . ASP A 1 56 ? 0.49595   -13.31799 -1.63293  1.000 60.95535  ?  56  ASP AA N   1 
ATOM   432 C CA  . ASP A 1 56 ? 0.04629   -14.56227 -1.01948  1.000 66.32250  ?  56  ASP AA CA  1 
ATOM   433 C C   . ASP A 1 56 ? -0.88484  -14.28801 0.15367   1.000 72.32803  ?  56  ASP AA C   1 
ATOM   434 O O   . ASP A 1 56 ? -1.87661  -14.99925 0.34853   1.000 73.00153  ?  56  ASP AA O   1 
ATOM   435 C CB  . ASP A 1 56 ? 1.25018   -15.38944 -0.57246  1.000 61.22213  ?  56  ASP AA CB  1 
ATOM   436 C CG  . ASP A 1 56 ? 1.95059   -16.06923 -1.73285  1.000 77.59747  ?  56  ASP AA CG  1 
ATOM   437 O OD1 . ASP A 1 56 ? 1.46317   -15.95266 -2.87876  1.000 79.27619  ?  56  ASP AA OD1 1 
ATOM   438 O OD2 . ASP A 1 56 ? 2.98887   -16.71941 -1.49967  1.000 78.49102  ?  56  ASP AA OD2 1 
ATOM   439 N N   . MET A 1 57 ? -0.57702  -13.26120 0.94964   1.000 59.15332  ?  57  MET AA N   1 
ATOM   440 C CA  . MET A 1 57 ? -1.49502  -12.84722 2.00752   1.000 65.59849  ?  57  MET AA CA  1 
ATOM   441 C C   . MET A 1 57 ? -2.83941  -12.42885 1.43113   1.000 68.02474  ?  57  MET AA C   1 
ATOM   442 O O   . MET A 1 57 ? -3.89553  -12.75076 1.99083   1.000 73.38426  ?  57  MET AA O   1 
ATOM   443 C CB  . MET A 1 57 ? -0.89463  -11.69775 2.80912   1.000 57.07000  ?  57  MET AA CB  1 
ATOM   444 C CG  . MET A 1 57 ? 0.40142   -12.02168 3.49931   1.000 62.78531  ?  57  MET AA CG  1 
ATOM   445 S SD  . MET A 1 57 ? 0.94430   -10.59938 4.44836   1.000 75.37954  ?  57  MET AA SD  1 
ATOM   446 C CE  . MET A 1 57 ? -0.44385  -10.40143 5.55726   1.000 56.40190  ?  57  MET AA CE  1 
ATOM   447 N N   . LEU A 1 58 ? -2.81431  -11.69345 0.31885   1.000 65.95306  ?  58  LEU AA N   1 
ATOM   448 C CA  . LEU A 1 58 ? -4.05401  -11.29510 -0.33914  1.000 66.13712  ?  58  LEU AA CA  1 
ATOM   449 C C   . LEU A 1 58 ? -4.86987  -12.51510 -0.74703  1.000 66.26859  ?  58  LEU AA C   1 
ATOM   450 O O   . LEU A 1 58 ? -6.07961  -12.57876 -0.50235  1.000 73.43041  ?  58  LEU AA O   1 
ATOM   451 C CB  . LEU A 1 58 ? -3.74693  -10.42186 -1.55552  1.000 58.73409  ?  58  LEU AA CB  1 
ATOM   452 C CG  . LEU A 1 58 ? -4.95284  -9.89423  -2.34045  1.000 58.15347  ?  58  LEU AA CG  1 
ATOM   453 C CD1 . LEU A 1 58 ? -6.10918  -9.52240  -1.41775  1.000 57.47897  ?  58  LEU AA CD1 1 
ATOM   454 C CD2 . LEU A 1 58 ? -4.55319  -8.70121  -3.17915  1.000 61.75465  ?  58  LEU AA CD2 1 
ATOM   455 N N   . ALA A 1 59 ? -4.21846  -13.49454 -1.37438  1.000 64.11791  ?  59  ALA AA N   1 
ATOM   456 C CA  . ALA A 1 59 ? -4.92934  -14.69628 -1.80229  1.000 67.94227  ?  59  ALA AA CA  1 
ATOM   457 C C   . ALA A 1 59 ? -5.48580  -15.46314 -0.60719  1.000 65.53078  ?  59  ALA AA C   1 
ATOM   458 O O   . ALA A 1 59 ? -6.60538  -15.98846 -0.66404  1.000 68.19798  ?  59  ALA AA O   1 
ATOM   459 C CB  . ALA A 1 59 ? -4.00706  -15.58497 -2.63471  1.000 65.30494  ?  59  ALA AA CB  1 
ATOM   460 N N   . ARG A 1 60 ? -4.72068  -15.53090 0.48412   1.000 66.35026  ?  60  ARG AA N   1 
ATOM   461 C CA  . ARG A 1 60 ? -5.20294  -16.17590 1.70170   1.000 71.57350  ?  60  ARG AA CA  1 
ATOM   462 C C   . ARG A 1 60 ? -6.45963  -15.49272 2.21811   1.000 75.73944  ?  60  ARG AA C   1 
ATOM   463 O O   . ARG A 1 60 ? -7.43561  -16.15545 2.59146   1.000 83.59955  ?  60  ARG AA O   1 
ATOM   464 C CB  . ARG A 1 60 ? -4.11706  -16.15194 2.77717   1.000 72.23677  ?  60  ARG AA CB  1 
ATOM   465 C CG  . ARG A 1 60 ? -3.04794  -17.21187 2.63414   1.000 78.16945  ?  60  ARG AA CG  1 
ATOM   466 C CD  . ARG A 1 60 ? -1.98388  -17.02981 3.69983   1.000 83.58004  ?  60  ARG AA CD  1 
ATOM   467 N NE  . ARG A 1 60 ? -0.64585  -17.28679 3.18174   1.000 76.78791  ?  60  ARG AA NE  1 
ATOM   468 C CZ  . ARG A 1 60 ? 0.43324   -16.59631 3.52193   1.000 84.22404  ?  60  ARG AA CZ  1 
ATOM   469 N NH1 . ARG A 1 60 ? 0.36985   -15.58923 4.37690   1.000 77.87439  ?  60  ARG AA NH1 1 
ATOM   470 N NH2 . ARG A 1 60 ? 1.60778   -16.92569 2.98889   1.000 91.67232  ?  60  ARG AA NH2 1 
ATOM   471 N N   . ALA A 1 61 ? -6.44744  -14.15819 2.25478   1.000 76.73914  ?  61  ALA AA N   1 
ATOM   472 C CA  . ALA A 1 61 ? -7.59509  -13.41453 2.74806   1.000 68.88038  ?  61  ALA AA CA  1 
ATOM   473 C C   . ALA A 1 61 ? -8.81936  -13.59224 1.86820   1.000 77.09869  ?  61  ALA AA C   1 
ATOM   474 O O   . ALA A 1 61 ? -9.93404  -13.37490 2.34348   1.000 78.72153  ?  61  ALA AA O   1 
ATOM   475 C CB  . ALA A 1 61 ? -7.25269  -11.92945 2.86688   1.000 60.21654  ?  61  ALA AA CB  1 
ATOM   476 N N   . GLU A 1 62 ? -8.63847  -13.94559 0.59718   1.000 70.97269  ?  62  GLU AA N   1 
ATOM   477 C CA  . GLU A 1 62 ? -9.75297  -14.29095 -0.27463  1.000 84.47528  ?  62  GLU AA CA  1 
ATOM   478 C C   . GLU A 1 62 ? -10.15707 -15.75145 -0.14845  1.000 82.12947  ?  62  GLU AA C   1 
ATOM   479 O O   . GLU A 1 62 ? -11.09099 -16.18004 -0.83433  1.000 81.16564  ?  62  GLU AA O   1 
ATOM   480 C CB  . GLU A 1 62 ? -9.40261  -13.96591 -1.72535  1.000 65.78121  ?  62  GLU AA CB  1 
ATOM   481 C CG  . GLU A 1 62 ? -9.05008  -12.50483 -1.94614  1.000 71.16463  ?  62  GLU AA CG  1 
ATOM   482 C CD  . GLU A 1 62 ? -8.48379  -12.23394 -3.32545  1.000 82.25985  ?  62  GLU AA CD  1 
ATOM   483 O OE1 . GLU A 1 62 ? -9.07351  -11.41790 -4.06457  1.000 91.20509  ?  62  GLU AA OE1 1 
ATOM   484 O OE2 . GLU A 1 62 ? -7.44293  -12.83290 -3.66842  1.000 73.21688  ?  62  GLU AA OE2 1 
ATOM   485 N N   . ARG A 1 63 ? -9.51289  -16.49462 0.75153   1.000 84.29520  ?  63  ARG AA N   1 
ATOM   486 C CA  . ARG A 1 63 ? -9.87130  -17.87533 1.08367   1.000 88.31637  ?  63  ARG AA CA  1 
ATOM   487 C C   . ARG A 1 63 ? -9.88471  -18.74772 -0.16161  1.000 98.91913  ?  63  ARG AA C   1 
ATOM   488 O O   . ARG A 1 63 ? -8.89792  -19.41886 -0.46212  1.000 98.54400  ?  63  ARG AA O   1 
ATOM   489 C CB  . ARG A 1 63 ? -11.22499 -17.95497 1.80071   1.000 78.58530  ?  63  ARG AA CB  1 
ATOM   490 C CG  . ARG A 1 63 ? -11.40829 -17.00182 2.97221   1.000 75.84553  ?  63  ARG AA CG  1 
ATOM   491 C CD  . ARG A 1 63 ? -11.63730 -15.59209 2.52552   1.000 88.63506  ?  63  ARG AA CD  1 
ATOM   492 N NE  . ARG A 1 63 ? -12.70954 -15.47430 1.55268   1.000 100.30269 ?  63  ARG AA NE  1 
ATOM   493 C CZ  . ARG A 1 63 ? -13.97419 -15.39699 1.91302   1.000 93.36536  ?  63  ARG AA CZ  1 
ATOM   494 N NH1 . ARG A 1 63 ? -14.31041 -15.35754 3.18690   1.000 83.99899  ?  63  ARG AA NH1 1 
ATOM   495 N NH2 . ARG A 1 63 ? -14.91613 -15.34529 0.97725   1.000 100.93550 ?  63  ARG AA NH2 1 
HETATM 496 C C   . GOA B 2 1  ? -9.51709  1.94746   -0.04152  1.000 53.82230  ?  1   GOA B  C   1 
HETATM 497 C CA  . GOA B 2 1  ? -10.76560 1.86990   -0.91474  1.000 52.23230  ?  1   GOA B  CA  1 
HETATM 498 O O   . GOA B 2 1  ? -8.70686  1.02271   -0.01568  1.000 50.13230  ?  1   GOA B  O   1 
HETATM 499 O O2  . GOA B 2 1  ? -11.66214 2.89731   -0.49684  1.000 52.91230  ?  1   GOA B  O2  1 
HETATM 500 C C   . V4F B 2 2  ? -11.08073 6.37638   -1.14066  1.000 49.79230  ?  2   V4F B  C   1 
HETATM 501 C CAF . V4F B 2 2  ? -10.43602 7.61509   2.27192   1.000 55.59230  ?  2   V4F B  CAF 1 
HETATM 502 C CAD . V4F B 2 2  ? -10.97260 7.56146   0.98907   1.000 52.98230  ?  2   V4F B  CAD 1 
HETATM 503 C CAE . V4F B 2 2  ? -10.67110 6.45350   0.19130   1.000 52.11230  ?  2   V4F B  CAE 1 
HETATM 504 C CAL . V4F B 2 2  ? -9.68335  6.55817   2.74814   1.000 57.46230  ?  2   V4F B  CAL 1 
HETATM 505 C CAM . V4F B 2 2  ? -9.39303  5.49024   1.91507   1.000 53.80230  ?  2   V4F B  CAM 1 
HETATM 506 C CAJ . V4F B 2 2  ? -8.60245  4.44695   2.39252   1.000 59.24230  ?  2   V4F B  CAJ 1 
HETATM 507 C CAK . V4F B 2 2  ? -8.11942  4.49517   3.69502   1.000 60.98230  ?  2   V4F B  CAK 1 
HETATM 508 C CAG . V4F B 2 2  ? -8.40956  5.56467   4.52725   1.000 56.84230  ?  2   V4F B  CAG 1 
HETATM 509 C CAI . V4F B 2 2  ? -9.19648  6.59991   4.04687   1.000 59.74230  ?  2   V4F B  CAI 1 
HETATM 510 C C01 . V4F B 2 2  ? -11.57184 9.64358   2.89521   1.000 70.35230  ?  2   V4F B  C01 1 
HETATM 511 C CA  . V4F B 2 2  ? -8.29385  3.34718   1.59214   1.000 53.80230  ?  2   V4F B  CA  1 
HETATM 512 N NAH . V4F B 2 2  ? -9.84207  5.49987   0.65077   1.000 52.99230  ?  2   V4F B  NAH 1 
HETATM 513 N N   . V4F B 2 2  ? -9.41934  3.07353   0.68533   1.000 50.23230  ?  2   V4F B  N   1 
HETATM 514 O O   . V4F B 2 2  ? -11.96514 7.11871   -1.56454  1.000 52.98230  ?  2   V4F B  O   1 
HETATM 515 O O01 . V4F B 2 2  ? -10.67839 8.57278   3.20784   1.000 54.79230  ?  2   V4F B  O01 1 
HETATM 516 O O3  . V4F B 2 2  ? -12.55365 10.88880  4.90264   1.000 84.27230  -1 2   V4F B  O3  1 
HETATM 517 O O2  . V4F B 2 2  ? -11.18188 12.14117  3.21320   1.000 75.49230  -1 2   V4F B  O2  1 
HETATM 518 O O1  . V4F B 2 2  ? -10.09023 10.57321  4.73665   1.000 64.74230  ?  2   V4F B  O1  1 
HETATM 519 P P   . V4F B 2 2  ? -11.34298 10.94588  4.07500   1.000 74.50230  ?  2   V4F B  P   1 
HETATM 520 C C   . V53 B 2 3  ? -6.58840  2.83016   -2.64072  1.000 45.36230  ?  3   V53 B  C   1 
HETATM 521 C CAF . V53 B 2 3  ? -8.83378  3.01780   -5.54597  1.000 50.24230  ?  3   V53 B  CAF 1 
HETATM 522 C CAD . V53 B 2 3  ? -7.76088  2.61828   -4.75406  1.000 53.52230  ?  3   V53 B  CAD 1 
HETATM 523 C CAJ . V53 B 2 3  ? -7.69025  3.09505   -3.44298  1.000 58.05230  ?  3   V53 B  CAJ 1 
HETATM 524 C CAL . V53 B 2 3  ? -9.81263  3.85675   -5.01718  1.000 58.80230  ?  3   V53 B  CAL 1 
HETATM 525 C CAM . V53 B 2 3  ? -9.68691  4.29092   -3.70081  1.000 51.16230  ?  3   V53 B  CAM 1 
HETATM 526 C CA  . V53 B 2 3  ? -10.55578 5.23231   -3.17036  1.000 50.97230  ?  3   V53 B  CA  1 
HETATM 527 C CAK . V53 B 2 3  ? -11.69838 5.55964   -3.89994  1.000 54.75230  ?  3   V53 B  CAK 1 
HETATM 528 C CAG . V53 B 2 3  ? -11.85462 5.10274   -5.20818  1.000 51.50230  ?  3   V53 B  CAG 1 
HETATM 529 C CAI . V53 B 2 3  ? -10.91426 4.24713   -5.77507  1.000 48.02230  ?  3   V53 B  CAI 1 
HETATM 530 C C01 . V53 B 2 3  ? -8.07073  1.64586   -7.29630  1.000 47.67230  ?  3   V53 B  C01 1 
HETATM 531 N NAH . V53 B 2 3  ? -8.59413  3.97392   -2.99490  1.000 55.13230  ?  3   V53 B  NAH 1 
HETATM 532 N N   . V53 B 2 3  ? -10.36161 5.49241   -1.86863  1.000 48.42230  ?  3   V53 B  N   1 
HETATM 533 O O   . V53 B 2 3  ? -5.81590  1.91222   -2.90497  1.000 44.35230  ?  3   V53 B  O   1 
HETATM 534 O O01 . V53 B 2 3  ? -9.04676  2.57689   -6.81966  1.000 45.92230  ?  3   V53 B  O01 1 
HETATM 535 O O1  . V53 B 2 3  ? -7.09623  0.58236   -9.37787  1.000 52.60230  -1 3   V53 B  O1  1 
HETATM 536 O O2  . V53 B 2 3  ? -9.56478  0.67557   -9.18847  1.000 74.29230  ?  3   V53 B  O2  1 
HETATM 537 O O3  . V53 B 2 3  ? -8.25733  2.75831   -9.60695  1.000 55.46230  -1 3   V53 B  O3  1 
HETATM 538 P P   . V53 B 2 3  ? -8.29242  1.39463   -9.05322  1.000 54.30230  ?  3   V53 B  P   1 
HETATM 539 C C   . V4F B 2 4  ? -8.03051  7.89332   -1.02733  1.000 53.76230  ?  4   V4F B  C   1 
HETATM 540 C CAF . V4F B 2 4  ? -6.26241  7.37114   2.13496   1.000 62.67230  ?  4   V4F B  CAF 1 
HETATM 541 C CAD . V4F B 2 4  ? -7.10790  7.95340   1.19953   1.000 53.33230  ?  4   V4F B  CAD 1 
HETATM 542 C CAE . V4F B 2 4  ? -7.27513  7.30364   -0.01801  1.000 55.39230  ?  4   V4F B  CAE 1 
HETATM 543 C CAL . V4F B 2 4  ? -5.71049  6.11526   1.88243   1.000 58.77230  ?  4   V4F B  CAL 1 
HETATM 544 C CAM . V4F B 2 4  ? -5.93201  5.47619   0.66024   1.000 53.28230  ?  4   V4F B  CAM 1 
HETATM 545 C CAJ . V4F B 2 4  ? -5.24870  4.28089   0.36634   1.000 53.87230  ?  4   V4F B  CAJ 1 
HETATM 546 C CAK . V4F B 2 4  ? -4.52385  3.67617   1.39108   1.000 50.98230  ?  4   V4F B  CAK 1 
HETATM 547 C CAG . V4F B 2 4  ? -4.33208  4.29215   2.61789   1.000 55.93230  ?  4   V4F B  CAG 1 
HETATM 548 C CAI . V4F B 2 4  ? -4.92796  5.51858   2.86141   1.000 61.51230  ?  4   V4F B  CAI 1 
HETATM 549 C C01 . V4F B 2 4  ? -6.83340  9.02719   3.72339   1.000 54.87230  ?  4   V4F B  C01 1 
HETATM 550 C CA  . V4F B 2 4  ? -5.41744  3.45355   -0.75189  1.000 59.61230  ?  4   V4F B  CA  1 
HETATM 551 N NAH . V4F B 2 4  ? -6.63967  6.14062   -0.27273  1.000 58.65230  ?  4   V4F B  NAH 1 
HETATM 552 N N   . V4F B 2 4  ? -6.46566  3.65217   -1.57565  1.000 49.00230  ?  4   V4F B  N   1 
HETATM 553 O O   . V4F B 2 4  ? -8.71194  8.88695   -0.77414  1.000 61.92230  ?  4   V4F B  O   1 
HETATM 554 O O01 . V4F B 2 4  ? -6.06828  7.85177   3.40148   1.000 59.94230  ?  4   V4F B  O01 1 
HETATM 555 O O3  . V4F B 2 4  ? -6.76421  8.54647   6.22046   1.000 66.90230  -1 4   V4F B  O3  1 
HETATM 556 O O2  . V4F B 2 4  ? -7.24323  10.83142  5.51084   1.000 68.20230  ?  4   V4F B  O2  1 
HETATM 557 O O1  . V4F B 2 4  ? -4.92781  9.95115   5.26514   1.000 90.57230  -1 4   V4F B  O1  1 
HETATM 558 P P   . V4F B 2 4  ? -6.36617  9.66881   5.34057   1.000 73.84230  ?  4   V4F B  P   1 
HETATM 559 C C   . V53 B 2 5  ? -5.42389  4.85779   -5.54195  1.000 49.07230  ?  5   V53 B  C   1 
HETATM 560 C CAF . V53 B 2 5  ? -8.32699  6.60520   -6.84384  1.000 48.42230  ?  5   V53 B  CAF 1 
HETATM 561 C CAD . V53 B 2 5  ? -7.17942  5.82931   -6.79748  1.000 52.80230  ?  5   V53 B  CAD 1 
HETATM 562 C CAJ . V53 B 2 5  ? -6.60730  5.56427   -5.55918  1.000 47.99230  ?  5   V53 B  CAJ 1 
HETATM 563 C CAL . V53 B 2 5  ? -8.75615  7.26483   -5.70391  1.000 47.48230  ?  5   V53 B  CAL 1 
HETATM 564 C CAM . V53 B 2 5  ? -8.09914  7.02507   -4.50526  1.000 56.39230  ?  5   V53 B  CAM 1 
HETATM 565 C CA  . V53 B 2 5  ? -8.44832  7.72925   -3.36242  1.000 48.22230  ?  5   V53 B  CA  1 
HETATM 566 C CAK . V53 B 2 5  ? -9.61772  8.48475   -3.38745  1.000 55.15230  ?  5   V53 B  CAK 1 
HETATM 567 C CAG . V53 B 2 5  ? -10.29665 8.70539   -4.57877  1.000 50.71230  ?  5   V53 B  CAG 1 
HETATM 568 C CAI . V53 B 2 5  ? -9.86504  8.09182   -5.74481  1.000 46.72230  ?  5   V53 B  CAI 1 
HETATM 569 C C01 . V53 B 2 5  ? -8.38063  6.35573   -9.15311  1.000 55.72230  ?  5   V53 B  C01 1 
HETATM 570 N NAH . V53 B 2 5  ? -6.97852  6.28871   -4.50055  1.000 51.46230  ?  5   V53 B  NAH 1 
HETATM 571 N N   . V53 B 2 5  ? -7.83607  7.33483   -2.24426  1.000 48.31230  ?  5   V53 B  N   1 
HETATM 572 O O   . V53 B 2 5  ? -5.19414  4.02027   -6.41248  1.000 54.16230  ?  5   V53 B  O   1 
HETATM 573 O O01 . V53 B 2 5  ? -8.99190  6.90942   -7.98592  1.000 54.85230  ?  5   V53 B  O01 1 
HETATM 574 O O1  . V53 B 2 5  ? -8.78198  5.77547   -11.57533 1.000 78.96230  -1 5   V53 B  O1  1 
HETATM 575 O O2  . V53 B 2 5  ? -10.73985 5.87970   -10.03979 1.000 66.41230  ?  5   V53 B  O2  1 
HETATM 576 O O3  . V53 B 2 5  ? -9.51047  7.96146   -10.70449 1.000 64.35230  -1 5   V53 B  O3  1 
HETATM 577 P P   . V53 B 2 5  ? -9.48904  6.48948   -10.50471 1.000 83.93230  ?  5   V53 B  P   1 
HETATM 578 C C   . V5F B 2 6  ? -2.86222  8.37574   -1.25762  1.000 53.10230  ?  6   V5F B  C   1 
HETATM 579 C C6  . V5F B 2 6  ? -2.43970  6.94402   -1.58878  1.000 49.78230  ?  6   V5F B  C6  1 
HETATM 580 C C2  . V5F B 2 6  ? -1.40136  4.81978   -2.92273  1.000 48.12230  ?  6   V5F B  C2  1 
HETATM 581 C C1  . V5F B 2 6  ? -2.67907  5.28301   -3.23557  1.000 45.30230  ?  6   V5F B  C1  1 
HETATM 582 C CA  . V5F B 2 6  ? -3.38425  4.73510   -4.30249  1.000 50.65230  ?  6   V5F B  CA  1 
HETATM 583 C C5  . V5F B 2 6  ? -2.86488  3.60171   -4.91494  1.000 47.14230  ?  6   V5F B  C5  1 
HETATM 584 C C4  . V5F B 2 6  ? -1.61074  3.11045   -4.55764  1.000 38.83230  ?  6   V5F B  C4  1 
HETATM 585 C C3  . V5F B 2 6  ? -0.86840  3.70935   -3.55607  1.000 45.29230  ?  6   V5F B  C3  1 
HETATM 586 C CB  . V5F B 2 6  ? -2.65635  6.15051   -0.29471  1.000 49.67230  ?  6   V5F B  CB  1 
HETATM 587 N N   . V5F B 2 6  ? -4.59839  5.26107   -4.53993  1.000 54.43230  ?  6   V5F B  N   1 
HETATM 588 O O   . V5F B 2 6  ? -2.27576  8.98067   -0.36367  1.000 53.86230  ?  6   V5F B  O   1 
HETATM 589 O O1  . V5F B 2 6  ? -3.20814  6.41635   -2.68302  1.000 48.81230  ?  6   V5F B  O1  1 
HETATM 590 C C   . V4F B 2 7  ? -5.04292  8.56104   -6.28089  1.000 52.89230  ?  7   V4F B  C   1 
HETATM 591 C CAF . V4F B 2 7  ? -7.60378  10.90214  -5.07711  1.000 62.03230  ?  7   V4F B  CAF 1 
HETATM 592 C CAD . V4F B 2 7  ? -6.95573  10.03271  -5.95024  1.000 50.08230  ?  7   V4F B  CAD 1 
HETATM 593 C CAE . V4F B 2 7  ? -5.77398  9.44514   -5.49421  1.000 55.05230  ?  7   V4F B  CAE 1 
HETATM 594 C CAL . V4F B 2 7  ? -7.08579  11.15894  -3.82064  1.000 59.13230  ?  7   V4F B  CAL 1 
HETATM 595 C CAM . V4F B 2 7  ? -5.90175  10.55700  -3.41701  1.000 53.46230  ?  7   V4F B  CAM 1 
HETATM 596 C CAJ . V4F B 2 7  ? -5.40708  10.83466  -2.13979  1.000 54.15230  ?  7   V4F B  CAJ 1 
HETATM 597 C CAK . V4F B 2 7  ? -6.10070  11.71403  -1.31416  1.000 54.66230  ?  7   V4F B  CAK 1 
HETATM 598 C CAG . V4F B 2 7  ? -7.28424  12.31061  -1.72402  1.000 51.85230  ?  7   V4F B  CAG 1 
HETATM 599 C CAI . V4F B 2 7  ? -7.77803  12.02825  -2.98841  1.000 47.26230  ?  7   V4F B  CAI 1 
HETATM 600 C C01 . V4F B 2 7  ? -9.41322  11.40100  -6.57708  1.000 64.92230  ?  7   V4F B  C01 1 
HETATM 601 C CA  . V4F B 2 7  ? -4.22441  10.31586  -1.60795  1.000 56.25230  ?  7   V4F B  CA  1 
HETATM 602 N NAH . V4F B 2 7  ? -5.26189  9.75429   -4.28205  1.000 54.74230  ?  7   V4F B  NAH 1 
HETATM 603 N N   . V4F B 2 7  ? -3.85664  8.93509   -1.96685  1.000 53.80230  ?  7   V4F B  N   1 
HETATM 604 O O   . V4F B 2 7  ? -5.49554  8.18031   -7.35666  1.000 53.24230  ?  7   V4F B  O   1 
HETATM 605 O O01 . V4F B 2 7  ? -8.75965  11.57058  -5.32316  1.000 60.47230  ?  7   V4F B  O01 1 
HETATM 606 O O3  . V4F B 2 7  ? -10.77271 12.69795  -8.25600  1.000 64.09230  -1 7   V4F B  O3  1 
HETATM 607 O O2  . V4F B 2 7  ? -11.56914 12.61307  -5.89212  1.000 58.08230  ?  7   V4F B  O2  1 
HETATM 608 O O1  . V4F B 2 7  ? -9.57497  13.96820  -6.51195  1.000 70.06230  -1 7   V4F B  O1  1 
HETATM 609 P P   . V4F B 2 7  ? -10.45055 12.82485  -6.81608  1.000 76.43230  ?  7   V4F B  P   1 
HETATM 610 C C   . V53 B 2 8  ? 0.11692   9.53546   -3.38175  1.000 59.31230  ?  8   V53 B  C   1 
HETATM 611 C CAF . V53 B 2 8  ? 0.54088   6.61360   -5.52317  1.000 49.06230  ?  8   V53 B  CAF 1 
HETATM 612 C CAD . V53 B 2 8  ? 0.82536   7.61507   -4.60707  1.000 52.59230  ?  8   V53 B  CAD 1 
HETATM 613 C CAJ . V53 B 2 8  ? -0.19976  8.47598   -4.21464  1.000 51.59230  ?  8   V53 B  CAJ 1 
HETATM 614 C CAL . V53 B 2 8  ? -0.71293  6.56077   -6.11565  1.000 49.51230  ?  8   V53 B  CAL 1 
HETATM 615 C CAM . V53 B 2 8  ? -1.68776  7.46010   -5.70596  1.000 43.53230  ?  8   V53 B  CAM 1 
HETATM 616 C CA  . V53 B 2 8  ? -2.90225  7.53275   -6.36530  1.000 49.26230  ?  8   V53 B  CA  1 
HETATM 617 C CAK . V53 B 2 8  ? -3.23903  6.48485   -7.22234  1.000 45.52230  ?  8   V53 B  CAK 1 
HETATM 618 C CAG . V53 B 2 8  ? -2.28521  5.54780   -7.61149  1.000 45.01230  ?  8   V53 B  CAG 1 
HETATM 619 C CAI . V53 B 2 8  ? -1.01411  5.58226   -7.05501  1.000 48.52230  ?  8   V53 B  CAI 1 
HETATM 620 C C01 . V53 B 2 8  ? 2.75837   5.82817   -5.39535  1.000 46.87230  ?  8   V53 B  C01 1 
HETATM 621 N NAH . V53 B 2 8  ? -1.37348  8.44598   -4.85501  1.000 49.25230  ?  8   V53 B  NAH 1 
HETATM 622 N N   . V53 B 2 8  ? -3.80144  8.33552   -5.80353  1.000 53.88230  ?  8   V53 B  N   1 
HETATM 623 O O   . V53 B 2 8  ? 1.08721   9.47924   -2.62654  1.000 65.40230  ?  8   V53 B  O   1 
HETATM 624 O O01 . V53 B 2 8  ? 1.44807   5.69334   -5.95365  1.000 53.87230  ?  8   V53 B  O01 1 
HETATM 625 O O1  . V53 B 2 8  ? 4.91259   4.50034   -4.93791  1.000 48.02230  ?  8   V53 B  O1  1 
HETATM 626 O O2  . V53 B 2 8  ? 3.99479   4.62700   -7.21890  1.000 51.46230  -1 8   V53 B  O2  1 
HETATM 627 O O3  . V53 B 2 8  ? 2.85761   3.21601   -5.50173  1.000 49.48230  -1 8   V53 B  O3  1 
HETATM 628 P P   . V53 B 2 8  ? 3.72194   4.36961   -5.78358  1.000 60.63230  ?  8   V53 B  P   1 
HETATM 629 C C   . V4F B 2 9  ? -3.51811  11.60637  -6.76226  1.000 54.51230  ?  9   V4F B  C   1 
HETATM 630 C CAF . V4F B 2 9  ? -4.71037  13.84849  -4.12231  1.000 64.03230  ?  9   V4F B  CAF 1 
HETATM 631 C CAD . V4F B 2 9  ? -4.65161  13.18761  -5.34157  1.000 61.08230  ?  9   V4F B  CAD 1 
HETATM 632 C CAE . V4F B 2 9  ? -3.59510  12.30548  -5.55862  1.000 55.11230  ?  9   V4F B  CAE 1 
HETATM 633 C CAL . V4F B 2 9  ? -3.70260  13.66466  -3.18892  1.000 56.53230  ?  9   V4F B  CAL 1 
HETATM 634 C CAM . V4F B 2 9  ? -2.64984  12.78903  -3.45206  1.000 55.40230  ?  9   V4F B  CAM 1 
HETATM 635 C CAJ . V4F B 2 9  ? -1.66076  12.61231  -2.47229  1.000 60.00230  ?  9   V4F B  CAJ 1 
HETATM 636 C CAK . V4F B 2 9  ? -1.74493  13.32035  -1.27782  1.000 64.75230  ?  9   V4F B  CAK 1 
HETATM 637 C CAG . V4F B 2 9  ? -2.79547  14.18870  -1.02671  1.000 62.35230  ?  9   V4F B  CAG 1 
HETATM 638 C CAI . V4F B 2 9  ? -3.77688  14.36101  -1.98978  1.000 57.37230  ?  9   V4F B  CAI 1 
HETATM 639 C C01 . V4F B 2 9  ? -6.67740  15.00187  -4.75780  1.000 67.62230  ?  9   V4F B  C01 1 
HETATM 640 C CA  . V4F B 2 9  ? -0.55482  11.76474  -2.58245  1.000 58.81230  ?  9   V4F B  CA  1 
HETATM 641 N NAH . V4F B 2 9  ? -2.61195  12.15973  -4.64205  1.000 56.40230  ?  9   V4F B  NAH 1 
HETATM 642 N N   . V4F B 2 9  ? -0.76000  10.56564  -3.41543  1.000 55.18230  ?  9   V4F B  N   1 
HETATM 643 O O   . V4F B 2 9  ? -4.45666  11.65347  -7.55698  1.000 59.46230  ?  9   V4F B  O   1 
HETATM 644 O O01 . V4F B 2 9  ? -5.67711  14.74699  -3.76508  1.000 54.24230  ?  9   V4F B  O01 1 
HETATM 645 O O3  . V4F B 2 9  ? -9.02860  15.03489  -3.76529  1.000 71.88230  -1 9   V4F B  O3  1 
HETATM 646 O O2  . V4F B 2 9  ? -8.30063  16.98402  -5.11768  1.000 80.91230  ?  9   V4F B  O2  1 
HETATM 647 O O1  . V4F B 2 9  ? -7.35696  16.59261  -2.84655  1.000 74.16230  -1 9   V4F B  O1  1 
HETATM 648 P P   . V4F B 2 9  ? -7.97219  16.03011  -4.05524  1.000 76.78230  ?  9   V4F B  P   1 
HETATM 649 C C   . V53 B 2 10 ? 2.23956   10.06463  -6.07352  1.000 56.55230  ?  10  V53 B  C   1 
HETATM 650 C CAF . V53 B 2 10 ? 0.93119   8.33613   -9.02584  1.000 51.71230  ?  10  V53 B  CAF 1 
HETATM 651 C CAD . V53 B 2 10 ? 1.82903   8.74927   -8.05129  1.000 51.09230  ?  10  V53 B  CAD 1 
HETATM 652 C CAJ . V53 B 2 10 ? 1.37862   9.63142   -7.07387  1.000 55.26230  ?  10  V53 B  CAJ 1 
HETATM 653 C CAL . V53 B 2 10 ? -0.36595  8.83162   -9.03238  1.000 49.26230  ?  10  V53 B  CAL 1 
HETATM 654 C CAM . V53 B 2 10 ? -0.77500  9.66989   -8.00389  1.000 51.61230  ?  10  V53 B  CAM 1 
HETATM 655 C CA  . V53 B 2 10 ? -2.04599  10.23379  -8.02428  1.000 51.59230  ?  10  V53 B  CA  1 
HETATM 656 C CAK . V53 B 2 10 ? -2.97357  9.78071   -8.96338  1.000 44.63230  ?  10  V53 B  CAK 1 
HETATM 657 C CAG . V53 B 2 10 ? -2.58029  8.90847   -9.97374  1.000 43.85230  ?  10  V53 B  CAG 1 
HETATM 658 C CAI . V53 B 2 10 ? -1.27521  8.42445   -10.00145 1.000 48.50230  ?  10  V53 B  CAI 1 
HETATM 659 C C01 . V53 B 2 10 ? 2.60784   7.02128   -9.96460  1.000 58.12230  ?  10  V53 B  C01 1 
HETATM 660 N NAH . V53 B 2 10 ? 0.10974   10.07037  -7.07576  1.000 52.14230  ?  10  V53 B  NAH 1 
HETATM 661 N N   . V53 B 2 10 ? -2.34397  10.96640  -6.94487  1.000 55.41230  ?  10  V53 B  N   1 
HETATM 662 O O   . V53 B 2 10 ? 3.41807   9.64986   -6.03729  1.000 62.25230  ?  10  V53 B  O   1 
HETATM 663 O O01 . V53 B 2 10 ? 1.26101   7.49909   -10.04770 1.000 60.76230  ?  10  V53 B  O01 1 
HETATM 664 O O1  . V53 B 2 10 ? 4.49158   6.08895   -11.25509 1.000 61.91230  -1 10  V53 B  O1  1 
HETATM 665 O O2  . V53 B 2 10 ? 2.28823   4.86431   -11.18078 1.000 53.28230  -1 10  V53 B  O2  1 
HETATM 666 O O3  . V53 B 2 10 ? 2.47127   7.05495   -12.44859 1.000 64.92230  ?  10  V53 B  O3  1 
HETATM 667 P P   . V53 B 2 10 ? 3.03289   6.10059   -11.47982 1.000 71.43230  ?  10  V53 B  P   1 
HETATM 668 O OXT . V53 B 2 10 ? 1.85297   10.93032  -5.25879  1.000 54.26230  -1 10  V53 B  OXT 1 
HETATM 669 C C   . GOA C 2 1  ? 5.83295   22.25135  -16.78268 1.000 67.37930  ?  1   GOA C  C   1 
HETATM 670 C CA  . GOA C 2 1  ? 5.15915   21.89621  -18.11803 1.000 53.86930  ?  1   GOA C  CA  1 
HETATM 671 O O   . GOA C 2 1  ? 5.46984   23.24514  -16.15450 1.000 66.63930  ?  1   GOA C  O   1 
HETATM 672 O O2  . GOA C 2 1  ? 5.90288   20.88537  -18.81379 1.000 71.89930  ?  1   GOA C  O2  1 
HETATM 673 C C   . V4F C 2 2  ? 6.63919   17.55098  -17.45872 1.000 71.42930  ?  2   V4F C  C   1 
HETATM 674 C CAF . V4F C 2 2  ? 10.01125  17.63384  -15.96330 1.000 75.52930  ?  2   V4F C  CAF 1 
HETATM 675 C CAD . V4F C 2 2  ? 8.93200   17.12852  -16.68532 1.000 75.49930  ?  2   V4F C  CAD 1 
HETATM 676 C CAE . V4F C 2 2  ? 7.80205   17.93385  -16.80212 1.000 74.32930  ?  2   V4F C  CAE 1 
HETATM 677 C CAL . V4F C 2 2  ? 9.94632   18.90277  -15.40047 1.000 74.89930  ?  2   V4F C  CAL 1 
HETATM 678 C CAM . V4F C 2 2  ? 8.78629   19.64966  -15.53954 1.000 74.53930  ?  2   V4F C  CAM 1 
HETATM 679 C CAJ . V4F C 2 2  ? 8.69295   20.92042  -14.97454 1.000 79.65930  ?  2   V4F C  CAJ 1 
HETATM 680 C CAK . V4F C 2 2  ? 9.77260   21.43472  -14.26540 1.000 73.25930  ?  2   V4F C  CAK 1 
HETATM 681 C CAG . V4F C 2 2  ? 10.93602  20.68692  -14.12434 1.000 82.09930  ?  2   V4F C  CAG 1 
HETATM 682 C CAI . V4F C 2 2  ? 11.02331  19.42066  -14.69185 1.000 81.67930  ?  2   V4F C  CAI 1 
HETATM 683 C C01 . V4F C 2 2  ? 11.24682  15.69433  -16.42990 1.000 91.27930  ?  2   V4F C  C01 1 
HETATM 684 C CA  . V4F C 2 2  ? 7.53720   21.69650  -15.10230 1.000 71.62930  ?  2   V4F C  CA  1 
HETATM 685 N NAH . V4F C 2 2  ? 7.74274   19.12221  -16.18413 1.000 67.92930  ?  2   V4F C  NAH 1 
HETATM 686 N N   . V4F C 2 2  ? 6.82831   21.43921  -16.37177 1.000 66.42930  ?  2   V4F C  N   1 
HETATM 687 O O   . V4F C 2 2  ? 6.61969   16.56978  -18.20166 1.000 67.73930  ?  2   V4F C  O   1 
HETATM 688 O O01 . V4F C 2 2  ? 11.19224  16.97389  -15.79072 1.000 88.67930  ?  2   V4F C  O01 1 
HETATM 689 O O3  . V4F C 2 2  ? 13.70172  15.52456  -16.95479 1.000 90.30930  -1 2   V4F C  O3  1 
HETATM 690 O O2  . V4F C 2 2  ? 12.50684  13.47182  -16.26014 1.000 85.33930  -1 2   V4F C  O2  1 
HETATM 691 O O1  . V4F C 2 2  ? 12.99242  15.26162  -14.58721 1.000 93.96930  ?  2   V4F C  O1  1 
HETATM 692 P P   . V4F C 2 2  ? 12.76900  14.89336  -15.99087 1.000 105.47930 ?  2   V4F C  P   1 
HETATM 693 C C   . V53 C 2 3  ? 3.44269   21.25013  -14.11673 1.000 65.34930  ?  3   V53 C  C   1 
HETATM 694 C CAF . V53 C 2 3  ? 1.26484   20.06008  -16.85011 1.000 72.31930  ?  3   V53 C  CAF 1 
HETATM 695 C CAD . V53 C 2 3  ? 1.64411   20.75425  -15.70010 1.000 62.66930  ?  3   V53 C  CAD 1 
HETATM 696 C CAJ . V53 C 2 3  ? 2.97152   20.64056  -15.27819 1.000 61.69930  ?  3   V53 C  CAJ 1 
HETATM 697 C CAL . V53 C 2 3  ? 2.16520   19.21987  -17.48771 1.000 58.71930  ?  3   V53 C  CAL 1 
HETATM 698 C CAM . V53 C 2 3  ? 3.46417   19.14409  -17.02187 1.000 60.55930  ?  3   V53 C  CAM 1 
HETATM 699 C CA  . V53 C 2 3  ? 4.35297   18.22154  -17.55380 1.000 61.53930  ?  3   V53 C  CA  1 
HETATM 700 C CAK . V53 C 2 3  ? 4.01288   17.57984  -18.74345 1.000 57.83930  ?  3   V53 C  CAK 1 
HETATM 701 C CAG . V53 C 2 3  ? 2.71783   17.68219  -19.24608 1.000 63.07930  ?  3   V53 C  CAG 1 
HETATM 702 C CAI . V53 C 2 3  ? 1.78786   18.50281  -18.61699 1.000 62.46930  ?  3   V53 C  CAI 1 
HETATM 703 C C01 . V53 C 2 3  ? -1.01065  20.83812  -16.78467 1.000 95.22930  ?  3   V53 C  C01 1 
HETATM 704 N NAH . V53 C 2 3  ? 3.79706   19.78171  -15.89324 1.000 62.23930  ?  3   V53 C  NAH 1 
HETATM 705 N N   . V53 C 2 3  ? 5.59762   18.33152  -17.10225 1.000 63.55930  ?  3   V53 C  N   1 
HETATM 706 O O   . V53 C 2 3  ? 2.83536   22.17128  -13.57050 1.000 70.23930  ?  3   V53 C  O   1 
HETATM 707 O O01 . V53 C 2 3  ? 0.02016   20.06688  -17.40943 1.000 85.35930  ?  3   V53 C  O01 1 
HETATM 708 O O1  . V53 C 2 3  ? -1.88613  20.40299  -19.16019 1.000 74.02930  -1 3   V53 C  O1  1 
HETATM 709 O O2  . V53 C 2 3  ? -1.97565  22.68339  -18.24045 1.000 99.79930  -1 3   V53 C  O2  1 
HETATM 710 O O3  . V53 C 2 3  ? -3.52906  20.94737  -17.35761 1.000 93.68930  ?  3   V53 C  O3  1 
HETATM 711 P P   . V53 C 2 3  ? -2.24832  21.24645  -18.00973 1.000 116.18930 ?  3   V53 C  P   1 
HETATM 712 C C   . V4F C 2 4  ? 5.94247   16.53238  -14.34178 1.000 73.44930  ?  4   V4F C  C   1 
HETATM 713 C CAF . V4F C 2 4  ? 8.80813   17.87961  -12.44957 1.000 81.97930  ?  4   V4F C  CAF 1 
HETATM 714 C CAD . V4F C 2 4  ? 8.01139   16.99576  -13.16778 1.000 71.51930  ?  4   V4F C  CAD 1 
HETATM 715 C CAE . V4F C 2 4  ? 6.75260   17.38488  -13.58785 1.000 68.87930  ?  4   V4F C  CAE 1 
HETATM 716 C CAL . V4F C 2 4  ? 8.27227   19.14764  -12.08270 1.000 70.34930  ?  4   V4F C  CAL 1 
HETATM 717 C CAM . V4F C 2 4  ? 6.98903   19.49866  -12.54234 1.000 69.75930  ?  4   V4F C  CAM 1 
HETATM 718 C CAJ . V4F C 2 4  ? 6.37210   20.69573  -12.11428 1.000 71.71930  ?  4   V4F C  CAJ 1 
HETATM 719 C CAK . V4F C 2 4  ? 7.13735   21.63125  -11.43114 1.000 72.26930  ?  4   V4F C  CAK 1 
HETATM 720 C CAG . V4F C 2 4  ? 8.41390   21.33547  -11.00254 1.000 76.11930  ?  4   V4F C  CAG 1 
HETATM 721 C CAI . V4F C 2 4  ? 8.94985   20.10583  -11.33031 1.000 68.77930  ?  4   V4F C  CAI 1 
HETATM 722 C C01 . V4F C 2 4  ? 11.13599  18.05403  -11.38655 1.000 84.41930  ?  4   V4F C  C01 1 
HETATM 723 C CA  . V4F C 2 4  ? 5.16275   21.24332  -12.55863 1.000 65.96930  ?  4   V4F C  CA  1 
HETATM 724 N NAH . V4F C 2 4  ? 6.26074   18.57157  -13.19371 1.000 67.10930  ?  4   V4F C  NAH 1 
HETATM 725 N N   . V4F C 2 4  ? 4.61018   20.73366  -13.67360 1.000 62.74930  ?  4   V4F C  N   1 
HETATM 726 O O   . V4F C 2 4  ? 6.42259   15.52766  -14.86668 1.000 66.77930  ?  4   V4F C  O   1 
HETATM 727 O O01 . V4F C 2 4  ? 10.07218  17.39607  -12.10530 1.000 80.45930  ?  4   V4F C  O01 1 
HETATM 728 O O3  . V4F C 2 4  ? 12.11630  15.78762  -11.90391 1.000 91.27930  ?  4   V4F C  O3  1 
HETATM 729 O O2  . V4F C 2 4  ? 13.53512  17.81940  -12.18375 1.000 105.41930 -1 4   V4F C  O2  1 
HETATM 730 O O1  . V4F C 2 4  ? 12.86378  16.99779  -9.90758  1.000 101.07930 -1 4   V4F C  O1  1 
HETATM 731 P P   . V4F C 2 4  ? 12.57751  17.06966  -11.35795 1.000 105.48930 ?  4   V4F C  P   1 
HETATM 732 C C   . V53 C 2 5  ? 0.88360   19.19360  -12.61468 1.000 68.48930  ?  5   V53 C  C   1 
HETATM 733 C CAF . V53 C 2 5  ? 0.08028   16.94894  -15.38906 1.000 68.00930  ?  5   V53 C  CAF 1 
HETATM 734 C CAD . V53 C 2 5  ? -0.10395  17.88984  -14.37997 1.000 62.48930  ?  5   V53 C  CAD 1 
HETATM 735 C CAJ . V53 C 2 5  ? 1.02733   18.35302  -13.70537 1.000 67.27930  ?  5   V53 C  CAJ 1 
HETATM 736 C CAL . V53 C 2 5  ? 1.34079   16.42228  -15.63121 1.000 59.90930  ?  5   V53 C  CAL 1 
HETATM 737 C CAM . V53 C 2 5  ? 2.41685   16.88142  -14.89141 1.000 59.74930  ?  5   V53 C  CAM 1 
HETATM 738 C CA  . V53 C 2 5  ? 3.66784   16.29162  -15.01465 1.000 63.07930  ?  5   V53 C  CA  1 
HETATM 739 C CAK . V53 C 2 5  ? 3.87836   15.41791  -16.08072 1.000 66.33930  ?  5   V53 C  CAK 1 
HETATM 740 C CAG . V53 C 2 5  ? 2.80872   14.97129  -16.85044 1.000 66.05930  ?  5   V53 C  CAG 1 
HETATM 741 C CAI . V53 C 2 5  ? 1.53212   15.47432  -16.62655 1.000 63.78930  ?  5   V53 C  CAI 1 
HETATM 742 C C01 . V53 C 2 5  ? -2.24839  16.92779  -15.98800 1.000 94.20930  ?  5   V53 C  C01 1 
HETATM 743 N NAH . V53 C 2 5  ? 2.19783   17.73023  -13.88208 1.000 62.39930  ?  5   V53 C  NAH 1 
HETATM 744 N N   . V53 C 2 5  ? 4.64918   16.91812  -14.37291 1.000 70.56930  ?  5   V53 C  N   1 
HETATM 745 O O   . V53 C 2 5  ? -0.05381  19.98792  -12.54518 1.000 72.56930  ?  5   V53 C  O   1 
HETATM 746 O O01 . V53 C 2 5  ? -0.90909  16.45722  -16.18765 1.000 83.12930  ?  5   V53 C  O01 1 
HETATM 747 O O1  . V53 C 2 5  ? -3.29609  15.43029  -17.73185 1.000 99.61930  -1 5   V53 C  O1  1 
HETATM 748 O O2  . V53 C 2 5  ? -2.18805  17.53030  -18.49360 1.000 101.87930 ?  5   V53 C  O2  1 
HETATM 749 O O3  . V53 C 2 5  ? -4.35362  17.60193  -17.25981 1.000 116.10930 -1 5   V53 C  O3  1 
HETATM 750 P P   . V53 C 2 5  ? -3.10236  16.88768  -17.54432 1.000 112.89930 ?  5   V53 C  P   1 
HETATM 751 C C   . V5F C 2 6  ? 5.29268   16.30004  -9.80264  1.000 72.05930  ?  6   V5F C  C   1 
HETATM 752 C C6  . V5F C 2 6  ? 4.84500   17.69084  -9.33357  1.000 69.13930  ?  6   V5F C  C6  1 
HETATM 753 C C2  . V5F C 2 6  ? 3.26477   19.88321  -8.50153  1.000 60.12930  ?  6   V5F C  C2  1 
HETATM 754 C C1  . V5F C 2 6  ? 3.04956   19.25952  -9.72970  1.000 65.15930  ?  6   V5F C  C1  1 
HETATM 755 C CA  . V5F C 2 6  ? 1.97541   19.64584  -10.53399 1.000 60.59930  ?  6   V5F C  CA  1 
HETATM 756 C C5  . V5F C 2 6  ? 1.22600   20.76217  -10.17459 1.000 56.41930  ?  6   V5F C  C5  1 
HETATM 757 C C4  . V5F C 2 6  ? 1.47125   21.41499  -8.97112  1.000 65.18930  ?  6   V5F C  C4  1 
HETATM 758 C C3  . V5F C 2 6  ? 2.49423   20.97976  -8.13527  1.000 71.17930  ?  6   V5F C  C3  1 
HETATM 759 C CB  . V5F C 2 6  ? 6.07203   18.60311  -9.45311  1.000 72.36930  ?  6   V5F C  CB  1 
HETATM 760 N N   . V5F C 2 6  ? 1.85854   18.97965  -11.69309 1.000 60.52930  ?  6   V5F C  N   1 
HETATM 761 O O   . V5F C 2 6  ? 6.38966   15.85314  -9.46628  1.000 73.76930  ?  6   V5F C  O   1 
HETATM 762 O O1  . V5F C 2 6  ? 3.73109   18.13724  -10.13701 1.000 71.74930  ?  6   V5F C  O1  1 
HETATM 763 C C   . V4F C 2 7  ? 0.32798   16.31903  -10.24361 1.000 67.45930  ?  7   V4F C  C   1 
HETATM 764 C CAF . V4F C 2 7  ? 0.40895   14.11698  -13.17831 1.000 65.45930  ?  7   V4F C  CAF 1 
HETATM 765 C CAD . V4F C 2 7  ? -0.09991  15.00983  -12.24228 1.000 53.98930  ?  7   V4F C  CAD 1 
HETATM 766 C CAE . V4F C 2 7  ? 0.76355   15.47020  -11.25273 1.000 64.90930  ?  7   V4F C  CAE 1 
HETATM 767 C CAL . V4F C 2 7  ? 1.73981   13.73612  -13.13330 1.000 63.22930  ?  7   V4F C  CAL 1 
HETATM 768 C CAM . V4F C 2 7  ? 2.55294   14.21460  -12.11457 1.000 65.92930  ?  7   V4F C  CAM 1 
HETATM 769 C CAJ . V4F C 2 7  ? 3.88894   13.82179  -12.05700 1.000 66.96930  ?  7   V4F C  CAJ 1 
HETATM 770 C CAK . V4F C 2 7  ? 4.39031   12.95181  -13.01708 1.000 59.60930  ?  7   V4F C  CAK 1 
HETATM 771 C CAG . V4F C 2 7  ? 3.57220   12.47396  -14.03270 1.000 68.71930  ?  7   V4F C  CAG 1 
HETATM 772 C CAI . V4F C 2 7  ? 2.24210   12.86915  -14.09405 1.000 63.16930  ?  7   V4F C  CAI 1 
HETATM 773 C C01 . V4F C 2 7  ? -1.64463  14.09302  -14.29266 1.000 77.55930  ?  7   V4F C  C01 1 
HETATM 774 C CA  . V4F C 2 7  ? 4.75317   14.26964  -11.05702 1.000 72.65930  ?  7   V4F C  CA  1 
HETATM 775 N NAH . V4F C 2 7  ? 2.02880   15.01998  -11.17824 1.000 65.73930  ?  7   V4F C  NAH 1 
HETATM 776 N N   . V4F C 2 7  ? 4.41369   15.61555  -10.55822 1.000 68.03930  ?  7   V4F C  N   1 
HETATM 777 O O   . V4F C 2 7  ? -0.74811  16.91158  -10.35127 1.000 61.71930  ?  7   V4F C  O   1 
HETATM 778 O O01 . V4F C 2 7  ? -0.30058  13.61421  -14.22480 1.000 75.53930  ?  7   V4F C  O01 1 
HETATM 779 O O3  . V4F C 2 7  ? -2.09552  13.23841  -16.61253 1.000 88.82930  -1 7   V4F C  O3  1 
HETATM 780 O O2  . V4F C 2 7  ? -3.99502  13.51515  -15.06622 1.000 104.42930 -1 7   V4F C  O2  1 
HETATM 781 O O1  . V4F C 2 7  ? -2.36098  11.68222  -14.68246 1.000 97.94930  ?  7   V4F C  O1  1 
HETATM 782 P P   . V4F C 2 7  ? -2.63024  12.99961  -15.25179 1.000 103.35930 ?  7   V4F C  P   1 
HETATM 783 C C   . V53 C 2 8  ? 4.63023   14.51705  -6.52889  1.000 65.21930  ?  8   V53 C  C   1 
HETATM 784 C CAF . V53 C 2 8  ? 3.00126   17.43223  -4.99979  1.000 71.97930  ?  8   V53 C  CAF 1 
HETATM 785 C CAD . V53 C 2 8  ? 3.85265   16.35411  -5.21530  1.000 56.89930  ?  8   V53 C  CAD 1 
HETATM 786 C CAJ . V53 C 2 8  ? 3.80522   15.62906  -6.39717  1.000 63.63930  ?  8   V53 C  CAJ 1 
HETATM 787 C CAL . V53 C 2 8  ? 2.01667   17.71950  -5.97889  1.000 66.76930  ?  8   V53 C  CAL 1 
HETATM 788 C CAM . V53 C 2 8  ? 2.00748   16.93501  -7.13908  1.000 66.08930  ?  8   V53 C  CAM 1 
HETATM 789 C CA  . V53 C 2 8  ? 1.00492   17.07285  -8.09361  1.000 64.03930  ?  8   V53 C  CA  1 
HETATM 790 C CAK . V53 C 2 8  ? 0.14614   18.16419  -8.03585  1.000 65.11930  ?  8   V53 C  CAK 1 
HETATM 791 C CAG . V53 C 2 8  ? 0.14348   18.97943  -6.91732  1.000 64.52930  ?  8   V53 C  CAG 1 
HETATM 792 C CAI . V53 C 2 8  ? 1.07317   18.74760  -5.91566  1.000 61.83930  ?  8   V53 C  CAI 1 
HETATM 793 C C01 . V53 C 2 8  ? 2.47700   19.27034  -3.29670  1.000 92.34930  ?  8   V53 C  C01 1 
HETATM 794 N NAH . V53 C 2 8  ? 2.83284   15.88344  -7.27826  1.000 64.46930  ?  8   V53 C  NAH 1 
HETATM 795 N N   . V53 C 2 8  ? 1.17876   16.34441  -9.19408  1.000 66.60930  ?  8   V53 C  N   1 
HETATM 796 O O   . V53 C 2 8  ? 5.59651   14.35950  -5.78399  1.000 66.02930  ?  8   V53 C  O   1 
HETATM 797 O O01 . V53 C 2 8  ? 3.18097   18.11872  -3.80287  1.000 84.61930  ?  8   V53 C  O01 1 
HETATM 798 O O1  . V53 C 2 8  ? 4.38626   19.00921  -1.62133  1.000 83.63930  -1 8   V53 C  O1  1 
HETATM 799 O O2  . V53 C 2 8  ? 2.10385   19.45019  -0.81876  1.000 101.86930 -1 8   V53 C  O2  1 
HETATM 800 O O3  . V53 C 2 8  ? 3.36894   21.26253  -1.98349  1.000 118.23930 ?  8   V53 C  O3  1 
HETATM 801 P P   . V53 C 2 8  ? 3.17019   19.82129  -1.77383  1.000 120.08930 ?  8   V53 C  P   1 
HETATM 802 C C   . V4F C 2 9  ? 0.13586   13.21892  -8.61629  1.000 61.24930  ?  9   V4F C  C   1 
HETATM 803 C CAF . V4F C 2 9  ? 1.75843   10.99896  -11.01271 1.000 60.94930  ?  9   V4F C  CAF 1 
HETATM 804 C CAD . V4F C 2 9  ? 0.77447   11.72889  -10.36701 1.000 58.47930  ?  9   V4F C  CAD 1 
HETATM 805 C CAE . V4F C 2 9  ? 1.13737   12.50407  -9.26838  1.000 59.81930  ?  9   V4F C  CAE 1 
HETATM 806 C CAL . V4F C 2 9  ? 3.04745   10.98684  -10.50739 1.000 55.63930  ?  9   V4F C  CAL 1 
HETATM 807 C CAM . V4F C 2 9  ? 3.35921   11.73861  -9.37595  1.000 62.03930  ?  9   V4F C  CAM 1 
HETATM 808 C CAJ . V4F C 2 9  ? 4.67638   11.72778  -8.89332  1.000 59.53930  ?  9   V4F C  CAJ 1 
HETATM 809 C CAK . V4F C 2 9  ? 5.63444   10.96591  -9.54859  1.000 52.64930  ?  9   V4F C  CAK 1 
HETATM 810 C CAG . V4F C 2 9  ? 5.31492   10.21795  -10.67301 1.000 59.24930  ?  9   V4F C  CAG 1 
HETATM 811 C CAI . V4F C 2 9  ? 4.01520   10.22744  -11.15162 1.000 59.02930  ?  9   V4F C  CAI 1 
HETATM 812 C C01 . V4F C 2 9  ? 0.19042   10.16575  -12.58570 1.000 64.02930  ?  9   V4F C  C01 1 
HETATM 813 C CA  . V4F C 2 9  ? 5.10576   12.45091  -7.77465  1.000 58.98930  ?  9   V4F C  CA  1 
HETATM 814 N NAH . V4F C 2 9  ? 2.38406   12.43796  -8.76396  1.000 57.56930  ?  9   V4F C  NAH 1 
HETATM 815 N N   . V4F C 2 9  ? 4.31185   13.66894  -7.52671  1.000 65.12930  ?  9   V4F C  N   1 
HETATM 816 O O   . V4F C 2 9  ? -0.94761  13.35977  -9.18413  1.000 54.24930  ?  9   V4F C  O   1 
HETATM 817 O O01 . V4F C 2 9  ? 1.54352   10.21056  -12.10805 1.000 71.36930  ?  9   V4F C  O01 1 
HETATM 818 O O3  . V4F C 2 9  ? 0.06721   7.75722   -13.36361 1.000 71.74930  -1 9   V4F C  O3  1 
HETATM 819 O O2  . V4F C 2 9  ? -1.10611  9.43298   -14.71622 1.000 80.85930  ?  9   V4F C  O2  1 
HETATM 820 O O1  . V4F C 2 9  ? 1.38183   9.35817   -14.73539 1.000 65.25930  -1 9   V4F C  O1  1 
HETATM 821 P P   . V4F C 2 9  ? 0.13133   9.08277   -14.01686 1.000 80.29930  ?  9   V4F C  P   1 
HETATM 822 C C   . V53 C 2 10 ? 3.01104   13.98106  -3.27645  1.000 75.83930  ?  10  V53 C  C   1 
HETATM 823 C CAF . V53 C 2 10 ? -0.18595  15.74985  -3.20107  1.000 69.06930  ?  10  V53 C  CAF 1 
HETATM 824 C CAD . V53 C 2 10 ? 1.05338   15.28297  -2.79734  1.000 56.47930  ?  10  V53 C  CAD 1 
HETATM 825 C CAJ . V53 C 2 10 ? 1.77232   14.48119  -3.67640  1.000 61.86930  ?  10  V53 C  CAJ 1 
HETATM 826 C CAL . V53 C 2 10 ? -0.63255  15.50990  -4.48935  1.000 64.62930  ?  10  V53 C  CAL 1 
HETATM 827 C CAM . V53 C 2 10 ? 0.13419   14.72598  -5.34337  1.000 60.59930  ?  10  V53 C  CAM 1 
HETATM 828 C CA  . V53 C 2 10 ? -0.37041  14.36375  -6.59017  1.000 63.74930  ?  10  V53 C  CA  1 
HETATM 829 C CAK . V53 C 2 10 ? -1.57867  14.91917  -7.00918  1.000 61.55930  ?  10  V53 C  CAK 1 
HETATM 830 C CAG . V53 C 2 10 ? -2.34391  15.70557  -6.15802  1.000 61.93930  ?  10  V53 C  CAG 1 
HETATM 831 C CAI . V53 C 2 10 ? -1.87210  15.99510  -4.88580  1.000 55.02930  ?  10  V53 C  CAI 1 
HETATM 832 C C01 . V53 C 2 10 ? -0.50747  16.77200  -1.10198  1.000 91.81930  ?  10  V53 C  C01 1 
HETATM 833 N NAH . V53 C 2 10 ? 1.30311   14.22476  -4.91162  1.000 51.49930  ?  10  V53 C  NAH 1 
HETATM 834 N N   . V53 C 2 10 ? 0.46600   13.65618  -7.37352  1.000 60.56930  ?  10  V53 C  N   1 
HETATM 835 O O   . V53 C 2 10 ? 3.64601   13.19097  -4.01177  1.000 66.80930  -1 10  V53 C  O   1 
HETATM 836 O O01 . V53 C 2 10 ? -0.97646  16.55327  -2.44028  1.000 84.30930  ?  10  V53 C  O01 1 
HETATM 837 O O1  . V53 C 2 10 ? -0.09098  18.72019  0.35797   1.000 92.95930  ?  10  V53 C  O1  1 
HETATM 838 O O2  . V53 C 2 10 ? -2.38241  17.58767  0.28637   1.000 95.10930  -1 10  V53 C  O2  1 
HETATM 839 O O3  . V53 C 2 10 ? -1.53521  18.94434  -1.67658  1.000 87.25930  -1 10  V53 C  O3  1 
HETATM 840 P P   . V53 C 2 10 ? -1.26557  18.26038  -0.39961  1.000 110.83930 ?  10  V53 C  P   1 
HETATM 841 O OXT . V53 C 2 10 ? 3.46713   14.28501  -2.15313  1.000 78.58930  ?  10  V53 C  OXT 1 
HETATM 842 O O   . HOH D 3 .  ? 3.86677   0.54264   -5.95728  1.000 49.95423  ?  101 HOH AA O   1 
HETATM 843 O O   . HOH D 3 .  ? 4.71266   -8.22232  -7.89732  1.000 52.52522  ?  102 HOH AA O   1 
HETATM 844 O O   . HOH D 3 .  ? 2.65448   2.91887   -2.27981  1.000 42.15513  ?  103 HOH AA O   1 
HETATM 845 O O   . HOH D 3 .  ? 3.45384   2.14547   -9.44095  1.000 58.79370  ?  104 HOH AA O   1 
HETATM 846 O O   . HOH E 3 .  ? 6.22952   17.93513  -0.74953  1.000 95.74627  ?  101 HOH C  O   1 
HETATM 847 O O   . HOH E 3 .  ? 3.70544   24.62611  -11.82398 1.000 75.35225  ?  102 HOH C  O   1 
HETATM 848 O O   . HOH E 3 .  ? 5.70124   25.88867  -11.72593 1.000 83.24857  ?  103 HOH C  O   1 
# 
loop_
_atom_site_anisotrop.id 
_atom_site_anisotrop.type_symbol 
_atom_site_anisotrop.pdbx_label_atom_id 
_atom_site_anisotrop.pdbx_label_alt_id 
_atom_site_anisotrop.pdbx_label_comp_id 
_atom_site_anisotrop.pdbx_label_asym_id 
_atom_site_anisotrop.pdbx_label_seq_id 
_atom_site_anisotrop.pdbx_PDB_ins_code 
_atom_site_anisotrop.U[1][1] 
_atom_site_anisotrop.U[2][2] 
_atom_site_anisotrop.U[3][3] 
_atom_site_anisotrop.U[1][2] 
_atom_site_anisotrop.U[1][3] 
_atom_site_anisotrop.U[2][3] 
_atom_site_anisotrop.pdbx_auth_seq_id 
_atom_site_anisotrop.pdbx_auth_comp_id 
_atom_site_anisotrop.pdbx_auth_asym_id 
_atom_site_anisotrop.pdbx_auth_atom_id 
1   N N   . MET A 1  ? 0.99118 1.04359 0.72727 0.14641  0.12272  -0.07542 1  MET AA N   
2   C CA  . MET A 1  ? 1.09406 1.23454 0.78199 0.17070  0.07909  -0.03018 1  MET AA CA  
3   C C   . MET A 1  ? 1.04053 1.34149 0.83109 0.17516  0.06149  -0.00647 1  MET AA C   
4   O O   . MET A 1  ? 0.98466 1.41840 0.82431 0.17181  0.02044  0.04141  1  MET AA O   
5   C CB  . MET A 1  ? 1.34781 1.51964 1.01940 0.17543  0.05984  -0.00199 1  MET AA CB  
6   C CG  . MET A 1  ? 1.38123 1.64303 1.06789 0.15573  -0.00493 0.05836  1  MET AA CG  
7   S SD  . MET A 1  ? 1.73343 1.96485 1.40340 0.11114  -0.07373 0.09574  1  MET AA SD  
8   C CE  . MET A 1  ? 1.43103 1.46359 0.93814 0.11347  -0.06264 0.06417  1  MET AA CE  
9   N N   . VAL A 2  ? 1.03081 1.30495 0.87667 0.16599  0.08517  -0.03581 2  VAL AA N   
10  C CA  . VAL A 2  ? 0.74843 1.14865 0.68834 0.16059  0.06348  -0.01576 2  VAL AA CA  
11  C C   . VAL A 2  ? 0.82926 1.21518 0.75769 0.14751  0.05216  -0.01865 2  VAL AA C   
12  O O   . VAL A 2  ? 0.84474 1.08631 0.71368 0.14434  0.08155  -0.06085 2  VAL AA O   
13  C CB  . VAL A 2  ? 0.76093 1.08860 0.75736 0.13392  0.08116  -0.03512 2  VAL AA CB  
14  C CG1 . VAL A 2  ? 0.64247 1.03636 0.68704 0.12216  0.05786  -0.02079 2  VAL AA CG1 
15  C CG2 . VAL A 2  ? 0.82818 1.18842 0.81687 0.14591  0.06896  -0.02263 2  VAL AA CG2 
16  N N   . LYS A 3  ? 0.66685 1.15543 0.65826 0.12161  -0.00995 0.03257  3  LYS AA N   
17  C CA  . LYS A 3  ? 0.67237 1.10768 0.66130 0.08525  -0.05384 0.04682  3  LYS AA CA  
18  C C   . LYS A 3  ? 0.48710 1.00879 0.58162 0.08366  -0.04131 0.03628  3  LYS AA C   
19  O O   . LYS A 3  ? 0.59689 1.13804 0.72211 0.07404  -0.02926 0.04785  3  LYS AA O   
20  C CB  . LYS A 3  ? 0.68877 1.13990 0.67138 0.05090  -0.12497 0.10580  3  LYS AA CB  
21  C CG  . LYS A 3  ? 0.82019 1.23913 0.83299 0.01618  -0.16239 0.11980  3  LYS AA CG  
22  C CD  . LYS A 3  ? 0.78864 1.17894 0.80292 -0.00242 -0.19082 0.14328  3  LYS AA CD  
23  C CE  . LYS A 3  ? 0.80170 1.12773 0.73429 -0.00078 -0.21258 0.15415  3  LYS AA CE  
24  N NZ  . LYS A 3  ? 1.21682 1.49899 1.13135 -0.01993 -0.24632 0.16987  3  LYS AA NZ  
25  N N   . VAL A 4  ? 0.56550 0.98245 0.64333 0.07156  -0.02400 0.00194  4  VAL AA N   
26  C CA  . VAL A 4  ? 0.42586 0.90276 0.59468 0.06570  -0.01429 -0.01000 4  VAL AA CA  
27  C C   . VAL A 4  ? 0.51156 0.97100 0.68362 0.02374  -0.08211 0.02677  4  VAL AA C   
28  O O   . VAL A 4  ? 0.72120 1.03591 0.80922 0.00445  -0.09553 0.01720  4  VAL AA O   
29  C CB  . VAL A 4  ? 0.60147 0.97231 0.75123 0.08418  0.05893  -0.07852 4  VAL AA CB  
30  C CG1 . VAL A 4  ? 0.42060 0.80043 0.63713 0.06819  0.06084  -0.07692 4  VAL AA CG1 
31  C CG2 . VAL A 4  ? 0.63551 0.92144 0.74370 0.09785  0.10226  -0.08779 4  VAL AA CG2 
32  N N   . LYS A 5  ? 0.45516 0.93628 0.67051 0.00795  -0.10122 0.05441  5  LYS AA N   
33  C CA  . LYS A 5  ? 0.44857 0.89071 0.66305 -0.01913 -0.14496 0.07291  5  LYS AA CA  
34  C C   . LYS A 5  ? 0.41495 0.84914 0.68133 -0.02124 -0.12720 0.04669  5  LYS AA C   
35  O O   . LYS A 5  ? 0.51669 0.95469 0.80863 -0.00898 -0.09479 0.03532  5  LYS AA O   
36  C CB  . LYS A 5  ? 0.51762 0.96488 0.72187 -0.02428 -0.15336 0.09981  5  LYS AA CB  
37  C CG  . LYS A 5  ? 0.52155 0.98896 0.69684 -0.01712 -0.14834 0.11742  5  LYS AA CG  
38  C CD  . LYS A 5  ? 0.59827 1.10008 0.76973 -0.03982 -0.16165 0.16333  5  LYS AA CD  
39  C CE  . LYS A 5  ? 0.74276 1.25821 0.88880 -0.03602 -0.16175 0.17836  5  LYS AA CE  
40  N NZ  . LYS A 5  ? 0.76944 1.31341 0.91928 -0.06220 -0.17830 0.22167  5  LYS AA NZ  
41  N N   . PHE A 6  ? 0.34927 0.76045 0.61525 -0.04482 -0.15206 0.04331  6  PHE AA N   
42  C CA  . PHE A 6  ? 0.45238 0.85435 0.77076 -0.04786 -0.12987 0.01286  6  PHE AA CA  
43  C C   . PHE A 6  ? 0.44364 0.80215 0.73669 -0.07760 -0.16833 0.02869  6  PHE AA C   
44  O O   . PHE A 6  ? 0.59156 0.89503 0.82748 -0.10236 -0.21290 0.05993  6  PHE AA O   
45  C CB  . PHE A 6  ? 0.27924 0.63301 0.59126 -0.03923 -0.07347 -0.03925 6  PHE AA CB  
46  C CG  . PHE A 6  ? 0.56175 0.73164 0.74998 -0.04993 -0.07489 -0.05709 6  PHE AA CG  
47  C CD1 . PHE A 6  ? 0.56887 0.68421 0.67254 -0.03864 -0.07441 -0.05168 6  PHE AA CD1 
48  C CD2 . PHE A 6  ? 0.62754 0.67916 0.78382 -0.07165 -0.07741 -0.07871 6  PHE AA CD2 
49  C CE1 . PHE A 6  ? 0.78903 0.73517 0.77873 -0.04874 -0.07603 -0.06782 6  PHE AA CE1 
50  C CE2 . PHE A 6  ? 0.64846 0.53047 0.69057 -0.08153 -0.07894 -0.09498 6  PHE AA CE2 
51  C CZ  . PHE A 6  ? 0.78883 0.61760 0.74729 -0.07007 -0.07814 -0.08966 6  PHE AA CZ  
52  N N   . LYS A 7  ? 0.46834 0.83212 0.79218 -0.07354 -0.14744 0.00596  7  LYS AA N   
53  C CA  . LYS A 7  ? 0.55419 0.87748 0.85879 -0.09773 -0.17300 0.02344  7  LYS AA CA  
54  C C   . LYS A 7  ? 0.55474 0.80905 0.87080 -0.12374 -0.16707 -0.00146 7  LYS AA C   
55  O O   . LYS A 7  ? 0.39980 0.67205 0.74702 -0.11380 -0.12125 -0.02985 7  LYS AA O   
56  C CB  . LYS A 7  ? 0.47846 0.83704 0.80402 -0.08925 -0.16647 0.03923  7  LYS AA CB  
57  C CG  . LYS A 7  ? 0.56889 0.90192 0.87127 -0.11366 -0.20372 0.08803  7  LYS AA CG  
58  C CD  . LYS A 7  ? 0.69822 1.06464 1.02561 -0.11570 -0.19908 0.11155  7  LYS AA CD  
59  C CE  . LYS A 7  ? 0.81267 1.14977 1.12476 -0.14265 -0.23227 0.15521  7  LYS AA CE  
60  N NZ  . LYS A 7  ? 0.75548 1.13499 1.08228 -0.14940 -0.23195 0.19262  7  LYS AA NZ  
61  N N   . TYR A 8  ? 0.50788 0.64764 0.77382 -0.15426 -0.20794 0.00745  8  TYR AA N   
62  C CA  . TYR A 8  ? 0.65271 0.66051 0.89203 -0.16889 -0.18824 -0.03672 8  TYR AA CA  
63  C C   . TYR A 8  ? 0.79023 0.77607 1.01002 -0.18025 -0.21003 -0.01335 8  TYR AA C   
64  O O   . TYR A 8  ? 0.76801 0.70930 0.93572 -0.19412 -0.25527 0.02168  8  TYR AA O   
65  C CB  . TYR A 8  ? 0.78988 0.63060 0.92190 -0.17025 -0.17632 -0.06788 8  TYR AA CB  
66  C CG  . TYR A 8  ? 0.83206 0.55121 0.89790 -0.16276 -0.12336 -0.10419 8  TYR AA CG  
67  C CD1 . TYR A 8  ? 0.78763 0.47299 0.82293 -0.13863 -0.05528 -0.13628 8  TYR AA CD1 
68  C CD2 . TYR A 8  ? 0.98317 0.64256 0.99603 -0.17395 -0.14760 -0.08480 8  TYR AA CD2 
69  C CE1 . TYR A 8  ? 0.92966 0.53574 0.87155 -0.12170 -0.04500 -0.12742 8  TYR AA CE1 
70  C CE2 . TYR A 8  ? 0.97318 0.57955 0.96695 -0.16295 -0.09330 -0.11387 8  TYR AA CE2 
71  C CZ  . TYR A 8  ? 1.10654 0.73545 1.12156 -0.13904 -0.01188 -0.14729 8  TYR AA CZ  
72  O OH  . TYR A 8  ? 1.09294 0.70618 1.15680 -0.11410 -0.01977 -0.16152 8  TYR AA OH  
73  N N   . LYS A 9  ? 0.69070 0.70536 0.94689 -0.17316 -0.17688 -0.03132 9  LYS AA N   
74  C CA  . LYS A 9  ? 0.76028 0.75872 1.00664 -0.18033 -0.19216 -0.01618 9  LYS AA CA  
75  C C   . LYS A 9  ? 0.82004 0.87704 1.06946 -0.17964 -0.23451 0.03636  9  LYS AA C   
76  O O   . LYS A 9  ? 0.89312 0.90191 1.11132 -0.19236 -0.26720 0.06277  9  LYS AA O   
77  C CB  . LYS A 9  ? 0.87625 0.74011 1.05055 -0.19191 -0.18901 -0.03528 9  LYS AA CB  
78  N N   . GLY A 10 ? 0.70773 0.85547 0.98369 -0.16258 -0.22615 0.05002  10 GLY AA N   
79  C CA  . GLY A 10 ? 0.76404 0.93852 1.03648 -0.16747 -0.25745 0.10524  10 GLY AA CA  
80  C C   . GLY A 10 ? 0.68211 0.83025 0.90993 -0.17890 -0.28616 0.13433  10 GLY AA C   
81  O O   . GLY A 10 ? 0.87569 1.03513 1.09835 -0.19305 -0.30764 0.18103  10 GLY AA O   
82  N N   . GLU A 11 ? 0.95618 0.85319 0.79664 -0.19797 -0.01363 -0.18053 11 GLU AA N   
83  C CA  . GLU A 11 ? 0.83325 0.75391 0.70506 -0.19516 -0.04541 -0.17842 11 GLU AA CA  
84  C C   . GLU A 11 ? 0.84937 0.79765 0.76768 -0.19004 -0.03486 -0.15584 11 GLU AA C   
85  O O   . GLU A 11 ? 0.82994 0.78155 0.72257 -0.17576 -0.01867 -0.13875 11 GLU AA O   
86  C CB  . GLU A 11 ? 0.88332 0.80180 0.69555 -0.17775 -0.07587 -0.18118 11 GLU AA CB  
87  C CG  . GLU A 11 ? 1.06628 1.01236 0.90634 -0.17054 -0.10624 -0.17408 11 GLU AA CG  
88  C CD  . GLU A 11 ? 1.13000 1.07551 0.90860 -0.15051 -0.13232 -0.17267 11 GLU AA CD  
89  O OE1 . GLU A 11 ? 1.32908 1.25215 1.04319 -0.14259 -0.12718 -0.17773 11 GLU AA OE1 
90  O OE2 . GLU A 11 ? 1.27687 1.24444 1.07150 -0.14254 -0.15792 -0.16646 11 GLU AA OE2 
91  N N   . GLU A 12 ? 0.89601 0.86375 0.88258 -0.20186 -0.04348 -0.15585 12 GLU AA N   
92  C CA  . GLU A 12 ? 0.84205 0.83707 0.87587 -0.19740 -0.03568 -0.13488 12 GLU AA CA  
93  C C   . GLU A 12 ? 0.88419 0.89616 0.89094 -0.17644 -0.05971 -0.12258 12 GLU AA C   
94  O O   . GLU A 12 ? 0.93176 0.94568 0.92026 -0.17210 -0.09255 -0.13252 12 GLU AA O   
95  C CB  . GLU A 12 ? 0.77721 0.78885 0.89006 -0.21520 -0.04096 -0.13882 12 GLU AA CB  
96  C CG  . GLU A 12 ? 0.82610 0.82813 0.97972 -0.23430 -0.00913 -0.14263 12 GLU AA CG  
97  C CD  . GLU A 12 ? 1.03626 1.04066 1.19271 -0.22910 0.02692  -0.12330 12 GLU AA CD  
98  O OE1 . GLU A 12 ? 0.88711 0.90618 1.02950 -0.21215 0.02691  -0.10477 12 GLU AA OE1 
99  O OE2 . GLU A 12 ? 0.88921 0.88079 1.06236 -0.24213 0.05560  -0.12674 12 GLU AA OE2 
100 N N   . LYS A 13 ? 0.75579 0.77974 0.75926 -0.16336 -0.04291 -0.10096 13 LYS AA N   
101 C CA  . LYS A 13 ? 0.81554 0.85517 0.79182 -0.14225 -0.06090 -0.08677 13 LYS AA CA  
102 C C   . LYS A 13 ? 0.78494 0.84932 0.80838 -0.13833 -0.04549 -0.06426 13 LYS AA C   
103 O O   . LYS A 13 ? 0.70336 0.76921 0.76880 -0.14998 -0.01724 -0.05883 13 LYS AA O   
104 C CB  . LYS A 13 ? 0.82415 0.84610 0.72123 -0.12511 -0.05490 -0.08347 13 LYS AA CB  
105 C CG  . LYS A 13 ? 0.82460 0.82019 0.66828 -0.12734 -0.06732 -0.10447 13 LYS AA CG  
106 C CD  . LYS A 13 ? 0.84166 0.83133 0.61291 -0.10561 -0.08153 -0.10011 13 LYS AA CD  
107 C CE  . LYS A 13 ? 0.92392 0.88926 0.64306 -0.10712 -0.09874 -0.12134 13 LYS AA CE  
108 N NZ  . LYS A 13 ? 1.07232 1.02024 0.71566 -0.09075 -0.09090 -0.11757 13 LYS AA NZ  
109 N N   . GLU A 14 ? 0.78679 0.87008 0.80051 -0.12110 -0.06354 -0.05077 14 GLU AA N   
110 C CA  . GLU A 14 ? 0.76835 0.87635 0.82515 -0.11581 -0.05200 -0.02894 14 GLU AA CA  
111 C C   . GLU A 14 ? 0.79061 0.90812 0.80342 -0.09167 -0.06259 -0.01323 14 GLU AA C   
112 O O   . GLU A 14 ? 0.87974 0.99800 0.85813 -0.08138 -0.09323 -0.01949 14 GLU AA O   
113 C CB  . GLU A 14 ? 0.74826 0.87902 0.87608 -0.12703 -0.06935 -0.03075 14 GLU AA CB  
114 C CG  . GLU A 14 ? 0.79035 0.94953 0.95109 -0.11617 -0.07118 -0.00915 14 GLU AA CG  
115 C CD  . GLU A 14 ? 1.10352 1.27932 1.25341 -0.10301 -0.10897 -0.00836 14 GLU AA CD  
116 O OE1 . GLU A 14 ? 1.04812 1.22268 1.20406 -0.11068 -0.13600 -0.02574 14 GLU AA OE1 
117 O OE2 . GLU A 14 ? 1.06545 1.25570 1.20099 -0.08499 -0.11144 0.00971  14 GLU AA OE2 
118 N N   . VAL A 15 ? 0.77577 0.90010 0.78908 -0.08274 -0.03701 0.00691  15 VAL AA N   
119 C CA  . VAL A 15 ? 0.80387 0.93834 0.77938 -0.05979 -0.04395 0.02383  15 VAL AA CA  
120 C C   . VAL A 15 ? 0.74857 0.90575 0.77058 -0.05630 -0.02569 0.04641  15 VAL AA C   
121 O O   . VAL A 15 ? 0.72457 0.87993 0.77885 -0.06696 0.00544  0.05200  15 VAL AA O   
122 C CB  . VAL A 15 ? 0.79052 0.90208 0.69021 -0.04779 -0.03066 0.02404  15 VAL AA CB  
123 C CG1 . VAL A 15 ? 0.70957 0.81088 0.61374 -0.05371 0.01097  0.03189  15 VAL AA CG1 
124 C CG2 . VAL A 15 ? 0.81375 0.93478 0.66979 -0.02379 -0.04507 0.03815  15 VAL AA CG2 
125 N N   . ASP A 16 ? 0.82964 1.00840 0.85584 -0.04151 -0.04548 0.05916  16 ASP AA N   
126 C CA  . ASP A 16 ? 0.74839 0.94956 0.81496 -0.03596 -0.03078 0.08145  16 ASP AA CA  
127 C C   . ASP A 16 ? 0.65831 0.85137 0.68644 -0.02390 -0.00097 0.09715  16 ASP AA C   
128 O O   . ASP A 16 ? 0.69407 0.86902 0.65682 -0.01367 -0.00027 0.09353  16 ASP AA O   
129 C CB  . ASP A 16 ? 0.86583 1.09132 0.94205 -0.02222 -0.06177 0.09007  16 ASP AA CB  
130 C CG  . ASP A 16 ? 0.92207 1.17281 1.05042 -0.01890 -0.04953 0.11155  16 ASP AA CG  
131 O OD1 . ASP A 16 ? 0.81051 1.07841 1.00179 -0.03028 -0.05762 0.11041  16 ASP AA OD1 
132 O OD2 . ASP A 16 ? 0.99523 1.24863 1.10136 -0.00484 -0.03179 0.12958  16 ASP AA OD2 
133 N N   . THR A 17 ? 0.84728 1.05394 0.91701 -0.02537 0.02419  0.11468  17 THR AA N   
134 C CA  . THR A 17 ? 0.67974 0.88068 0.71891 -0.01475 0.05419  0.13068  17 THR AA CA  
135 C C   . THR A 17 ? 0.80488 1.00898 0.78690 0.00954  0.03958  0.14128  17 THR AA C   
136 O O   . THR A 17 ? 0.73799 0.92699 0.66511 0.01961  0.05495  0.14526  17 THR AA O   
137 C CB  . THR A 17 ? 0.72893 0.94743 0.82785 -0.01997 0.07959  0.14835  17 THR AA CB  
138 O OG1 . THR A 17 ? 0.57205 0.78009 0.70580 -0.04060 0.10485  0.14028  17 THR AA OG1 
139 C CG2 . THR A 17 ? 0.87735 1.09849 0.94581 -0.00302 0.10077  0.16920  17 THR AA CG2 
140 N N   . SER A 18 ? 0.72742 0.95111 0.72114 0.01925  0.00962  0.14572  18 SER AA N   
141 C CA  . SER A 18 ? 0.74678 0.97577 0.69080 0.04277  -0.00501 0.15703  18 SER AA CA  
142 C C   . SER A 18 ? 0.70135 0.90811 0.57172 0.05070  -0.01924 0.14331  18 SER AA C   
143 O O   . SER A 18 ? 0.93462 1.13759 0.75118 0.06930  -0.01963 0.15256  18 SER AA O   
144 C CB  . SER A 18 ? 0.69700 0.95166 0.67210 0.04996  -0.03592 0.16260  18 SER AA CB  
145 O OG  . SER A 18 ? 0.81816 1.07078 0.79912 0.04144  -0.06652 0.14278  18 SER AA OG  
146 N N   . LYS A 19 ? 0.78361 0.97544 0.65017 0.03705  -0.03116 0.12137  19 LYS AA N   
147 C CA  . LYS A 19 ? 0.81363 0.98376 0.61116 0.04378  -0.04535 0.10737  19 LYS AA CA  
148 C C   . LYS A 19 ? 0.72152 0.86766 0.47491 0.04347  -0.01463 0.10656  19 LYS AA C   
149 O O   . LYS A 19 ? 0.73769 0.86689 0.42551 0.05398  -0.02190 0.10049  19 LYS AA O   
150 C CB  . LYS A 19 ? 0.91309 1.07577 0.72216 0.02930  -0.06979 0.08386  19 LYS AA CB  
151 C CG  . LYS A 19 ? 1.08926 1.27603 0.95553 0.02425  -0.09596 0.08284  19 LYS AA CG  
152 C CD  . LYS A 19 ? 1.30699 1.48569 1.17160 0.01366  -0.12491 0.05929  19 LYS AA CD  
153 C CE  . LYS A 19 ? 1.06198 1.24582 0.99579 -0.00963 -0.12063 0.04936  19 LYS AA CE  
154 N NZ  . LYS A 19 ? 1.05756 1.26611 1.04033 -0.01182 -0.14913 0.04891  19 LYS AA NZ  
155 N N   . ILE A 20 ? 0.76109 0.79562 0.78124 -0.04607 0.00280  -0.07124 20 ILE AA N   
156 C CA  . ILE A 20 ? 0.77622 0.80678 0.82028 -0.04241 0.00815  -0.04668 20 ILE AA CA  
157 C C   . ILE A 20 ? 0.75000 0.77845 0.83962 -0.02598 0.00602  -0.01105 20 ILE AA C   
158 O O   . ILE A 20 ? 0.88978 0.93417 1.01590 -0.02070 -0.01335 -0.01175 20 ILE AA O   
159 C CB  . ILE A 20 ? 0.76512 0.82065 0.83520 -0.05364 -0.01366 -0.06727 20 ILE AA CB  
160 C CG1 . ILE A 20 ? 0.80831 0.86400 0.83149 -0.06983 -0.00922 -0.10166 20 ILE AA CG1 
161 C CG2 . ILE A 20 ? 0.63938 0.69302 0.73795 -0.04895 -0.01048 -0.04190 20 ILE AA CG2 
162 C CD1 . ILE A 20 ? 0.79349 0.87394 0.83843 -0.08130 -0.03093 -0.12499 20 ILE AA CD1 
163 N N   . LYS A 21 ? 0.79539 0.80396 0.88383 -0.01773 0.02633  0.02051  21 LYS AA N   
164 C CA  . LYS A 21 ? 0.84256 0.84706 0.97412 -0.00206 0.02714  0.05661  21 LYS AA CA  
165 C C   . LYS A 21 ? 0.77957 0.79662 0.95777 -0.00099 0.01646  0.07033  21 LYS AA C   
166 O O   . LYS A 21 ? 0.95012 0.98747 1.18276 0.00329  -0.00565 0.07473  21 LYS AA O   
167 C CB  . LYS A 21 ? 0.82126 0.79324 0.92006 0.00839  0.05854  0.08503  21 LYS AA CB  
168 C CG  . LYS A 21 ? 0.96065 0.91542 0.99678 0.00351  0.07595  0.06810  21 LYS AA CG  
169 C CD  . LYS A 21 ? 1.12934 1.05533 1.14363 0.01693  0.10208  0.09778  21 LYS AA CD  
170 C CE  . LYS A 21 ? 1.16301 1.06792 1.16577 0.02010  0.12582  0.12330  21 LYS AA CE  
171 N NZ  . LYS A 21 ? 0.97643 0.85103 0.92279 0.02289  0.15608  0.13072  21 LYS AA NZ  
172 N N   . LYS A 22 ? 0.75653 0.76221 0.91598 -0.00446 0.03153  0.07754  22 LYS AA N   
173 C CA  . LYS A 22 ? 0.72181 0.73717 0.92211 -0.00239 0.02385  0.09267  22 LYS AA CA  
174 C C   . LYS A 22 ? 0.64667 0.67858 0.83928 -0.01699 0.01122  0.06394  22 LYS AA C   
175 O O   . LYS A 22 ? 0.63780 0.66010 0.77976 -0.02707 0.02348  0.04453  22 LYS AA O   
176 C CB  . LYS A 22 ? 0.81899 0.80850 1.00704 0.00651  0.05094  0.12626  22 LYS AA CB  
177 C CG  . LYS A 22 ? 0.81754 0.78291 0.98888 0.01853  0.07187  0.15011  22 LYS AA CG  
178 C CD  . LYS A 22 ? 0.90420 0.87921 1.13105 0.03106  0.05852  0.17054  22 LYS AA CD  
179 C CE  . LYS A 22 ? 0.97503 0.92874 1.21437 0.04557  0.07929  0.21163  22 LYS AA CE  
180 N NZ  . LYS A 22 ? 0.80309 0.77018 1.10785 0.05660  0.06373  0.23241  22 LYS AA NZ  
181 N N   . VAL A 23 ? 0.65328 0.70979 0.89639 -0.01793 -0.01288 0.06132  23 VAL AA N   
182 C CA  . VAL A 23 ? 0.59470 0.66856 0.83652 -0.03049 -0.02667 0.03616  23 VAL AA CA  
183 C C   . VAL A 23 ? 0.55089 0.63250 0.83485 -0.02511 -0.03284 0.05667  23 VAL AA C   
184 O O   . VAL A 23 ? 0.74928 0.83976 1.08532 -0.01499 -0.04384 0.07695  23 VAL AA O   
185 C CB  . VAL A 23 ? 0.58673 0.68821 0.84627 -0.03956 -0.05524 0.00275  23 VAL AA CB  
186 C CG1 . VAL A 23 ? 0.78099 0.90412 1.10731 -0.03191 -0.07972 0.01264  23 VAL AA CG1 
187 C CG2 . VAL A 23 ? 0.66567 0.78072 0.91022 -0.05367 -0.06491 -0.02625 23 VAL AA CG2 
188 N N   . TRP A 24 ? 0.55635 0.63341 0.81710 -0.03126 -0.02442 0.05249  24 TRP AA N   
189 C CA  . TRP A 24 ? 0.64420 0.72683 0.93689 -0.02668 -0.02793 0.07058  24 TRP AA CA  
190 C C   . TRP A 24 ? 0.56736 0.66652 0.85163 -0.03901 -0.04111 0.04333  24 TRP AA C   
191 O O   . TRP A 24 ? 0.48208 0.57783 0.72088 -0.05048 -0.03600 0.01683  24 TRP AA O   
192 C CB  . TRP A 24 ? 0.48912 0.54319 0.75701 -0.01882 0.00222  0.10089  24 TRP AA CB  
193 C CG  . TRP A 24 ? 0.64239 0.67754 0.91614 -0.00591 0.01825  0.13066  24 TRP AA CG  
194 C CD1 . TRP A 24 ? 0.69336 0.73341 1.02000 0.00655  0.01136  0.15738  24 TRP AA CD1 
195 C CD2 . TRP A 24 ? 0.82962 0.83710 1.05407 -0.00385 0.04487  0.13725  24 TRP AA CD2 
196 N NE1 . TRP A 24 ? 0.72165 0.73846 1.03454 0.01647  0.03228  0.18067  24 TRP AA NE1 
197 C CE2 . TRP A 24 ? 0.79105 0.78770 1.04099 0.01044  0.05285  0.16875  24 TRP AA CE2 
198 C CE3 . TRP A 24 ? 0.73500 0.72584 0.89664 -0.01266 0.06290  0.11924  24 TRP AA CE3 
199 C CZ2 . TRP A 24 ? 0.80353 0.77346 1.01726 0.01642  0.07776  0.18273  24 TRP AA CZ2 
200 C CZ3 . TRP A 24 ? 0.77047 0.73525 0.89706 -0.00699 0.08727  0.13260  24 TRP AA CZ3 
201 C CH2 . TRP A 24 ? 0.88645 0.84098 1.03852 0.00758  0.09438  0.16412  24 TRP AA CH2 
202 N N   . ARG A 25 ? 0.58938 0.70592 0.91744 -0.03627 -0.05737 0.05037  25 ARG AA N   
203 C CA  . ARG A 25 ? 0.43379 0.56580 0.75786 -0.04590 -0.06967 0.02891  25 ARG AA CA  
204 C C   . ARG A 25 ? 0.52210 0.63865 0.83168 -0.04147 -0.05116 0.05005  25 ARG AA C   
205 O O   . ARG A 25 ? 0.67437 0.79001 1.02058 -0.03020 -0.05046 0.07886  25 ARG AA O   
206 C CB  . ARG A 25 ? 0.50958 0.67428 0.89379 -0.04619 -0.10331 0.01919  25 ARG AA CB  
207 C CG  . ARG A 25 ? 0.59054 0.77294 0.97432 -0.05525 -0.11800 -0.00266 25 ARG AA CG  
208 C CD  . ARG A 25 ? 0.61185 0.80620 1.00575 -0.05135 -0.13644 -0.01580 25 ARG AA CD  
209 N NE  . ARG A 25 ? 0.94370 1.14090 1.29255 -0.06029 -0.13814 -0.04543 25 ARG AA NE  
210 C CZ  . ARG A 25 ? 0.88502 1.08155 1.22270 -0.05787 -0.14108 -0.05210 25 ARG AA CZ  
211 N NH1 . ARG A 25 ? 0.63529 0.82813 1.00162 -0.04740 -0.14445 -0.03770 25 ARG AA NH1 
212 N NH2 . ARG A 25 ? 1.00006 1.19620 1.29668 -0.06645 -0.13933 -0.07003 25 ARG AA NH2 
213 N N   . VAL A 26 ? 0.65196 0.75594 0.90842 -0.05009 -0.03556 0.03607  26 VAL AA N   
214 C CA  . VAL A 26 ? 0.61680 0.70430 0.85147 -0.04691 -0.01595 0.05346  26 VAL AA CA  
215 C C   . VAL A 26 ? 0.54477 0.64621 0.76516 -0.05760 -0.02677 0.02741  26 VAL AA C   
216 O O   . VAL A 26 ? 0.53853 0.63233 0.71028 -0.06851 -0.01728 0.00393  26 VAL AA O   
217 C CB  . VAL A 26 ? 0.65658 0.71038 0.83490 -0.04609 0.01856  0.06463  26 VAL AA CB  
218 C CG1 . VAL A 26 ? 0.58822 0.62521 0.74833 -0.04161 0.03855  0.08510  26 VAL AA CG1 
219 C CG2 . VAL A 26 ? 0.62137 0.66211 0.81056 -0.03627 0.02817  0.08657  26 VAL AA CG2 
220 N N   . GLY A 27 ? 0.50347 0.62537 0.76610 -0.05441 -0.04650 0.03107  27 GLY AA N   
221 C CA  . GLY A 27 ? 0.49365 0.62977 0.74532 -0.06341 -0.05795 0.00746  27 GLY AA CA  
222 C C   . GLY A 27 ? 0.57335 0.72751 0.81893 -0.07607 -0.07660 -0.02999 27 GLY AA C   
223 O O   . GLY A 27 ? 0.47880 0.65334 0.76534 -0.07579 -0.09964 -0.03787 27 GLY AA O   
224 N N   . LYS A 28 ? 0.58246 0.72903 0.77686 -0.08738 -0.06629 -0.05363 28 LYS AA N   
225 C CA  . LYS A 28 ? 0.54187 0.70337 0.72452 -0.10024 -0.08112 -0.09046 28 LYS AA CA  
226 C C   . LYS A 28 ? 0.59926 0.74835 0.75684 -0.10360 -0.07035 -0.09801 28 LYS AA C   
227 O O   . LYS A 28 ? 0.61072 0.77089 0.75665 -0.11422 -0.08120 -0.12862 28 LYS AA O   
228 C CB  . LYS A 28 ? 0.50969 0.66874 0.64873 -0.11119 -0.07459 -0.11363 28 LYS AA CB  
229 C CG  . LYS A 28 ? 0.54089 0.71579 0.70205 -0.10943 -0.08882 -0.11293 28 LYS AA CG  
230 C CD  . LYS A 28 ? 0.87702 1.03569 0.98687 -0.11455 -0.06847 -0.11838 28 LYS AA CD  
231 C CE  . LYS A 28 ? 0.77731 0.90185 0.84406 -0.11077 -0.03327 -0.09748 28 LYS AA CE  
232 N NZ  . LYS A 28 ? 0.80831 0.91799 0.84791 -0.10799 -0.01520 -0.08483 28 LYS AA NZ  
233 N N   . MET A 29 ? 0.53389 0.66081 0.68322 -0.09466 -0.04976 -0.07141 29 MET AA N   
234 C CA  . MET A 29 ? 0.56560 0.67593 0.67988 -0.09767 -0.03418 -0.07772 29 MET AA CA  
235 C C   . MET A 29 ? 0.52481 0.63763 0.67459 -0.08812 -0.04109 -0.06109 29 MET AA C   
236 O O   . MET A 29 ? 0.57860 0.69822 0.77500 -0.07723 -0.04982 -0.03673 29 MET AA O   
237 C CB  . MET A 29 ? 0.50970 0.58716 0.57092 -0.09647 0.00094  -0.06337 29 MET AA CB  
238 C CG  . MET A 29 ? 0.62762 0.69982 0.65336 -0.10445 0.01068  -0.07583 29 MET AA CG  
239 S SD  . MET A 29 ? 0.72023 0.79033 0.69333 -0.12161 0.01562  -0.11730 29 MET AA SD  
240 C CE  . MET A 29 ? 0.61362 0.68840 0.56562 -0.13010 0.01576  -0.13352 29 MET AA CE  
241 N N   . VAL A 30 ? 0.48561 0.59249 0.61174 -0.09230 -0.03651 -0.07504 30 VAL AA N   
242 C CA  . VAL A 30 ? 0.55631 0.66082 0.70300 -0.08390 -0.03828 -0.06156 30 VAL AA CA  
243 C C   . VAL A 30 ? 0.46814 0.54081 0.56571 -0.08107 -0.00632 -0.04868 30 VAL AA C   
244 O O   . VAL A 30 ? 0.54041 0.60368 0.59057 -0.09061 0.00484  -0.07080 30 VAL AA O   
245 C CB  . VAL A 30 ? 0.58553 0.71132 0.74561 -0.09095 -0.06135 -0.09060 30 VAL AA CB  
246 C CG1 . VAL A 30 ? 0.52323 0.64530 0.70203 -0.08155 -0.06197 -0.07593 30 VAL AA CG1 
247 C CG2 . VAL A 30 ? 0.42306 0.58015 0.62988 -0.09446 -0.09252 -0.10485 30 VAL AA CG2 
248 N N   . SER A 31 ? 0.41333 0.46932 0.52213 -0.06813 0.00879  -0.01328 31 SER AA N   
249 C CA  . SER A 31 ? 0.54427 0.56941 0.61108 -0.06347 0.03933  0.00317  31 SER AA CA  
250 C C   . SER A 31 ? 0.62265 0.64590 0.70555 -0.05529 0.03675  0.01300  31 SER AA C   
251 O O   . SER A 31 ? 0.51425 0.55345 0.64929 -0.04768 0.01799  0.02445  31 SER AA O   
252 C CB  . SER A 31 ? 0.59061 0.59688 0.65726 -0.05396 0.05953  0.03695  31 SER AA CB  
253 O OG  . SER A 31 ? 0.73913 0.71520 0.76559 -0.04924 0.08939  0.05323  31 SER AA OG  
254 N N   . PHE A 32 ? 0.58699 0.59100 0.62562 -0.05662 0.05537  0.00819  32 PHE AA N   
255 C CA  . PHE A 32 ? 0.64705 0.65154 0.69890 -0.04958 0.05052  0.01315  32 PHE AA CA  
256 C C   . PHE A 32 ? 0.75173 0.72630 0.75643 -0.04531 0.07963  0.02436  32 PHE AA C   
257 O O   . PHE A 32 ? 0.72297 0.67834 0.67956 -0.05086 0.10197  0.02016  32 PHE AA O   
258 C CB  . PHE A 32 ? 0.61251 0.64037 0.67085 -0.05895 0.02628  -0.02165 32 PHE AA CB  
259 C CG  . PHE A 32 ? 0.50472 0.52874 0.51087 -0.07331 0.03353  -0.05448 32 PHE AA CG  
260 C CD1 . PHE A 32 ? 0.67256 0.67743 0.63223 -0.07449 0.05234  -0.06071 32 PHE AA CD1 
261 C CD2 . PHE A 32 ? 0.53583 0.57495 0.53902 -0.08549 0.02216  -0.07911 32 PHE AA CD2 
262 C CE1 . PHE A 32 ? 0.58514 0.58634 0.49777 -0.08796 0.05966  -0.09130 32 PHE AA CE1 
263 C CE2 . PHE A 32 ? 0.51286 0.54795 0.46865 -0.09887 0.02977  -0.10933 32 PHE AA CE2 
264 C CZ  . PHE A 32 ? 0.62963 0.64577 0.54065 -0.10027 0.04865  -0.11553 32 PHE AA CZ  
265 N N   . THR A 33 ? 0.77074 0.74196 0.79055 -0.03517 0.07869  0.03830  33 THR AA N   
266 C CA  . THR A 33 ? 0.68568 0.63227 0.66492 -0.03033 0.10157  0.04591  33 THR AA CA  
267 C C   . THR A 33 ? 0.75084 0.70919 0.72763 -0.03277 0.08702  0.02329  33 THR AA C   
268 O O   . THR A 33 ? 0.71820 0.70101 0.73742 -0.03244 0.06054  0.01475  33 THR AA O   
269 C CB  . THR A 33 ? 0.79003 0.71883 0.78730 -0.01376 0.11654  0.08694  33 THR AA CB  
270 O OG1 . THR A 33 ? 0.90349 0.84422 0.93947 -0.00486 0.10007  0.09413  33 THR AA OG1 
271 C CG2 . THR A 33 ? 0.85544 0.78561 0.88456 -0.00925 0.11713  0.11016  33 THR AA CG2 
272 N N   . TYR A 34 ? 0.86237 0.80306 0.78912 -0.03502 0.10462  0.01356  34 TYR AA N   
273 C CA  . TYR A 34 ? 0.88777 0.83647 0.80549 -0.03648 0.09408  -0.00708 34 TYR AA CA  
274 C C   . TYR A 34 ? 0.92207 0.84366 0.80114 -0.02814 0.11900  0.00724  34 TYR AA C   
275 O O   . TYR A 34 ? 0.91090 0.80783 0.76625 -0.02344 0.14465  0.02905  34 TYR AA O   
276 C CB  . TYR A 34 ? 0.81017 0.77256 0.70134 -0.05338 0.08395  -0.04940 34 TYR AA CB  
277 C CG  . TYR A 34 ? 0.79746 0.73923 0.63148 -0.06241 0.10904  -0.05986 34 TYR AA CG  
278 C CD1 . TYR A 34 ? 0.77173 0.71096 0.60035 -0.06904 0.11579  -0.05918 34 TYR AA CD1 
279 C CD2 . TYR A 34 ? 0.84862 0.77321 0.63415 -0.06394 0.12630  -0.07017 34 TYR AA CD2 
280 C CE1 . TYR A 34 ? 0.87923 0.79893 0.65617 -0.07709 0.13951  -0.06823 34 TYR AA CE1 
281 C CE2 . TYR A 34 ? 0.88291 0.78831 0.61732 -0.07233 0.14980  -0.07990 34 TYR AA CE2 
282 C CZ  . TYR A 34 ? 0.97606 0.87881 0.70652 -0.07895 0.15665  -0.07867 34 TYR AA CZ  
283 O OH  . TYR A 34 ? 1.01118 0.90604 0.72913 -0.07826 0.15967  -0.07779 34 TYR AA OH  
284 N N   . ASP A 35 ? 0.97093 0.89745 0.84264 -0.02645 0.11112  -0.00625 35 ASP AA N   
285 C CA  . ASP A 35 ? 1.09106 0.99493 0.92823 -0.01778 0.13104  0.00468  35 ASP AA CA  
286 C C   . ASP A 35 ? 1.22297 1.12313 1.00679 -0.03007 0.13754  -0.02975 35 ASP AA C   
287 O O   . ASP A 35 ? 1.23638 1.15299 1.02041 -0.03454 0.12016  -0.05552 35 ASP AA O   
288 C CB  . ASP A 35 ? 1.16025 1.07268 1.03166 -0.00494 0.11682  0.01724  35 ASP AA CB  
289 C CG  . ASP A 35 ? 1.30341 1.19123 1.14652 0.00748  0.13793  0.03668  35 ASP AA CG  
290 O OD1 . ASP A 35 ? 1.30694 1.19254 1.11603 0.00499  0.13929  0.01629  35 ASP AA OD1 
291 O OD2 . ASP A 35 ? 1.34527 1.21648 1.20100 0.01998  0.15268  0.07211  35 ASP AA OD2 
292 N N   . ASP A 36 ? 1.24384 1.12267 0.98264 -0.03578 0.16261  -0.03074 36 ASP AA N   
293 C CA  . ASP A 36 ? 1.41238 1.28471 1.09880 -0.04639 0.17187  -0.06141 36 ASP AA CA  
294 C C   . ASP A 36 ? 1.55194 1.40969 1.22400 -0.03351 0.18151  -0.04596 36 ASP AA C   
295 O O   . ASP A 36 ? 1.42837 1.27205 1.09908 -0.02568 0.19272  -0.02335 36 ASP AA O   
296 C CB  . ASP A 36 ? 1.35596 1.23123 1.04435 -0.05173 0.16952  -0.06375 36 ASP AA CB  
297 C CG  . ASP A 36 ? 1.53251 1.38786 1.22162 -0.04355 0.18740  -0.03234 36 ASP AA CG  
298 O OD1 . ASP A 36 ? 1.55066 1.39079 1.24347 -0.03219 0.20050  -0.00522 36 ASP AA OD1 
299 O OD2 . ASP A 36 ? 1.43524 1.29159 1.12672 -0.04691 0.18577  -0.03341 36 ASP AA OD2 
300 N N   . ASN A 37 ? 1.49894 1.27386 1.52134 -0.01208 -0.06315 0.09764  37 ASN AA N   
301 C CA  . ASN A 37 ? 1.51087 1.28531 1.52327 -0.01351 -0.06833 0.10336  37 ASN AA CA  
302 C C   . ASN A 37 ? 1.53812 1.32124 1.53575 -0.01534 -0.06535 0.08995  37 ASN AA C   
303 O O   . ASN A 37 ? 1.54185 1.32791 1.54106 -0.01773 -0.05313 0.08180  37 ASN AA O   
304 C CB  . ASN A 37 ? 1.47808 1.25016 1.48902 -0.00966 -0.08383 0.10946  37 ASN AA CB  
305 C CG  . ASN A 37 ? 1.65261 1.41964 1.66574 -0.01045 -0.08689 0.12443  37 ASN AA CG  
306 O OD1 . ASN A 37 ? 1.63098 1.39059 1.65580 -0.01214 -0.08032 0.13543  37 ASN AA OD1 
307 N ND2 . ASN A 37 ? 1.64930 1.42166 1.65197 -0.00914 -0.09701 0.12457  37 ASN AA ND2 
308 N N   . GLY A 38 ? 1.55950 1.34787 1.54381 -0.01420 -0.07606 0.08572  38 GLY AA N   
309 C CA  . GLY A 38 ? 1.50859 1.30514 1.47886 -0.01647 -0.07314 0.07311  38 GLY AA CA  
310 C C   . GLY A 38 ? 1.57213 1.37339 1.53981 -0.01562 -0.06956 0.05646  38 GLY AA C   
311 O O   . GLY A 38 ? 1.53499 1.34067 1.49627 -0.01831 -0.06048 0.04611  38 GLY AA O   
312 N N   . LYS A 39 ? 1.58455 1.38550 1.55758 -0.01160 -0.07634 0.05383  39 LYS AA N   
313 C CA  . LYS A 39 ? 1.49687 1.30429 1.46609 -0.01011 -0.07428 0.03816  39 LYS AA CA  
314 C C   . LYS A 39 ? 1.41587 1.22325 1.39553 -0.01044 -0.06055 0.03599  39 LYS AA C   
315 O O   . LYS A 39 ? 1.43214 1.23390 1.42410 -0.01160 -0.05415 0.04697  39 LYS AA O   
316 C CB  . LYS A 39 ? 1.46603 1.27536 1.43689 -0.00526 -0.08744 0.03581  39 LYS AA CB  
317 N N   . THR A 40 ? 1.34863 1.16366 1.32416 -0.00941 -0.05592 0.02082  40 THR AA N   
318 C CA  . THR A 40 ? 1.29076 1.10975 1.27685 -0.00859 -0.04407 0.01607  40 THR AA CA  
319 C C   . THR A 40 ? 1.36899 1.19215 1.35994 -0.00309 -0.05043 0.01490  40 THR AA C   
320 O O   . THR A 40 ? 1.45124 1.27730 1.43436 -0.00022 -0.06088 0.00986  40 THR AA O   
321 C CB  . THR A 40 ? 1.22105 1.04768 1.20079 -0.01063 -0.03291 -0.00070 40 THR AA CB  
322 N N   . GLY A 41 ? 1.10257 0.92680 1.10792 -0.00164 -0.04406 0.02004  41 GLY AA N   
323 C CA  . GLY A 41 ? 0.95574 0.78562 0.96702 0.00381  -0.04833 0.02018  41 GLY AA CA  
324 C C   . GLY A 41 ? 0.88120 0.72302 0.89999 0.00505  -0.03574 0.01050  41 GLY AA C   
325 O O   . GLY A 41 ? 0.90573 0.74935 0.93034 0.00143  -0.02348 0.00657  41 GLY AA O   
326 N N   . ARG A 42 ? 0.92872 0.78019 0.94884 0.01056  -0.03874 0.00661  42 ARG AA N   
327 C CA  . ARG A 42 ? 0.74476 0.61165 0.77097 0.01296  -0.02784 -0.00419 42 ARG AA CA  
328 C C   . ARG A 42 ? 0.70603 0.57868 0.74507 0.01759  -0.02947 0.00489  42 ARG AA C   
329 O O   . ARG A 42 ? 0.80369 0.67066 0.84328 0.02073  -0.04070 0.01579  42 ARG AA O   
330 C CB  . ARG A 42 ? 0.69716 0.57512 0.71069 0.01585  -0.02812 -0.02085 42 ARG AA CB  
331 C CG  . ARG A 42 ? 0.74746 0.62384 0.75044 0.01114  -0.02198 -0.03371 42 ARG AA CG  
332 C CD  . ARG A 42 ? 0.85794 0.74145 0.84630 0.01372  -0.02648 -0.04820 42 ARG AA CD  
333 N NE  . ARG A 42 ? 1.01350 0.90574 0.99727 0.01212  -0.01474 -0.06643 42 ARG AA NE  
334 C CZ  . ARG A 42 ? 0.91464 0.82119 0.90690 0.01450  -0.00311 -0.07637 42 ARG AA CZ  
335 N NH1 . ARG A 42 ? 1.01302 0.92780 1.01858 0.01829  -0.00116 -0.06953 42 ARG AA NH1 
336 N NH2 . ARG A 42 ? 0.75773 0.67171 0.74575 0.01316  0.00697  -0.09426 42 ARG AA NH2 
337 N N   . GLY A 43 ? 0.72377 0.60887 0.77450 0.01806  -0.01788 -0.00015 43 GLY AA N   
338 C CA  . GLY A 43 ? 0.68924 0.58299 0.75242 0.02241  -0.01824 0.00734  43 GLY AA CA  
339 C C   . GLY A 43 ? 0.63643 0.55118 0.70912 0.02406  -0.00512 -0.00513 43 GLY AA C   
340 O O   . GLY A 43 ? 0.57877 0.50026 0.64976 0.02173  0.00460  -0.01979 43 GLY AA O   
341 N N   . ALA A 44 ? 0.54261 0.46918 0.62636 0.02836  -0.00471 0.00030  44 ALA AA N   
342 C CA  . ALA A 44 ? 0.54017 0.49037 0.63484 0.03049  0.00742  -0.01175 44 ALA AA CA  
343 C C   . ALA A 44 ? 0.62577 0.58383 0.73636 0.03269  0.00765  -0.00091 44 ALA AA C   
344 O O   . ALA A 44 ? 0.63210 0.58329 0.74157 0.03584  -0.00252 0.01351  44 ALA AA O   
345 C CB  . ALA A 44 ? 0.45839 0.42784 0.54270 0.03681  0.00845  -0.02595 44 ALA AA CB  
346 N N   . VAL A 45 ? 0.57199 0.54531 0.69896 0.03093  0.01966  -0.00869 45 VAL AA N   
347 C CA  . VAL A 45 ? 0.65880 0.64581 0.80217 0.03316  0.02179  -0.00230 45 VAL AA CA  
348 C C   . VAL A 45 ? 0.54589 0.56477 0.69840 0.03658  0.03374  -0.02016 45 VAL AA C   
349 O O   . VAL A 45 ? 0.53750 0.56375 0.68927 0.03495  0.04254  -0.03691 45 VAL AA O   
350 C CB  . VAL A 45 ? 0.56484 0.53795 0.72475 0.02631  0.02400  0.00799  45 VAL AA CB  
351 C CG1 . VAL A 45 ? 0.56509 0.50745 0.71570 0.02231  0.01394  0.02244  45 VAL AA CG1 
352 C CG2 . VAL A 45 ? 0.65603 0.63795 0.83114 0.02099  0.03827  -0.00602 45 VAL AA CG2 
353 N N   . SER A 46 ? 0.50081 0.53998 0.66315 0.04146  0.03442  -0.01694 46 SER AA N   
354 C CA  . SER A 46 ? 0.48250 0.55516 0.65671 0.04462  0.04629  -0.03422 46 SER AA CA  
355 C C   . SER A 46 ? 0.45987 0.53539 0.65654 0.03749  0.05765  -0.04160 46 SER AA C   
356 O O   . SER A 46 ? 0.54971 0.60608 0.75588 0.03152  0.05542  -0.02906 46 SER AA O   
357 C CB  . SER A 46 ? 0.57760 0.67398 0.75642 0.05215  0.04390  -0.02820 46 SER AA CB  
358 O OG  . SER A 46 ? 0.61494 0.71366 0.81312 0.04894  0.04595  -0.01980 46 SER AA OG  
359 N N   . GLU A 47 ? 0.56114 0.66113 0.76763 0.03824  0.07011  -0.06275 47 GLU AA N   
360 C CA  . GLU A 47 ? 0.50643 0.61185 0.73809 0.03169  0.08217  -0.07203 47 GLU AA CA  
361 C C   . GLU A 47 ? 0.54713 0.66184 0.79975 0.03026  0.08272  -0.06319 47 GLU AA C   
362 O O   . GLU A 47 ? 0.53690 0.64209 0.80890 0.02293  0.08758  -0.06085 47 GLU AA O   
363 C CB  . GLU A 47 ? 0.58837 0.72321 0.82906 0.03419  0.09554  -0.09802 47 GLU AA CB  
364 C CG  . GLU A 47 ? 0.59782 0.75121 0.87126 0.02976  0.10919  -0.11058 47 GLU AA CG  
365 C CD  . GLU A 47 ? 0.86520 1.05856 1.15315 0.03585  0.11396  -0.12028 47 GLU AA CD  
366 O OE1 . GLU A 47 ? 0.88619 1.09895 1.15878 0.04440  0.11089  -0.12493 47 GLU AA OE1 
367 O OE2 . GLU A 47 ? 0.94601 1.15265 1.26133 0.03219  0.12072  -0.12319 47 GLU AA OE2 
368 N N   . LYS A 48 ? 0.56809 0.70105 0.81754 0.03713  0.07765  -0.05747 48 LYS AA N   
369 C CA  . LYS A 48 ? 0.55675 0.70103 0.82561 0.03614  0.07808  -0.04971 48 LYS AA CA  
370 C C   . LYS A 48 ? 0.54131 0.65144 0.81031 0.03020  0.06908  -0.02796 48 LYS AA C   
371 O O   . LYS A 48 ? 0.63361 0.74276 0.92391 0.02458  0.07264  -0.02486 48 LYS AA O   
372 C CB  . LYS A 48 ? 0.60157 0.77278 0.86471 0.04552  0.07421  -0.04680 48 LYS AA CB  
373 C CG  . LYS A 48 ? 0.66252 0.87588 0.93271 0.05159  0.08455  -0.06875 48 LYS AA CG  
374 C CD  . LYS A 48 ? 0.92886 1.16773 1.19059 0.06165  0.07959  -0.06268 48 LYS AA CD  
375 C CE  . LYS A 48 ? 0.95995 1.17133 1.19992 0.06446  0.06523  -0.03996 48 LYS AA CE  
376 N NZ  . LYS A 48 ? 1.11085 1.34570 1.33791 0.07540  0.06136  -0.03742 48 LYS AA NZ  
377 N N   . ASP A 49 ? 0.53272 0.61586 0.77939 0.03149  0.05734  -0.01345 49 ASP AA N   
378 C CA  . ASP A 49 ? 0.58671 0.63811 0.83191 0.02693  0.04790  0.00681  49 ASP AA CA  
379 C C   . ASP A 49 ? 0.56688 0.59180 0.81378 0.01870  0.04984  0.00766  49 ASP AA C   
380 O O   . ASP A 49 ? 0.56189 0.56021 0.80716 0.01482  0.04223  0.02375  49 ASP AA O   
381 C CB  . ASP A 49 ? 0.53128 0.56755 0.75443 0.03245  0.03434  0.02146  49 ASP AA CB  
382 C CG  . ASP A 49 ? 0.57736 0.64030 0.79600 0.04168  0.03281  0.02037  49 ASP AA CG  
383 O OD1 . ASP A 49 ? 0.66900 0.75768 0.90330 0.04348  0.03868  0.01669  49 ASP AA OD1 
384 O OD2 . ASP A 49 ? 0.66546 0.72466 0.86570 0.04721  0.02572  0.02336  49 ASP AA OD2 
385 N N   . ALA A 50 ? 0.63924 0.67135 0.88972 0.01631  0.05985  -0.00881 50 ALA AA N   
386 C CA  . ALA A 50 ? 0.50975 0.51717 0.75946 0.00934  0.06160  -0.00698 50 ALA AA CA  
387 C C   . ALA A 50 ? 0.66089 0.66253 0.93658 0.00181  0.06763  -0.00281 50 ALA AA C   
388 O O   . ALA A 50 ? 0.61005 0.63482 0.90884 0.00103  0.07671  -0.01266 50 ALA AA O   
389 C CB  . ALA A 50 ? 0.61078 0.62786 0.85686 0.00943  0.07101  -0.02607 50 ALA AA CB  
390 N N   . PRO A 51 ? 0.66270 0.63509 0.93602 -0.00362 0.06260  0.01146  51 PRO AA N   
391 C CA  . PRO A 51 ? 0.60571 0.57137 0.90437 -0.01115 0.06901  0.01519  51 PRO AA CA  
392 C C   . PRO A 51 ? 0.65545 0.63185 0.97154 -0.01515 0.08382  -0.00134 51 PRO AA C   
393 O O   . PRO A 51 ? 0.69406 0.67421 0.99826 -0.01320 0.08765  -0.01259 51 PRO AA O   
394 C CB  . PRO A 51 ? 0.73190 0.66389 1.01843 -0.01454 0.05897  0.03454  51 PRO AA CB  
395 C CG  . PRO A 51 ? 0.59970 0.52254 0.85648 -0.01010 0.05102  0.03524  51 PRO AA CG  
396 C CD  . PRO A 51 ? 0.55331 0.49911 0.80169 -0.00270 0.05014  0.02529  51 PRO AA CD  
397 N N   . LYS A 52 ? 0.68747 0.66887 1.03395 -0.02093 0.09239  -0.00306 52 LYS AA N   
398 C CA  . LYS A 52 ? 0.70189 0.69715 1.07199 -0.02461 0.10791  -0.02004 52 LYS AA CA  
399 C C   . LYS A 52 ? 0.72632 0.70176 1.08591 -0.02744 0.11041  -0.01845 52 LYS AA C   
400 O O   . LYS A 52 ? 0.69391 0.68148 1.05834 -0.02705 0.12090  -0.03512 52 LYS AA O   
401 C CB  . LYS A 52 ? 0.69560 0.69582 1.10213 -0.03113 0.11545  -0.01942 52 LYS AA CB  
402 C CG  . LYS A 52 ? 0.66033 0.67596 1.09677 -0.03508 0.13229  -0.03738 52 LYS AA CG  
403 C CD  . LYS A 52 ? 0.76559 0.78567 1.24078 -0.04195 0.13944  -0.03647 52 LYS AA CD  
404 C CE  . LYS A 52 ? 0.86563 0.90778 1.37446 -0.04460 0.15683  -0.05797 52 LYS AA CE  
405 N NZ  . LYS A 52 ? 0.81384 0.83711 1.32266 -0.04788 0.16320  -0.05616 52 LYS AA NZ  
406 N N   . GLU A 53 ? 0.78797 0.73406 1.13366 -0.03012 0.10114  0.00109  53 GLU AA N   
407 C CA  . GLU A 53 ? 0.65903 0.58757 0.99547 -0.03296 0.10353  0.00400  53 GLU AA CA  
408 C C   . GLU A 53 ? 0.71570 0.64817 1.02478 -0.02780 0.10134  -0.00621 53 GLU AA C   
409 O O   . GLU A 53 ? 0.76603 0.69972 1.07612 -0.02926 0.11020  -0.01632 53 GLU AA O   
410 C CB  . GLU A 53 ? 0.65900 0.55838 0.98476 -0.03593 0.09287  0.02710  53 GLU AA CB  
411 C CG  . GLU A 53 ? 0.76802 0.65025 1.07663 -0.03731 0.09200  0.03217  53 GLU AA CG  
412 C CD  . GLU A 53 ? 0.91699 0.79804 1.24925 -0.04313 0.10614  0.02913  53 GLU AA CD  
413 O OE1 . GLU A 53 ? 1.14767 1.04576 1.51014 -0.04542 0.11868  0.01696  53 GLU AA OE1 
414 O OE2 . GLU A 53 ? 1.05864 0.92278 1.38040 -0.04527 0.10489  0.03895  53 GLU AA OE2 
415 N N   . LEU A 54 ? 0.73076 0.66560 1.01663 -0.02175 0.08992  -0.00393 54 LEU AA N   
416 C CA  . LEU A 54 ? 0.65841 0.59821 0.91939 -0.01669 0.08726  -0.01414 54 LEU AA CA  
417 C C   . LEU A 54 ? 0.62494 0.59157 0.89815 -0.01470 0.10074  -0.03797 54 LEU AA C   
418 O O   . LEU A 54 ? 0.63682 0.60424 0.90033 -0.01421 0.10556  -0.04930 54 LEU AA O   
419 C CB  . LEU A 54 ? 0.62675 0.56675 0.86621 -0.01036 0.07332  -0.00708 54 LEU AA CB  
420 C CG  . LEU A 54 ? 0.70270 0.64448 0.91506 -0.00523 0.06802  -0.01472 54 LEU AA CG  
421 C CD1 . LEU A 54 ? 0.67846 0.59625 0.87330 -0.00831 0.06244  -0.00660 54 LEU AA CD1 
422 C CD2 . LEU A 54 ? 0.46680 0.41398 0.66495 0.00153  0.05645  -0.00913 54 LEU AA CD2 
423 N N   . LEU A 55 ? 0.57712 0.56716 0.87212 -0.01337 0.10696  -0.04662 55 LEU AA N   
424 C CA  . LEU A 55 ? 0.58859 0.60773 0.89783 -0.01091 0.12001  -0.07072 55 LEU AA CA  
425 C C   . LEU A 55 ? 0.67131 0.68902 1.00258 -0.01670 0.13441  -0.08055 55 LEU AA C   
426 O O   . LEU A 55 ? 0.68004 0.71122 1.01256 -0.01488 0.14374  -0.09951 55 LEU AA O   
427 C CB  . LEU A 55 ? 0.57848 0.62465 0.90846 -0.00850 0.12319  -0.07691 55 LEU AA CB  
428 C CG  . LEU A 55 ? 0.59511 0.64723 0.90420 -0.00158 0.11062  -0.06904 55 LEU AA CG  
429 C CD1 . LEU A 55 ? 0.67147 0.74583 1.00174 -0.00046 0.11233  -0.06955 55 LEU AA CD1 
430 C CD2 . LEU A 55 ? 0.66450 0.73226 0.95316 0.00571  0.11038  -0.08321 55 LEU AA CD2 
431 N N   . ASP A 56 ? 0.65487 0.65643 1.00474 -0.02352 0.13665  -0.06776 56 ASP AA N   
432 C CA  . ASP A 56 ? 0.71676 0.71444 1.08875 -0.02914 0.15016  -0.07388 56 ASP AA CA  
433 C C   . ASP A 56 ? 0.80680 0.78692 1.15443 -0.02924 0.14875  -0.07243 56 ASP AA C   
434 O O   . ASP A 56 ? 0.80967 0.79621 1.16784 -0.03044 0.16107  -0.08695 56 ASP AA O   
435 C CB  . ASP A 56 ? 0.64939 0.63195 1.04483 -0.03610 0.15132  -0.05747 56 ASP AA CB  
436 C CG  . ASP A 56 ? 0.83814 0.84228 1.26793 -0.03764 0.15794  -0.06477 56 ASP AA CG  
437 O OD1 . ASP A 56 ? 0.84771 0.88051 1.28391 -0.03314 0.16246  -0.08329 56 ASP AA OD1 
438 O OD2 . ASP A 56 ? 0.84600 0.83959 1.29671 -0.04329 0.15849  -0.05229 56 ASP AA OD2 
439 N N   . MET A 57 ? 0.65756 0.61625 0.97376 -0.02800 0.13397  -0.05562 57 MET AA N   
440 C CA  . MET A 57 ? 0.75235 0.69724 1.04285 -0.02755 0.13111  -0.05550 57 MET AA CA  
441 C C   . MET A 57 ? 0.78081 0.74428 1.05953 -0.02225 0.13502  -0.07753 57 MET AA C   
442 O O   . MET A 57 ? 0.85066 0.81252 1.12508 -0.02318 0.14214  -0.08773 57 MET AA O   
443 C CB  . MET A 57 ? 0.66157 0.58484 0.92199 -0.02634 0.11356  -0.03583 57 MET AA CB  
444 C CG  . MET A 57 ? 0.73782 0.64151 1.00623 -0.03099 0.10854  -0.01381 57 MET AA CG  
445 S SD  . MET A 57 ? 0.91645 0.79812 1.14951 -0.02856 0.08828  0.00536  57 MET AA SD  
446 C CE  . MET A 57 ? 0.68581 0.56134 0.89586 -0.02858 0.08941  -0.00190 57 MET AA CE  
447 N N   . LEU A 58 ? 0.75044 0.73193 1.02354 -0.01642 0.13034  -0.08462 58 LEU AA N   
448 C CA  . LEU A 58 ? 0.74932 0.75115 1.01244 -0.01069 0.13407  -0.10588 58 LEU AA CA  
449 C C   . LEU A 58 ? 0.73563 0.75620 1.02608 -0.01218 0.15240  -0.12762 58 LEU AA C   
450 O O   . LEU A 58 ? 0.82773 0.85206 1.11024 -0.01086 0.15838  -0.14284 58 LEU AA O   
451 C CB  . LEU A 58 ? 0.65111 0.67205 0.90848 -0.00401 0.12711  -0.10801 58 LEU AA CB  
452 C CG  . LEU A 58 ? 0.63976 0.68410 0.88570 0.00309  0.12966  -0.12868 58 LEU AA CG  
453 C CD1 . LEU A 58 ? 0.64324 0.67506 0.86565 0.00320  0.12823  -0.13494 58 LEU AA CD1 
454 C CD2 . LEU A 58 ? 0.68676 0.74159 0.91804 0.00991  0.11817  -0.12259 58 LEU AA CD2 
455 N N   . ALA A 59 ? 0.69292 0.72591 1.01736 -0.01500 0.16160  -0.13013 59 ALA AA N   
456 C CA  . ALA A 59 ? 0.72434 0.77703 1.08012 -0.01644 0.17967  -0.15174 59 ALA AA CA  
457 C C   . ALA A 59 ? 0.69833 0.73248 1.05906 -0.02185 0.18793  -0.15067 59 ALA AA C   
458 O O   . ALA A 59 ? 0.72912 0.77126 1.09083 -0.02266 0.19477  -0.16677 59 ALA AA O   
459 C CB  . ALA A 59 ? 0.67426 0.74172 1.06531 -0.01948 0.18557  -0.15228 59 ALA AA CB  
460 N N   . ARG A 60 ? 0.71980 0.72629 1.07491 -0.02701 0.18166  -0.12753 60 ARG AA N   
461 C CA  . ARG A 60 ? 0.79137 0.77981 1.14829 -0.03177 0.18835  -0.12321 60 ARG AA CA  
462 C C   . ARG A 60 ? 0.85570 0.84019 1.18188 -0.02861 0.18577  -0.13259 60 ARG AA C   
463 O O   . ARG A 60 ? 0.95178 0.93801 1.28662 -0.03008 0.19782  -0.14519 60 ARG AA O   
464 C CB  . ARG A 60 ? 0.81107 0.77207 1.16154 -0.03655 0.17932  -0.09512 60 ARG AA CB  
465 C CG  . ARG A 60 ? 0.87438 0.83452 1.26118 -0.04181 0.18604  -0.08573 60 ARG AA CG  
466 C CD  . ARG A 60 ? 0.95561 0.88887 1.33118 -0.04547 0.17526  -0.05774 60 ARG AA CD  
467 N NE  . ARG A 60 ? 0.86282 0.79649 1.25828 -0.04771 0.17213  -0.04683 60 ARG AA NE  
468 C CZ  . ARG A 60 ? 0.96794 0.88551 1.34668 -0.04778 0.15756  -0.02659 60 ARG AA CZ  
469 N NH1 . ARG A 60 ? 0.90504 0.80583 1.24800 -0.04560 0.14446  -0.01497 60 ARG AA NH1 
470 N NH2 . ARG A 60 ? 1.05476 0.97387 1.45450 -0.05012 0.15617  -0.01873 60 ARG AA NH2 
471 N N   . ALA A 61 ? 0.88181 0.86082 1.17312 -0.02438 0.17017  -0.12666 61 ALA AA N   
472 C CA  . ALA A 61 ? 0.79360 0.76858 1.05496 -0.02158 0.16610  -0.13518 61 ALA AA CA  
473 C C   . ALA A 61 ? 0.88739 0.88683 1.15518 -0.01724 0.17690  -0.16346 61 ALA AA C   
474 O O   . ALA A 61 ? 0.91436 0.91105 1.16564 -0.01631 0.17868  -0.17431 61 ALA AA O   
475 C CB  . ALA A 61 ? 0.69821 0.66431 0.92542 -0.01779 0.14708  -0.12334 61 ALA AA CB  
476 N N   . GLU A 62 ? 0.79383 0.81823 1.08458 -0.01434 0.18364  -0.17613 62 GLU AA N   
477 C CA  . GLU A 62 ? 0.95982 1.00536 1.24449 -0.01490 0.18058  -0.19013 62 GLU AA CA  
478 C C   . GLU A 62 ? 0.92275 0.96880 1.22899 -0.02266 0.18804  -0.19303 62 GLU AA C   
479 O O   . GLU A 62 ? 0.90712 0.96747 1.20934 -0.02387 0.18417  -0.20236 62 GLU AA O   
480 C CB  . GLU A 62 ? 0.71547 0.78396 0.99996 -0.01078 0.17307  -0.19289 62 GLU AA CB  
481 C CG  . GLU A 62 ? 0.78974 0.85987 1.05433 -0.00267 0.16561  -0.19030 62 GLU AA CG  
482 C CD  . GLU A 62 ? 0.92130 1.01392 1.19028 0.00152  0.16021  -0.19022 62 GLU AA CD  
483 O OE1 . GLU A 62 ? 1.03695 1.14367 1.28477 0.00748  0.15192  -0.19489 62 GLU AA OE1 
484 O OE2 . GLU A 62 ? 0.79743 0.89340 1.09108 -0.00111 0.16411  -0.18450 62 GLU AA OE2 
485 N N   . ARG A 63 ? 0.94811 0.97745 1.27725 -0.02737 0.19868  -0.18431 63 ARG AA N   
486 C CA  . ARG A 63 ? 0.99310 1.01846 1.34407 -0.03483 0.20710  -0.18576 63 ARG AA CA  
487 C C   . ARG A 63 ? 1.11659 1.15937 1.48252 -0.03778 0.20411  -0.19353 63 ARG AA C   
488 O O   . ARG A 63 ? 1.10420 1.14573 1.49428 -0.04056 0.20746  -0.18848 63 ARG AA O   
489 C CB  . ARG A 63 ? 0.87685 0.89714 1.21189 -0.03644 0.20827  -0.19212 63 ARG AA CB  
490 C CG  . ARG A 63 ? 0.85558 0.85837 1.16783 -0.03296 0.20888  -0.18743 63 ARG AA CG  
491 C CD  . ARG A 63 ? 1.02606 1.03511 1.30657 -0.02596 0.19649  -0.19166 63 ARG AA CD  
492 N NE  . ARG A 63 ? 1.17160 1.20130 1.43814 -0.02456 0.18714  -0.20231 63 ARG AA NE  
493 C CZ  . ARG A 63 ? 1.08938 1.11926 1.33882 -0.02508 0.18405  -0.20792 63 ARG AA CZ  
494 N NH1 . ARG A 63 ? 0.97939 0.99132 1.22088 -0.02713 0.18881  -0.20528 63 ARG AA NH1 
495 N NH2 . ARG A 63 ? 1.18237 1.23020 1.42252 -0.02309 0.17603  -0.21540 63 ARG AA NH2 
# 
